data_6PW6
#
_entry.id   6PW6
#
_cell.length_a   1.00
_cell.length_b   1.00
_cell.length_c   1.00
_cell.angle_alpha   90.00
_cell.angle_beta   90.00
_cell.angle_gamma   90.00
#
_symmetry.space_group_name_H-M   'P 1'
#
loop_
_entity.id
_entity.type
_entity.pdbx_description
1 polymer 'Envelope glycoprotein gp120'
2 polymer 'Envelope glycoprotein gp41'
3 polymer 'Broadly Neutralizing Antibody NC-Cow1 Heavy Chain'
4 branched 2-acetamido-2-deoxy-beta-D-glucopyranose-(1-4)-2-acetamido-2-deoxy-beta-D-glucopyranose
5 branched alpha-D-mannopyranose-(1-6)-beta-D-mannopyranose-(1-4)-2-acetamido-2-deoxy-beta-D-glucopyranose-(1-4)-2-acetamido-2-deoxy-beta-D-glucopyranose
6 non-polymer 2-acetamido-2-deoxy-beta-D-glucopyranose
#
loop_
_entity_poly.entity_id
_entity_poly.type
_entity_poly.pdbx_seq_one_letter_code
_entity_poly.pdbx_strand_id
1 'polypeptide(L)'
;MDAMKRGLCCVLLLCGAVFVSPSQEIHARFRRGARAENLWVTVYYGVPVWKDAETTLFCASDAKAYETEKHNVWATHACV
PTDPNPQEIHLENVTEEFNMWKNNMVEQMHTDIISLWDQSLKPCVKLTPLCVTLQCTNVTNNITDDMRGELKNCSFNMTT
ELRDKKQKVYSLFYRLDVVQINENQGNRSNNSNKEYRLINCNTSAITQACPKVSFEPIPIHYCAPAGFAILKCKDKKFNG
TGPCPSVSTVQCTHGIKPVVSTQLLLNGSLAEEEVMIRSENITNNAKNILVQFNTPVQINCTRPNNNTRKSIRIGPGQAF
YATGDIIGDIRQAHCNVSKATWNETLGKVVKQLRKHFGNNTIIRFANSSGGDLEVTTHSFNCGGEFFYCNTSGLFNSTWI
SNTSVQGSNSTGSNDSITLPCRIKQIINMWQRIGQAMYAPPIQGVIRCVSNITGLILTRDGGSTNSTTETFRPGGGDMRD
NWRSELYKYKVVKIEPLGVAPTRCKRRVVGRRRRRR
;
A,C,E
2 'polypeptide(L)'
;AVGIGAVFLGFLGAAGSTMGAASMTLTVQARNLLSGIVQQQSNLLRAPEAQQHLLKLTVWGIKQLQARVLAVERYLRDQQ
LLGIWGCSGKLICCTNVPWNSSWSNRNLSEIWDNMTWLQWDKEISNYTQIIYGLLEESQNQQEKNEQDLLALD
;
B,D,F
3 'polypeptide(L)'
;QVQLRESGPSLMKPSQTLSLTCTVSGSKSVGWVRQAPGKALQWLGSVDTSGNTDYNPGLKSRLSITKDNSKSRISLTVTG
MTTEDSATYYCITAHQKTNKKECPEDYTYNPRCPQQYGWSDCDCMGDRFGGYCRQDGCSNYIHRSTYEWYVSAWGQGLLV
TVSSASTKGPSVFPLAPSSKSTSGGTAALGCLVKDYFPEPVTVSWNSGALTSGVHTFPAVLQSSGLYSLSSVVTVPSSSL
GTQTYICNVNHKPSNTKVDKRVEPKSCD
;
G,H,I
#
# COMPACT_ATOMS: atom_id res chain seq x y z
N TRP A 40 -19.70 46.13 -10.85
CA TRP A 40 -18.75 45.68 -9.82
C TRP A 40 -18.66 44.20 -9.70
N VAL A 41 -17.51 43.75 -9.26
CA VAL A 41 -17.29 42.34 -9.12
C VAL A 41 -17.65 41.83 -7.74
N THR A 42 -18.48 40.80 -7.71
CA THR A 42 -18.78 40.15 -6.47
C THR A 42 -18.43 38.67 -6.60
N VAL A 43 -17.77 38.18 -5.58
CA VAL A 43 -17.31 36.81 -5.51
C VAL A 43 -18.32 35.93 -4.78
N TYR A 44 -18.66 34.81 -5.36
CA TYR A 44 -19.62 33.92 -4.75
C TYR A 44 -19.06 32.54 -4.53
N TYR A 45 -19.38 31.94 -3.39
CA TYR A 45 -18.93 30.59 -3.13
C TYR A 45 -20.09 29.65 -2.84
N GLY A 46 -20.05 28.45 -3.39
CA GLY A 46 -21.07 27.45 -3.15
C GLY A 46 -22.03 27.40 -4.32
N VAL A 47 -21.57 27.87 -5.44
CA VAL A 47 -22.38 27.88 -6.61
C VAL A 47 -22.63 26.45 -7.10
N PRO A 48 -23.87 26.04 -7.35
CA PRO A 48 -24.24 24.71 -7.82
C PRO A 48 -23.96 24.56 -9.31
N VAL A 49 -22.69 24.58 -9.65
CA VAL A 49 -22.21 24.51 -11.03
C VAL A 49 -21.17 23.41 -11.19
N TRP A 50 -21.13 22.77 -12.35
CA TRP A 50 -20.18 21.70 -12.56
C TRP A 50 -19.65 21.54 -13.97
N LYS A 51 -18.55 20.83 -14.05
CA LYS A 51 -17.90 20.42 -15.29
C LYS A 51 -17.85 18.92 -15.43
N ASP A 52 -17.73 18.45 -16.66
CA ASP A 52 -17.55 17.03 -16.88
C ASP A 52 -16.27 16.63 -16.19
N ALA A 53 -16.23 15.47 -15.54
CA ALA A 53 -14.97 15.12 -14.91
C ALA A 53 -14.74 13.65 -14.77
N GLU A 54 -13.48 13.28 -14.66
CA GLU A 54 -13.13 11.90 -14.42
C GLU A 54 -12.40 11.76 -13.10
N THR A 55 -12.98 10.96 -12.23
CA THR A 55 -12.39 10.67 -10.94
C THR A 55 -12.59 9.24 -10.61
N THR A 56 -12.07 8.85 -9.47
CA THR A 56 -12.18 7.49 -8.99
C THR A 56 -13.36 7.37 -8.06
N LEU A 57 -14.23 6.41 -8.32
CA LEU A 57 -15.39 6.23 -7.48
C LEU A 57 -15.20 5.15 -6.43
N PHE A 58 -15.97 5.26 -5.37
CA PHE A 58 -15.96 4.29 -4.30
C PHE A 58 -16.90 3.18 -4.57
N CYS A 59 -16.56 1.97 -4.19
CA CYS A 59 -17.55 0.92 -4.32
C CYS A 59 -18.20 0.70 -2.97
N ALA A 60 -19.48 0.35 -2.99
CA ALA A 60 -20.18 0.09 -1.77
C ALA A 60 -21.21 -1.03 -1.89
N SER A 61 -21.44 -1.73 -0.79
CA SER A 61 -22.48 -2.74 -0.76
C SER A 61 -23.03 -2.96 0.65
N ASP A 62 -24.29 -3.40 0.72
CA ASP A 62 -24.93 -3.77 1.99
C ASP A 62 -24.91 -2.72 3.12
N ALA A 63 -25.41 -1.48 2.90
CA ALA A 63 -25.46 -0.46 3.97
C ALA A 63 -25.33 -1.10 5.35
N GLU A 69 -17.64 -10.68 6.03
CA GLU A 69 -17.26 -12.07 5.78
C GLU A 69 -16.02 -12.11 4.90
N LYS A 70 -15.53 -13.33 4.61
CA LYS A 70 -14.40 -13.53 3.70
C LYS A 70 -14.87 -14.24 2.46
N HIS A 71 -16.17 -14.40 2.39
CA HIS A 71 -16.86 -15.07 1.33
C HIS A 71 -17.04 -14.07 0.22
N ASN A 72 -17.28 -14.56 -0.99
CA ASN A 72 -17.58 -13.73 -2.16
C ASN A 72 -16.41 -12.94 -2.71
N VAL A 73 -16.02 -13.28 -3.92
CA VAL A 73 -14.85 -12.64 -4.49
C VAL A 73 -15.04 -11.16 -4.80
N TRP A 74 -16.27 -10.72 -5.06
CA TRP A 74 -16.46 -9.37 -5.50
C TRP A 74 -16.49 -8.29 -4.42
N ALA A 75 -15.36 -8.13 -3.77
CA ALA A 75 -15.11 -7.11 -2.75
C ALA A 75 -16.09 -7.02 -1.60
N THR A 76 -16.64 -8.10 -1.07
CA THR A 76 -17.61 -7.81 -0.02
C THR A 76 -16.95 -7.46 1.30
N HIS A 77 -15.69 -7.85 1.44
CA HIS A 77 -14.89 -7.51 2.59
C HIS A 77 -14.13 -6.20 2.38
N ALA A 78 -14.17 -5.70 1.15
CA ALA A 78 -13.36 -4.56 0.74
C ALA A 78 -14.16 -3.27 0.55
N CYS A 79 -15.37 -3.38 0.04
CA CYS A 79 -16.20 -2.21 -0.22
C CYS A 79 -16.79 -1.70 1.08
N VAL A 80 -17.25 -0.46 1.04
CA VAL A 80 -17.81 0.13 2.24
C VAL A 80 -19.31 -0.09 2.20
N PRO A 81 -20.07 0.15 3.27
CA PRO A 81 -21.51 0.06 3.29
C PRO A 81 -22.08 1.10 2.37
N THR A 82 -23.23 0.82 1.79
CA THR A 82 -23.91 1.80 0.97
C THR A 82 -24.59 2.74 1.90
N ASP A 83 -25.06 3.86 1.39
CA ASP A 83 -25.81 4.75 2.23
C ASP A 83 -27.09 3.99 2.51
N PRO A 84 -27.64 3.96 3.73
CA PRO A 84 -28.88 3.33 4.06
C PRO A 84 -30.11 3.92 3.37
N ASN A 85 -30.01 5.15 2.85
CA ASN A 85 -31.17 5.75 2.19
C ASN A 85 -30.81 6.41 0.86
N PRO A 86 -31.66 6.32 -0.18
CA PRO A 86 -31.49 7.03 -1.43
C PRO A 86 -31.43 8.51 -1.16
N GLN A 87 -30.54 9.19 -1.85
CA GLN A 87 -30.37 10.62 -1.68
C GLN A 87 -30.71 11.36 -2.95
N GLU A 88 -31.47 10.72 -3.80
CA GLU A 88 -31.77 11.31 -5.08
C GLU A 88 -32.54 12.62 -5.03
N ILE A 89 -32.02 13.60 -5.74
CA ILE A 89 -32.65 14.91 -5.85
C ILE A 89 -32.98 15.24 -7.29
N HIS A 90 -34.25 15.43 -7.60
CA HIS A 90 -34.56 15.80 -8.97
C HIS A 90 -34.27 17.26 -9.18
N LEU A 91 -33.69 17.61 -10.31
CA LEU A 91 -33.40 19.01 -10.57
C LEU A 91 -34.33 19.56 -11.63
N GLU A 92 -35.06 20.59 -11.27
CA GLU A 92 -36.03 21.17 -12.18
C GLU A 92 -35.35 22.21 -13.05
N ASN A 93 -35.92 22.46 -14.21
CA ASN A 93 -35.49 23.48 -15.18
C ASN A 93 -34.04 23.33 -15.60
N VAL A 94 -33.58 22.11 -15.71
CA VAL A 94 -32.24 21.88 -16.16
C VAL A 94 -32.22 20.77 -17.15
N THR A 95 -31.20 20.74 -17.98
CA THR A 95 -30.98 19.66 -18.92
C THR A 95 -29.53 19.28 -18.81
N GLU A 96 -29.18 18.12 -19.31
CA GLU A 96 -27.77 17.72 -19.31
C GLU A 96 -27.45 16.80 -20.48
N GLU A 97 -26.19 16.84 -20.93
CA GLU A 97 -25.72 16.00 -22.04
C GLU A 97 -24.89 14.81 -21.62
N PHE A 98 -25.35 13.66 -22.06
CA PHE A 98 -24.74 12.39 -21.74
C PHE A 98 -24.15 11.71 -22.96
N ASN A 99 -23.13 10.91 -22.74
CA ASN A 99 -22.57 10.12 -23.82
C ASN A 99 -22.00 8.87 -23.24
N MET A 100 -22.75 7.80 -23.33
CA MET A 100 -22.36 6.55 -22.70
C MET A 100 -21.14 5.92 -23.33
N TRP A 101 -20.81 6.35 -24.53
CA TRP A 101 -19.71 5.76 -25.24
C TRP A 101 -18.40 6.42 -24.89
N LYS A 102 -18.46 7.52 -24.14
CA LYS A 102 -17.26 8.26 -23.76
C LYS A 102 -17.09 8.22 -22.26
N ASN A 103 -17.90 7.42 -21.60
CA ASN A 103 -17.90 7.38 -20.16
C ASN A 103 -16.66 6.68 -19.64
N ASN A 104 -16.27 7.06 -18.43
CA ASN A 104 -15.13 6.47 -17.77
C ASN A 104 -15.52 5.56 -16.62
N MET A 105 -16.79 5.59 -16.23
CA MET A 105 -17.23 4.78 -15.11
C MET A 105 -17.00 3.31 -15.44
N VAL A 106 -17.15 2.99 -16.71
CA VAL A 106 -16.96 1.68 -17.24
C VAL A 106 -15.52 1.23 -17.16
N GLU A 107 -14.56 2.16 -17.23
CA GLU A 107 -13.19 1.75 -17.16
C GLU A 107 -12.89 1.35 -15.76
N GLN A 108 -13.51 2.06 -14.82
CA GLN A 108 -13.27 1.67 -13.45
C GLN A 108 -13.95 0.36 -13.20
N MET A 109 -15.14 0.19 -13.74
CA MET A 109 -15.82 -1.07 -13.52
C MET A 109 -14.95 -2.20 -14.03
N HIS A 110 -14.36 -2.00 -15.21
CA HIS A 110 -13.50 -3.00 -15.79
C HIS A 110 -12.31 -3.24 -14.91
N THR A 111 -11.66 -2.19 -14.50
CA THR A 111 -10.46 -2.32 -13.74
C THR A 111 -10.73 -3.03 -12.44
N ASP A 112 -11.81 -2.67 -11.78
CA ASP A 112 -12.13 -3.24 -10.49
C ASP A 112 -12.43 -4.71 -10.60
N ILE A 113 -13.17 -5.10 -11.61
CA ILE A 113 -13.50 -6.49 -11.76
C ILE A 113 -12.30 -7.32 -12.07
N ILE A 114 -11.44 -6.87 -12.94
CA ILE A 114 -10.29 -7.69 -13.24
C ILE A 114 -9.45 -7.81 -11.99
N SER A 115 -9.25 -6.71 -11.30
CA SER A 115 -8.44 -6.75 -10.10
C SER A 115 -9.01 -7.67 -9.05
N LEU A 116 -10.31 -7.60 -8.81
CA LEU A 116 -10.89 -8.44 -7.79
C LEU A 116 -10.78 -9.89 -8.17
N TRP A 117 -10.96 -10.16 -9.46
CA TRP A 117 -10.85 -11.52 -9.91
C TRP A 117 -9.45 -12.02 -9.61
N ASP A 118 -8.44 -11.23 -9.93
CA ASP A 118 -7.09 -11.70 -9.68
C ASP A 118 -6.80 -11.86 -8.21
N GLN A 119 -7.31 -10.97 -7.39
CA GLN A 119 -7.03 -11.07 -5.98
C GLN A 119 -7.59 -12.33 -5.40
N SER A 120 -8.72 -12.78 -5.92
CA SER A 120 -9.35 -13.94 -5.36
C SER A 120 -8.51 -15.19 -5.47
N LEU A 121 -7.54 -15.23 -6.37
CA LEU A 121 -6.73 -16.42 -6.51
C LEU A 121 -5.39 -16.31 -5.85
N LYS A 122 -5.06 -15.14 -5.34
CA LYS A 122 -3.73 -14.94 -4.83
C LYS A 122 -3.36 -15.92 -3.74
N PRO A 123 -4.20 -16.20 -2.74
CA PRO A 123 -3.88 -17.09 -1.67
C PRO A 123 -4.23 -18.53 -1.97
N CYS A 124 -4.60 -18.83 -3.21
CA CYS A 124 -5.09 -20.18 -3.45
C CYS A 124 -4.01 -21.10 -3.96
N VAL A 125 -4.26 -22.39 -3.80
CA VAL A 125 -3.33 -23.41 -4.20
C VAL A 125 -3.18 -23.55 -5.70
N LYS A 126 -1.92 -23.55 -6.11
CA LYS A 126 -1.53 -23.68 -7.49
C LYS A 126 -1.66 -25.14 -7.87
N LEU A 127 -1.97 -25.41 -9.11
CA LEU A 127 -2.07 -26.80 -9.53
C LEU A 127 -0.92 -27.28 -10.36
N THR A 128 0.19 -26.58 -10.29
CA THR A 128 1.37 -26.96 -11.04
C THR A 128 1.65 -28.46 -10.99
N PRO A 129 1.67 -29.14 -9.82
CA PRO A 129 1.97 -30.55 -9.69
C PRO A 129 1.04 -31.46 -10.48
N LEU A 130 -0.11 -30.94 -10.90
CA LEU A 130 -1.09 -31.70 -11.62
C LEU A 130 -0.81 -31.84 -13.09
N CYS A 131 0.00 -30.98 -13.70
CA CYS A 131 0.11 -31.24 -15.13
C CYS A 131 1.11 -32.33 -15.44
N VAL A 132 0.55 -33.52 -15.55
CA VAL A 132 1.25 -34.75 -15.79
C VAL A 132 0.60 -35.45 -16.93
N THR A 133 1.24 -36.47 -17.47
CA THR A 133 0.57 -37.23 -18.51
C THR A 133 -0.58 -37.95 -17.87
N LEU A 134 -1.71 -37.90 -18.52
CA LEU A 134 -2.88 -38.56 -18.06
C LEU A 134 -3.01 -39.84 -18.83
N GLN A 135 -3.28 -40.90 -18.12
CA GLN A 135 -3.55 -42.17 -18.78
C GLN A 135 -5.04 -42.17 -18.86
N CYS A 136 -5.62 -42.12 -20.04
CA CYS A 136 -7.05 -41.84 -19.95
C CYS A 136 -7.91 -42.52 -21.00
N THR A 137 -9.12 -42.85 -20.53
CA THR A 137 -10.20 -43.47 -21.28
C THR A 137 -11.50 -42.71 -21.18
N ASN A 138 -12.53 -43.24 -21.81
CA ASN A 138 -13.84 -42.61 -21.81
C ASN A 138 -14.68 -43.04 -20.62
N VAL A 139 -15.51 -42.15 -20.17
CA VAL A 139 -16.52 -42.51 -19.22
C VAL A 139 -17.59 -43.21 -20.02
N THR A 140 -18.08 -44.32 -19.51
CA THR A 140 -19.10 -45.04 -20.22
C THR A 140 -20.15 -45.61 -19.28
N ASN A 141 -20.98 -46.49 -19.84
CA ASN A 141 -22.08 -47.20 -19.20
C ASN A 141 -23.34 -46.38 -18.98
N ASN A 142 -23.22 -45.29 -18.27
CA ASN A 142 -24.38 -44.55 -17.83
C ASN A 142 -24.63 -43.31 -18.66
N ILE A 143 -24.04 -43.26 -19.84
CA ILE A 143 -24.26 -42.10 -20.66
C ILE A 143 -25.43 -42.23 -21.59
N THR A 144 -26.35 -41.28 -21.45
CA THR A 144 -27.58 -41.26 -22.24
C THR A 144 -27.40 -40.66 -23.62
N ASP A 145 -26.46 -41.21 -24.36
CA ASP A 145 -26.12 -40.86 -25.75
C ASP A 145 -25.56 -39.45 -26.01
N ASP A 146 -26.27 -38.42 -25.54
CA ASP A 146 -25.95 -37.03 -25.77
C ASP A 146 -24.59 -36.61 -25.25
N MET A 147 -24.21 -37.20 -24.16
CA MET A 147 -22.94 -36.95 -23.52
C MET A 147 -21.82 -37.87 -23.96
N ARG A 148 -22.04 -38.70 -24.98
CA ARG A 148 -20.96 -39.59 -25.34
C ARG A 148 -19.78 -38.81 -25.80
N GLY A 149 -18.62 -39.16 -25.25
CA GLY A 149 -17.36 -38.55 -25.60
C GLY A 149 -17.06 -37.30 -24.79
N GLU A 150 -18.02 -36.84 -24.00
CA GLU A 150 -17.85 -35.61 -23.23
C GLU A 150 -17.08 -35.77 -21.96
N LEU A 151 -17.14 -36.95 -21.35
CA LEU A 151 -16.45 -37.11 -20.10
C LEU A 151 -15.35 -38.12 -20.22
N LYS A 152 -14.25 -37.76 -19.59
CA LYS A 152 -13.05 -38.54 -19.53
C LYS A 152 -12.78 -39.07 -18.14
N ASN A 153 -12.20 -40.26 -18.09
CA ASN A 153 -11.79 -40.91 -16.86
C ASN A 153 -10.30 -41.16 -16.86
N CYS A 154 -9.57 -40.31 -16.15
CA CYS A 154 -8.13 -40.33 -16.30
C CYS A 154 -7.39 -40.70 -15.02
N SER A 155 -6.23 -41.37 -15.17
CA SER A 155 -5.35 -41.72 -14.05
C SER A 155 -4.09 -40.85 -14.04
N PHE A 156 -3.63 -40.57 -12.82
CA PHE A 156 -2.49 -39.71 -12.54
C PHE A 156 -1.49 -40.29 -11.56
N ASN A 157 -0.24 -39.80 -11.68
CA ASN A 157 0.83 -40.14 -10.71
C ASN A 157 1.05 -38.87 -9.88
N MET A 158 0.36 -38.75 -8.73
CA MET A 158 0.41 -37.52 -7.95
C MET A 158 1.30 -37.54 -6.76
N THR A 159 1.71 -36.37 -6.36
CA THR A 159 2.54 -36.22 -5.19
C THR A 159 1.71 -36.39 -3.94
N THR A 160 2.40 -36.55 -2.85
CA THR A 160 1.83 -36.65 -1.53
C THR A 160 2.55 -35.66 -0.66
N GLU A 161 2.08 -35.44 0.57
CA GLU A 161 2.77 -34.48 1.42
C GLU A 161 4.19 -34.97 1.71
N LEU A 162 4.39 -36.28 1.70
CA LEU A 162 5.74 -36.78 1.85
C LEU A 162 6.34 -36.71 0.46
N ARG A 163 7.46 -36.03 0.33
CA ARG A 163 8.06 -35.84 -0.98
C ARG A 163 8.93 -36.98 -1.42
N ASP A 164 8.31 -38.10 -1.68
CA ASP A 164 8.99 -39.28 -2.08
C ASP A 164 8.10 -40.25 -2.83
N LYS A 165 7.05 -40.70 -2.19
CA LYS A 165 6.12 -41.63 -2.78
C LYS A 165 5.08 -40.88 -3.57
N LYS A 166 4.47 -41.56 -4.52
CA LYS A 166 3.38 -40.98 -5.26
C LYS A 166 2.15 -41.82 -5.07
N GLN A 167 1.01 -41.22 -5.33
CA GLN A 167 -0.24 -41.92 -5.23
C GLN A 167 -0.87 -42.08 -6.58
N LYS A 168 -1.54 -43.20 -6.76
CA LYS A 168 -2.25 -43.43 -8.00
C LYS A 168 -3.66 -43.00 -7.81
N VAL A 169 -4.05 -41.99 -8.54
CA VAL A 169 -5.38 -41.46 -8.39
C VAL A 169 -6.02 -41.33 -9.73
N TYR A 170 -7.32 -41.15 -9.72
CA TYR A 170 -8.00 -40.91 -10.95
C TYR A 170 -9.12 -39.95 -10.67
N SER A 171 -9.57 -39.29 -11.72
CA SER A 171 -10.67 -38.34 -11.64
C SER A 171 -11.35 -38.13 -12.96
N LEU A 172 -12.51 -37.48 -12.90
CA LEU A 172 -13.23 -37.25 -14.14
C LEU A 172 -13.11 -35.84 -14.64
N PHE A 173 -13.09 -35.71 -15.96
CA PHE A 173 -12.97 -34.42 -16.64
C PHE A 173 -13.88 -34.22 -17.81
N TYR A 174 -14.16 -32.99 -18.11
CA TYR A 174 -14.87 -32.69 -19.34
C TYR A 174 -13.85 -32.72 -20.44
N ARG A 175 -14.23 -33.18 -21.61
CA ARG A 175 -13.29 -33.29 -22.73
C ARG A 175 -12.75 -31.97 -23.18
N LEU A 176 -13.44 -30.90 -22.88
CA LEU A 176 -13.01 -29.61 -23.37
C LEU A 176 -11.76 -29.13 -22.67
N ASP A 177 -11.42 -29.74 -21.55
CA ASP A 177 -10.24 -29.34 -20.82
C ASP A 177 -9.11 -30.33 -21.03
N VAL A 178 -9.31 -31.33 -21.89
CA VAL A 178 -8.31 -32.36 -22.05
C VAL A 178 -7.91 -32.57 -23.50
N VAL A 179 -6.63 -32.66 -23.75
CA VAL A 179 -6.22 -32.84 -25.13
C VAL A 179 -5.26 -34.01 -25.28
N GLN A 180 -5.38 -34.71 -26.39
CA GLN A 180 -4.48 -35.81 -26.67
C GLN A 180 -3.10 -35.26 -26.90
N ILE A 181 -2.08 -35.92 -26.37
CA ILE A 181 -0.73 -35.44 -26.54
C ILE A 181 -0.09 -35.92 -27.82
N ASN A 182 -0.16 -37.22 -28.05
CA ASN A 182 0.50 -37.83 -29.19
C ASN A 182 -0.47 -38.44 -30.17
N GLU A 183 -0.49 -37.87 -31.36
CA GLU A 183 -1.38 -38.32 -32.41
C GLU A 183 -0.84 -39.62 -32.99
N LYS A 194 -5.28 -43.81 -23.84
CA LYS A 194 -4.21 -43.10 -24.52
C LYS A 194 -3.61 -42.00 -23.65
N GLU A 195 -2.67 -41.25 -24.21
CA GLU A 195 -1.96 -40.20 -23.48
C GLU A 195 -2.56 -38.82 -23.68
N TYR A 196 -2.96 -38.22 -22.57
CA TYR A 196 -3.61 -36.93 -22.52
C TYR A 196 -2.95 -35.93 -21.60
N ARG A 197 -3.21 -34.67 -21.84
CA ARG A 197 -2.75 -33.63 -20.93
C ARG A 197 -3.83 -32.62 -20.66
N LEU A 198 -3.65 -31.88 -19.59
CA LEU A 198 -4.56 -30.80 -19.32
C LEU A 198 -4.36 -29.88 -20.50
N ILE A 199 -5.44 -29.44 -21.09
CA ILE A 199 -5.31 -28.66 -22.30
C ILE A 199 -4.59 -27.34 -22.15
N ASN A 200 -4.62 -26.71 -20.98
CA ASN A 200 -3.98 -25.42 -20.87
C ASN A 200 -2.57 -25.52 -20.31
N CYS A 201 -2.09 -26.73 -20.13
CA CYS A 201 -0.79 -26.96 -19.58
C CYS A 201 0.31 -26.33 -20.38
N ASN A 202 0.17 -26.37 -21.69
CA ASN A 202 1.26 -25.93 -22.55
C ASN A 202 1.12 -24.46 -22.91
N THR A 203 0.24 -23.76 -22.21
CA THR A 203 0.14 -22.35 -22.42
C THR A 203 0.54 -21.64 -21.15
N SER A 204 -0.14 -21.94 -20.03
CA SER A 204 0.21 -21.21 -18.83
C SER A 204 -0.27 -21.85 -17.53
N ALA A 205 0.19 -21.31 -16.42
CA ALA A 205 -0.15 -21.79 -15.09
C ALA A 205 -1.63 -21.76 -14.77
N ILE A 206 -2.05 -22.78 -14.03
CA ILE A 206 -3.41 -22.99 -13.56
C ILE A 206 -3.48 -22.99 -12.05
N THR A 207 -4.41 -22.21 -11.51
CA THR A 207 -4.63 -22.11 -10.05
C THR A 207 -6.03 -22.56 -9.66
N GLN A 208 -6.15 -23.34 -8.59
CA GLN A 208 -7.46 -23.79 -8.12
C GLN A 208 -8.15 -22.73 -7.33
N ALA A 209 -9.39 -22.46 -7.65
CA ALA A 209 -10.09 -21.47 -6.85
C ALA A 209 -10.31 -22.03 -5.48
N CYS A 210 -10.20 -21.20 -4.47
CA CYS A 210 -10.44 -21.64 -3.13
C CYS A 210 -11.93 -21.90 -2.94
N PRO A 211 -12.38 -23.10 -2.50
CA PRO A 211 -13.77 -23.48 -2.32
C PRO A 211 -14.30 -22.92 -1.03
N LYS A 212 -14.19 -21.61 -0.91
CA LYS A 212 -14.56 -20.83 0.21
C LYS A 212 -15.41 -19.75 -0.37
N VAL A 213 -15.12 -19.48 -1.62
CA VAL A 213 -15.76 -18.37 -2.27
C VAL A 213 -16.39 -18.78 -3.55
N SER A 214 -17.28 -17.92 -4.00
CA SER A 214 -17.91 -18.09 -5.28
C SER A 214 -17.98 -16.76 -5.93
N PHE A 215 -18.66 -16.75 -7.05
CA PHE A 215 -18.69 -15.60 -7.89
C PHE A 215 -20.05 -14.94 -7.92
N GLU A 216 -20.84 -15.17 -6.87
CA GLU A 216 -22.18 -14.64 -6.83
C GLU A 216 -22.14 -13.14 -7.07
N PRO A 217 -22.87 -12.63 -8.05
CA PRO A 217 -22.88 -11.26 -8.46
C PRO A 217 -23.69 -10.35 -7.57
N ILE A 218 -23.16 -10.13 -6.39
CA ILE A 218 -23.77 -9.24 -5.42
C ILE A 218 -23.61 -7.83 -5.94
N PRO A 219 -24.66 -7.03 -6.03
CA PRO A 219 -24.63 -5.72 -6.61
C PRO A 219 -23.78 -4.74 -5.87
N ILE A 220 -23.07 -3.94 -6.63
CA ILE A 220 -22.20 -2.89 -6.13
C ILE A 220 -22.68 -1.52 -6.54
N HIS A 221 -22.73 -0.62 -5.58
CA HIS A 221 -23.12 0.74 -5.84
C HIS A 221 -21.87 1.57 -5.99
N TYR A 222 -21.86 2.52 -6.92
CA TYR A 222 -20.71 3.40 -7.00
C TYR A 222 -21.02 4.74 -6.44
N CYS A 223 -20.10 5.24 -5.64
CA CYS A 223 -20.35 6.50 -4.96
C CYS A 223 -19.30 7.57 -5.22
N ALA A 224 -19.80 8.79 -5.33
CA ALA A 224 -18.96 9.93 -5.56
C ALA A 224 -18.20 10.35 -4.28
N PRO A 225 -16.96 10.81 -4.38
CA PRO A 225 -16.20 11.50 -3.35
C PRO A 225 -16.77 12.89 -3.17
N ALA A 226 -16.49 13.52 -2.05
CA ALA A 226 -16.98 14.89 -1.88
C ALA A 226 -16.44 15.75 -3.01
N GLY A 227 -17.29 16.62 -3.54
CA GLY A 227 -16.91 17.51 -4.63
C GLY A 227 -17.37 16.94 -5.97
N PHE A 228 -17.85 15.73 -5.93
CA PHE A 228 -18.35 15.07 -7.10
C PHE A 228 -19.78 14.67 -6.93
N ALA A 229 -20.43 14.49 -8.06
CA ALA A 229 -21.79 14.02 -8.01
C ALA A 229 -22.09 13.21 -9.22
N ILE A 230 -23.08 12.33 -9.11
CA ILE A 230 -23.45 11.57 -10.26
C ILE A 230 -24.81 12.00 -10.76
N LEU A 231 -24.89 12.33 -12.02
CA LEU A 231 -26.15 12.75 -12.58
C LEU A 231 -26.76 11.60 -13.32
N LYS A 232 -28.08 11.49 -13.27
CA LYS A 232 -28.78 10.42 -13.94
C LYS A 232 -29.93 10.94 -14.80
N CYS A 233 -30.20 10.28 -15.93
CA CYS A 233 -31.39 10.62 -16.70
C CYS A 233 -32.57 9.79 -16.20
N LYS A 234 -33.75 10.38 -16.12
CA LYS A 234 -34.97 9.65 -15.78
C LYS A 234 -35.82 9.56 -17.04
N ASP A 235 -35.21 9.91 -18.15
CA ASP A 235 -35.81 9.94 -19.47
C ASP A 235 -36.07 8.53 -19.96
N LYS A 236 -36.99 8.42 -20.88
CA LYS A 236 -37.35 7.15 -21.48
C LYS A 236 -36.95 7.05 -22.93
N LYS A 237 -36.71 8.18 -23.58
CA LYS A 237 -36.39 8.13 -25.00
C LYS A 237 -34.90 8.17 -25.21
N PHE A 238 -34.17 8.63 -24.22
CA PHE A 238 -32.74 8.76 -24.32
C PHE A 238 -32.13 7.43 -24.67
N ASN A 239 -31.24 7.46 -25.65
CA ASN A 239 -30.64 6.25 -26.15
C ASN A 239 -29.12 6.21 -26.01
N GLY A 240 -28.60 6.83 -24.99
CA GLY A 240 -27.17 6.78 -24.72
C GLY A 240 -26.38 8.00 -25.12
N THR A 241 -26.91 8.83 -26.02
CA THR A 241 -26.17 10.03 -26.38
C THR A 241 -27.03 11.27 -26.45
N GLY A 242 -26.39 12.40 -26.27
CA GLY A 242 -27.03 13.67 -26.45
C GLY A 242 -27.72 14.11 -25.18
N PRO A 243 -28.43 15.21 -25.21
CA PRO A 243 -29.11 15.78 -24.09
C PRO A 243 -30.29 14.97 -23.72
N CYS A 244 -30.63 14.99 -22.45
CA CYS A 244 -31.88 14.42 -22.06
C CYS A 244 -32.51 15.48 -21.15
N PRO A 245 -33.80 15.74 -21.26
CA PRO A 245 -34.54 16.68 -20.45
C PRO A 245 -34.92 16.04 -19.14
N SER A 246 -33.94 15.54 -18.45
CA SER A 246 -34.21 14.88 -17.21
C SER A 246 -32.97 14.83 -16.39
N VAL A 247 -32.94 15.51 -15.27
CA VAL A 247 -31.72 15.47 -14.52
C VAL A 247 -32.00 15.20 -13.07
N SER A 248 -31.29 14.23 -12.53
CA SER A 248 -31.44 13.94 -11.14
C SER A 248 -30.08 13.62 -10.57
N THR A 249 -29.78 14.15 -9.41
CA THR A 249 -28.46 13.92 -8.84
C THR A 249 -28.46 13.01 -7.65
N VAL A 250 -27.49 12.10 -7.64
CA VAL A 250 -27.37 11.16 -6.56
C VAL A 250 -25.96 11.10 -5.98
N GLN A 251 -25.86 10.62 -4.74
CA GLN A 251 -24.55 10.38 -4.15
C GLN A 251 -23.95 9.13 -4.74
N CYS A 252 -24.83 8.16 -4.98
CA CYS A 252 -24.43 6.86 -5.47
C CYS A 252 -25.38 6.35 -6.51
N THR A 253 -24.86 5.44 -7.32
CA THR A 253 -25.66 4.76 -8.33
C THR A 253 -26.41 3.67 -7.64
N HIS A 254 -27.33 3.06 -8.35
CA HIS A 254 -28.04 1.93 -7.81
C HIS A 254 -27.03 0.81 -7.87
N GLY A 255 -27.36 -0.34 -7.30
CA GLY A 255 -26.36 -1.38 -7.36
C GLY A 255 -26.39 -2.10 -8.69
N ILE A 256 -25.22 -2.38 -9.21
CA ILE A 256 -25.09 -3.15 -10.42
C ILE A 256 -24.48 -4.49 -10.17
N LYS A 257 -25.16 -5.53 -10.63
CA LYS A 257 -24.66 -6.88 -10.45
C LYS A 257 -23.61 -7.15 -11.51
N PRO A 258 -22.37 -7.53 -11.15
CA PRO A 258 -21.28 -7.79 -12.04
C PRO A 258 -21.40 -9.15 -12.70
N VAL A 259 -22.43 -9.32 -13.47
CA VAL A 259 -22.67 -10.57 -14.13
C VAL A 259 -21.89 -10.60 -15.42
N VAL A 260 -21.12 -11.65 -15.62
CA VAL A 260 -20.32 -11.75 -16.82
C VAL A 260 -20.92 -12.74 -17.78
N SER A 261 -21.24 -12.29 -19.00
CA SER A 261 -21.84 -13.15 -19.99
C SER A 261 -21.60 -12.67 -21.41
N THR A 262 -21.93 -13.55 -22.32
CA THR A 262 -21.89 -13.24 -23.75
C THR A 262 -23.26 -13.41 -24.31
N GLN A 263 -23.52 -12.84 -25.47
CA GLN A 263 -24.77 -12.97 -26.24
C GLN A 263 -26.05 -12.44 -25.56
N LEU A 264 -26.38 -12.98 -24.41
CA LEU A 264 -27.56 -12.58 -23.67
C LEU A 264 -27.13 -11.94 -22.37
N LEU A 265 -27.67 -10.76 -22.15
CA LEU A 265 -27.41 -9.97 -20.96
C LEU A 265 -28.39 -10.44 -19.93
N LEU A 266 -27.86 -10.90 -18.81
CA LEU A 266 -28.68 -11.49 -17.75
C LEU A 266 -28.68 -10.70 -16.48
N ASN A 267 -29.76 -10.81 -15.72
CA ASN A 267 -29.88 -10.24 -14.39
C ASN A 267 -29.63 -8.73 -14.35
N GLY A 268 -30.09 -8.01 -15.36
CA GLY A 268 -29.90 -6.56 -15.37
C GLY A 268 -31.21 -5.82 -15.20
N SER A 269 -31.19 -4.54 -15.48
CA SER A 269 -32.39 -3.74 -15.37
C SER A 269 -33.15 -3.79 -16.68
N LEU A 270 -34.43 -3.46 -16.62
CA LEU A 270 -35.27 -3.45 -17.82
C LEU A 270 -35.65 -2.05 -18.22
N ALA A 271 -35.92 -1.88 -19.50
CA ALA A 271 -36.43 -0.64 -20.02
C ALA A 271 -37.86 -0.51 -19.51
N GLU A 272 -38.35 0.69 -19.27
CA GLU A 272 -39.72 0.79 -18.78
C GLU A 272 -40.82 0.81 -19.83
N GLU A 273 -40.62 1.51 -20.94
CA GLU A 273 -41.72 1.64 -21.91
C GLU A 273 -41.53 0.91 -23.22
N GLU A 274 -40.33 0.92 -23.74
CA GLU A 274 -40.05 0.36 -25.04
C GLU A 274 -38.75 -0.37 -24.99
N VAL A 275 -38.55 -1.29 -25.92
CA VAL A 275 -37.25 -1.89 -26.02
C VAL A 275 -36.31 -0.80 -26.52
N MET A 276 -35.19 -0.64 -25.87
CA MET A 276 -34.29 0.40 -26.33
C MET A 276 -33.12 -0.19 -27.02
N ILE A 277 -32.81 0.33 -28.18
CA ILE A 277 -31.68 -0.18 -28.90
C ILE A 277 -30.65 0.90 -28.99
N ARG A 278 -29.46 0.58 -28.53
CA ARG A 278 -28.41 1.56 -28.49
C ARG A 278 -27.12 1.07 -29.15
N SER A 279 -26.46 1.97 -29.85
CA SER A 279 -25.17 1.66 -30.46
C SER A 279 -24.41 2.95 -30.59
N GLU A 280 -23.10 2.87 -30.78
CA GLU A 280 -22.31 4.06 -30.94
C GLU A 280 -22.53 4.70 -32.30
N ASN A 281 -22.67 3.84 -33.30
CA ASN A 281 -22.82 4.27 -34.67
C ASN A 281 -23.71 3.27 -35.41
N ILE A 282 -24.90 3.70 -35.73
CA ILE A 282 -25.92 2.85 -36.31
C ILE A 282 -25.54 2.25 -37.66
N THR A 283 -24.58 2.83 -38.36
CA THR A 283 -24.16 2.32 -39.66
C THR A 283 -22.81 1.62 -39.60
N ASN A 284 -22.23 1.49 -38.42
CA ASN A 284 -20.93 0.89 -38.29
C ASN A 284 -21.05 -0.58 -37.91
N ASN A 285 -20.71 -1.48 -38.82
CA ASN A 285 -20.91 -2.89 -38.55
C ASN A 285 -19.77 -3.47 -37.72
N ALA A 286 -18.82 -2.62 -37.38
CA ALA A 286 -17.73 -3.03 -36.52
C ALA A 286 -18.07 -2.71 -35.06
N LYS A 287 -19.25 -2.19 -34.80
CA LYS A 287 -19.65 -1.91 -33.43
C LYS A 287 -20.72 -2.88 -33.00
N ASN A 288 -20.85 -3.12 -31.70
CA ASN A 288 -21.93 -3.99 -31.28
C ASN A 288 -23.19 -3.19 -31.08
N ILE A 289 -24.27 -3.89 -30.80
CA ILE A 289 -25.56 -3.29 -30.51
C ILE A 289 -26.07 -3.75 -29.17
N LEU A 290 -26.47 -2.82 -28.33
CA LEU A 290 -27.06 -3.19 -27.06
C LEU A 290 -28.56 -3.07 -27.11
N VAL A 291 -29.23 -4.17 -26.86
CA VAL A 291 -30.68 -4.16 -26.88
C VAL A 291 -31.20 -4.36 -25.49
N GLN A 292 -31.94 -3.39 -24.97
CA GLN A 292 -32.50 -3.50 -23.63
C GLN A 292 -33.97 -3.77 -23.68
N PHE A 293 -34.35 -4.92 -23.18
CA PHE A 293 -35.73 -5.34 -23.24
C PHE A 293 -36.53 -4.56 -22.24
N ASN A 294 -37.82 -4.39 -22.49
CA ASN A 294 -38.68 -3.79 -21.48
C ASN A 294 -39.43 -4.86 -20.69
N THR A 295 -39.14 -6.11 -21.01
CA THR A 295 -39.71 -7.26 -20.36
C THR A 295 -38.62 -8.29 -20.16
N PRO A 296 -38.67 -9.10 -19.10
CA PRO A 296 -37.75 -10.17 -18.84
C PRO A 296 -38.03 -11.37 -19.69
N VAL A 297 -37.01 -12.16 -19.99
CA VAL A 297 -37.29 -13.45 -20.57
C VAL A 297 -36.69 -14.52 -19.69
N GLN A 298 -37.51 -15.33 -19.06
CA GLN A 298 -36.95 -16.30 -18.15
C GLN A 298 -36.35 -17.51 -18.81
N ILE A 299 -35.22 -17.92 -18.22
CA ILE A 299 -34.49 -19.10 -18.60
C ILE A 299 -34.28 -20.00 -17.40
N ASN A 300 -34.63 -21.27 -17.56
CA ASN A 300 -34.39 -22.25 -16.52
C ASN A 300 -33.24 -23.16 -16.91
N CYS A 301 -32.07 -22.97 -16.29
CA CYS A 301 -30.92 -23.78 -16.68
C CYS A 301 -30.61 -24.86 -15.66
N THR A 302 -30.04 -25.93 -16.15
CA THR A 302 -29.64 -26.98 -15.27
C THR A 302 -28.35 -27.68 -15.62
N ARG A 303 -27.78 -28.21 -14.58
CA ARG A 303 -26.62 -29.05 -14.58
C ARG A 303 -27.08 -30.35 -13.97
N PRO A 304 -27.73 -31.22 -14.74
CA PRO A 304 -28.48 -32.37 -14.31
C PRO A 304 -27.64 -33.57 -13.98
N ASN A 305 -26.67 -33.41 -13.10
CA ASN A 305 -25.80 -34.50 -12.74
C ASN A 305 -25.50 -34.48 -11.27
N ASN A 306 -25.89 -35.51 -10.56
CA ASN A 306 -25.67 -35.50 -9.12
C ASN A 306 -24.24 -35.88 -8.81
N ASN A 307 -23.38 -34.87 -8.73
CA ASN A 307 -21.97 -35.11 -8.55
C ASN A 307 -21.54 -35.37 -7.14
N THR A 308 -20.46 -36.15 -7.06
CA THR A 308 -19.72 -36.42 -5.84
C THR A 308 -18.33 -35.89 -6.05
N ARG A 309 -17.85 -35.11 -5.11
CA ARG A 309 -16.54 -34.50 -5.17
C ARG A 309 -15.65 -35.18 -4.16
N LYS A 310 -14.38 -35.28 -4.48
CA LYS A 310 -13.44 -35.84 -3.53
C LYS A 310 -12.19 -35.01 -3.49
N SER A 311 -11.48 -35.06 -2.37
CA SER A 311 -10.24 -34.33 -2.36
C SER A 311 -9.07 -35.28 -2.41
N ILE A 312 -8.02 -34.82 -3.07
CA ILE A 312 -6.79 -35.55 -3.13
C ILE A 312 -5.72 -34.75 -2.48
N ARG A 313 -5.10 -35.27 -1.46
CA ARG A 313 -4.08 -34.46 -0.83
C ARG A 313 -2.91 -34.39 -1.78
N ILE A 314 -2.38 -33.20 -1.99
CA ILE A 314 -1.27 -32.97 -2.91
C ILE A 314 0.01 -32.72 -2.18
N GLY A 315 -0.12 -31.97 -1.11
CA GLY A 315 1.06 -31.51 -0.41
C GLY A 315 0.71 -30.99 0.98
N PRO A 316 1.68 -30.40 1.67
CA PRO A 316 1.55 -29.90 3.01
C PRO A 316 0.67 -28.68 3.11
N GLY A 317 -0.64 -28.95 3.15
CA GLY A 317 -1.67 -27.93 3.18
C GLY A 317 -2.37 -27.74 1.85
N GLN A 318 -2.11 -28.63 0.92
CA GLN A 318 -2.72 -28.54 -0.38
C GLN A 318 -3.52 -29.78 -0.73
N ALA A 319 -4.67 -29.56 -1.34
CA ALA A 319 -5.49 -30.64 -1.82
C ALA A 319 -6.17 -30.21 -3.08
N PHE A 320 -6.38 -31.15 -3.95
CA PHE A 320 -7.05 -30.90 -5.18
C PHE A 320 -8.44 -31.39 -5.14
N TYR A 321 -9.35 -30.59 -5.63
CA TYR A 321 -10.72 -31.02 -5.66
C TYR A 321 -11.04 -31.60 -6.99
N ALA A 322 -11.31 -32.88 -6.96
CA ALA A 322 -11.53 -33.69 -8.13
C ALA A 322 -12.95 -34.12 -8.29
N THR A 323 -13.38 -34.24 -9.53
CA THR A 323 -14.68 -34.83 -9.73
C THR A 323 -14.49 -36.28 -9.40
N GLY A 324 -15.35 -36.80 -8.54
CA GLY A 324 -15.29 -38.17 -8.14
C GLY A 324 -16.07 -39.00 -9.12
N ASP A 325 -17.38 -38.88 -9.03
CA ASP A 325 -18.25 -39.64 -9.89
C ASP A 325 -19.64 -39.03 -9.97
N ILE A 326 -20.51 -39.65 -10.75
CA ILE A 326 -21.89 -39.22 -10.89
C ILE A 326 -22.84 -40.26 -10.36
N ILE A 327 -23.73 -39.82 -9.50
CA ILE A 327 -24.74 -40.65 -8.92
C ILE A 327 -25.90 -40.70 -9.88
N GLY A 328 -26.33 -41.89 -10.24
CA GLY A 328 -27.42 -42.02 -11.21
C GLY A 328 -26.81 -41.91 -12.59
N ASP A 329 -27.61 -41.61 -13.59
CA ASP A 329 -27.08 -41.61 -14.93
C ASP A 329 -26.48 -40.27 -15.30
N ILE A 330 -25.95 -40.18 -16.51
CA ILE A 330 -25.29 -38.97 -16.97
C ILE A 330 -26.07 -38.28 -18.06
N ARG A 331 -26.39 -37.01 -17.81
CA ARG A 331 -27.21 -36.21 -18.73
C ARG A 331 -26.55 -34.93 -19.21
N GLN A 332 -26.89 -34.49 -20.41
CA GLN A 332 -26.37 -33.22 -20.89
C GLN A 332 -27.02 -32.01 -20.26
N ALA A 333 -26.18 -31.02 -19.94
CA ALA A 333 -26.60 -29.74 -19.39
C ALA A 333 -27.39 -28.98 -20.40
N HIS A 334 -28.35 -28.20 -19.93
CA HIS A 334 -29.19 -27.47 -20.85
C HIS A 334 -29.93 -26.31 -20.24
N CYS A 335 -30.47 -25.45 -21.11
CA CYS A 335 -31.33 -24.36 -20.68
C CYS A 335 -32.67 -24.32 -21.39
N ASN A 336 -33.72 -24.14 -20.62
CA ASN A 336 -35.09 -24.06 -21.12
C ASN A 336 -35.57 -22.62 -21.19
N VAL A 337 -35.74 -22.13 -22.39
CA VAL A 337 -36.13 -20.76 -22.62
C VAL A 337 -37.61 -20.68 -22.92
N SER A 338 -38.34 -19.76 -22.29
CA SER A 338 -39.75 -19.70 -22.65
C SER A 338 -39.89 -19.36 -24.12
N LYS A 339 -40.59 -20.21 -24.84
CA LYS A 339 -40.72 -20.05 -26.27
C LYS A 339 -41.61 -18.91 -26.63
N ALA A 340 -42.74 -18.83 -25.95
CA ALA A 340 -43.68 -17.78 -26.27
C ALA A 340 -43.09 -16.43 -25.99
N THR A 341 -42.32 -16.34 -24.91
CA THR A 341 -41.78 -15.06 -24.58
C THR A 341 -40.78 -14.66 -25.63
N TRP A 342 -39.92 -15.59 -26.05
CA TRP A 342 -38.93 -15.27 -27.04
C TRP A 342 -39.61 -14.79 -28.29
N ASN A 343 -40.70 -15.46 -28.68
CA ASN A 343 -41.44 -15.10 -29.88
C ASN A 343 -41.81 -13.63 -29.85
N GLU A 344 -42.47 -13.22 -28.78
CA GLU A 344 -42.90 -11.83 -28.71
C GLU A 344 -41.75 -10.86 -28.54
N THR A 345 -40.76 -11.28 -27.78
CA THR A 345 -39.65 -10.42 -27.49
C THR A 345 -38.91 -10.07 -28.74
N LEU A 346 -38.68 -11.06 -29.58
CA LEU A 346 -37.96 -10.80 -30.80
C LEU A 346 -38.76 -9.85 -31.64
N GLY A 347 -40.06 -10.06 -31.74
CA GLY A 347 -40.83 -9.15 -32.57
C GLY A 347 -40.68 -7.72 -32.12
N LYS A 348 -40.69 -7.49 -30.81
CA LYS A 348 -40.51 -6.14 -30.32
C LYS A 348 -39.16 -5.58 -30.70
N VAL A 349 -38.14 -6.42 -30.62
CA VAL A 349 -36.80 -5.98 -30.97
C VAL A 349 -36.77 -5.58 -32.42
N VAL A 350 -37.38 -6.39 -33.25
CA VAL A 350 -37.38 -6.10 -34.66
C VAL A 350 -38.10 -4.81 -34.96
N LYS A 351 -39.25 -4.57 -34.33
CA LYS A 351 -39.91 -3.31 -34.63
C LYS A 351 -39.00 -2.15 -34.34
N GLN A 352 -38.28 -2.22 -33.23
CA GLN A 352 -37.43 -1.10 -32.91
C GLN A 352 -36.25 -1.02 -33.87
N LEU A 353 -35.73 -2.16 -34.33
CA LEU A 353 -34.63 -2.09 -35.27
C LEU A 353 -35.10 -1.41 -36.54
N ARG A 354 -36.30 -1.75 -36.96
CA ARG A 354 -36.89 -1.21 -38.17
C ARG A 354 -37.03 0.30 -38.09
N LYS A 355 -37.35 0.80 -36.90
CA LYS A 355 -37.46 2.23 -36.75
C LYS A 355 -36.13 2.93 -37.00
N HIS A 356 -35.03 2.31 -36.58
CA HIS A 356 -33.74 2.95 -36.81
C HIS A 356 -33.33 2.85 -38.26
N PHE A 357 -33.61 1.73 -38.87
CA PHE A 357 -33.29 1.48 -40.26
C PHE A 357 -34.17 0.37 -40.73
N GLY A 358 -34.41 0.26 -42.03
CA GLY A 358 -35.15 -0.93 -42.47
C GLY A 358 -36.66 -0.88 -42.23
N ASN A 359 -37.26 0.31 -42.24
CA ASN A 359 -38.70 0.41 -41.99
C ASN A 359 -39.50 -0.38 -43.03
N ASN A 360 -38.97 -0.48 -44.23
CA ASN A 360 -39.60 -1.20 -45.31
C ASN A 360 -38.80 -2.43 -45.74
N THR A 361 -37.99 -2.98 -44.85
CA THR A 361 -37.16 -4.13 -45.16
C THR A 361 -37.42 -5.21 -44.15
N ILE A 362 -36.78 -6.35 -44.31
CA ILE A 362 -37.02 -7.42 -43.35
C ILE A 362 -35.74 -7.82 -42.62
N ILE A 363 -35.92 -8.42 -41.45
CA ILE A 363 -34.75 -8.77 -40.65
C ILE A 363 -34.64 -10.22 -40.24
N ARG A 364 -33.47 -10.79 -40.51
CA ARG A 364 -33.25 -12.17 -40.13
C ARG A 364 -32.19 -12.31 -39.08
N PHE A 365 -32.36 -13.33 -38.29
CA PHE A 365 -31.46 -13.70 -37.25
C PHE A 365 -30.82 -14.98 -37.59
N ALA A 366 -29.56 -15.06 -37.27
CA ALA A 366 -28.78 -16.21 -37.53
C ALA A 366 -27.89 -16.48 -36.38
N ASN A 367 -27.41 -17.69 -36.28
CA ASN A 367 -26.56 -18.01 -35.17
C ASN A 367 -25.15 -17.52 -35.41
N SER A 368 -24.28 -17.78 -34.47
CA SER A 368 -22.94 -17.27 -34.49
C SER A 368 -22.03 -17.88 -35.54
N SER A 369 -20.95 -17.16 -35.77
CA SER A 369 -19.89 -17.50 -36.67
C SER A 369 -18.94 -18.51 -36.06
N GLY A 370 -18.09 -19.12 -36.87
CA GLY A 370 -17.13 -20.06 -36.31
C GLY A 370 -16.11 -19.27 -35.52
N GLY A 371 -15.47 -19.91 -34.53
CA GLY A 371 -14.48 -19.20 -33.73
C GLY A 371 -14.39 -19.72 -32.32
N ASP A 372 -13.79 -18.91 -31.45
CA ASP A 372 -13.54 -19.24 -30.06
C ASP A 372 -14.83 -19.49 -29.31
N LEU A 373 -14.87 -20.56 -28.53
CA LEU A 373 -16.07 -20.92 -27.80
C LEU A 373 -16.55 -19.79 -26.91
N GLU A 374 -15.63 -19.09 -26.32
CA GLU A 374 -15.95 -18.04 -25.41
C GLU A 374 -16.87 -17.01 -26.01
N VAL A 375 -16.84 -16.82 -27.32
CA VAL A 375 -17.71 -15.84 -27.93
C VAL A 375 -18.69 -16.44 -28.94
N THR A 376 -18.49 -17.68 -29.33
CA THR A 376 -19.41 -18.25 -30.29
C THR A 376 -20.61 -18.83 -29.58
N THR A 377 -20.49 -19.04 -28.28
CA THR A 377 -21.63 -19.53 -27.56
C THR A 377 -22.01 -18.59 -26.45
N HIS A 378 -23.12 -18.90 -25.79
CA HIS A 378 -23.53 -18.11 -24.66
C HIS A 378 -22.76 -18.55 -23.47
N SER A 379 -22.18 -17.61 -22.76
CA SER A 379 -21.46 -18.01 -21.58
C SER A 379 -22.02 -17.39 -20.33
N PHE A 380 -22.08 -18.21 -19.28
CA PHE A 380 -22.49 -17.73 -17.96
C PHE A 380 -21.94 -18.56 -16.85
N ASN A 381 -22.02 -18.02 -15.67
CA ASN A 381 -21.63 -18.74 -14.49
C ASN A 381 -22.83 -18.86 -13.60
N CYS A 382 -22.99 -20.01 -12.99
CA CYS A 382 -24.07 -20.22 -12.05
C CYS A 382 -23.73 -21.26 -11.00
N GLY A 383 -23.77 -20.85 -9.74
CA GLY A 383 -23.44 -21.72 -8.63
C GLY A 383 -21.94 -21.82 -8.47
N GLY A 384 -21.26 -21.12 -9.36
CA GLY A 384 -19.82 -21.13 -9.47
C GLY A 384 -19.44 -21.95 -10.69
N GLU A 385 -20.39 -22.69 -11.28
CA GLU A 385 -20.09 -23.51 -12.45
C GLU A 385 -20.07 -22.70 -13.73
N PHE A 386 -19.23 -23.13 -14.69
CA PHE A 386 -19.10 -22.45 -15.98
C PHE A 386 -19.77 -23.17 -17.14
N PHE A 387 -20.78 -22.48 -17.68
CA PHE A 387 -21.63 -23.02 -18.72
C PHE A 387 -21.44 -22.36 -20.06
N TYR A 388 -21.51 -23.18 -21.09
CA TYR A 388 -21.42 -22.78 -22.47
C TYR A 388 -22.67 -23.27 -23.19
N CYS A 389 -23.52 -22.38 -23.69
CA CYS A 389 -24.77 -22.86 -24.26
C CYS A 389 -25.02 -22.50 -25.71
N ASN A 390 -25.59 -23.45 -26.41
CA ASN A 390 -25.86 -23.34 -27.83
C ASN A 390 -27.16 -22.62 -28.07
N THR A 391 -27.04 -21.38 -28.48
CA THR A 391 -28.13 -20.46 -28.67
C THR A 391 -28.59 -20.40 -30.07
N SER A 392 -28.15 -21.31 -30.90
CA SER A 392 -28.59 -21.24 -32.28
C SER A 392 -30.10 -21.39 -32.39
N GLY A 393 -30.72 -22.06 -31.43
CA GLY A 393 -32.15 -22.26 -31.42
C GLY A 393 -32.91 -20.96 -31.18
N LEU A 394 -32.21 -19.91 -30.75
CA LEU A 394 -32.83 -18.64 -30.52
C LEU A 394 -32.69 -17.70 -31.70
N PHE A 395 -31.78 -18.02 -32.63
CA PHE A 395 -31.48 -17.11 -33.72
C PHE A 395 -31.51 -17.87 -35.02
N ASN A 396 -32.72 -18.21 -35.42
CA ASN A 396 -32.99 -19.03 -36.59
C ASN A 396 -34.33 -18.61 -37.17
N SER A 397 -34.44 -17.34 -37.55
CA SER A 397 -35.75 -16.85 -38.03
C SER A 397 -35.68 -15.56 -38.81
N THR A 398 -36.74 -15.28 -39.56
CA THR A 398 -36.83 -13.98 -40.22
C THR A 398 -38.13 -13.33 -39.87
N TRP A 399 -38.04 -12.09 -39.48
CA TRP A 399 -39.20 -11.35 -39.13
C TRP A 399 -39.52 -10.43 -40.30
N ILE A 400 -40.67 -10.66 -40.94
CA ILE A 400 -41.00 -9.89 -42.13
C ILE A 400 -42.21 -9.01 -41.95
N SER A 401 -42.62 -8.88 -40.70
CA SER A 401 -43.82 -8.15 -40.30
C SER A 401 -45.00 -8.64 -41.08
N ASN A 402 -45.85 -7.71 -41.48
CA ASN A 402 -47.00 -8.04 -42.28
C ASN A 402 -47.66 -9.31 -41.79
N SER A 416 -41.63 -24.47 -25.57
CA SER A 416 -40.34 -24.29 -24.89
C SER A 416 -39.18 -24.52 -25.82
N ILE A 417 -38.11 -23.75 -25.65
CA ILE A 417 -36.92 -23.93 -26.46
C ILE A 417 -35.82 -24.52 -25.62
N THR A 418 -35.25 -25.63 -26.06
CA THR A 418 -34.18 -26.20 -25.27
C THR A 418 -32.85 -25.96 -25.93
N LEU A 419 -31.95 -25.37 -25.17
CA LEU A 419 -30.62 -25.09 -25.63
C LEU A 419 -29.68 -26.07 -24.97
N PRO A 420 -28.94 -26.90 -25.70
CA PRO A 420 -28.00 -27.83 -25.12
C PRO A 420 -26.82 -27.02 -24.64
N CYS A 421 -26.13 -27.50 -23.61
CA CYS A 421 -24.95 -26.84 -23.09
C CYS A 421 -23.74 -27.75 -22.86
N ARG A 422 -22.60 -27.11 -22.65
CA ARG A 422 -21.33 -27.73 -22.36
C ARG A 422 -20.76 -27.11 -21.09
N ILE A 423 -19.89 -27.85 -20.42
CA ILE A 423 -19.25 -27.36 -19.21
C ILE A 423 -17.74 -27.46 -19.25
N LYS A 424 -17.06 -26.44 -18.72
CA LYS A 424 -15.59 -26.48 -18.66
C LYS A 424 -15.11 -26.22 -17.25
N GLN A 425 -13.96 -26.77 -16.90
CA GLN A 425 -13.34 -26.46 -15.63
C GLN A 425 -12.15 -25.51 -15.72
N ILE A 426 -11.50 -25.36 -16.88
CA ILE A 426 -10.38 -24.41 -16.90
C ILE A 426 -10.76 -23.17 -17.66
N ILE A 427 -10.82 -22.08 -16.93
CA ILE A 427 -11.28 -20.84 -17.50
C ILE A 427 -10.24 -19.77 -17.55
N ASN A 428 -9.95 -19.27 -18.74
CA ASN A 428 -9.02 -18.18 -18.81
C ASN A 428 -9.85 -16.92 -18.86
N MET A 429 -10.25 -16.46 -17.70
CA MET A 429 -11.15 -15.36 -17.75
C MET A 429 -10.30 -14.17 -18.09
N TRP A 430 -10.80 -13.31 -18.95
CA TRP A 430 -10.15 -12.11 -19.40
C TRP A 430 -8.92 -12.35 -20.28
N GLN A 431 -8.71 -13.58 -20.74
CA GLN A 431 -7.63 -13.88 -21.68
C GLN A 431 -6.23 -13.45 -21.24
N ARG A 432 -5.79 -13.90 -20.09
CA ARG A 432 -4.47 -13.52 -19.61
C ARG A 432 -3.54 -14.70 -19.45
N ILE A 433 -2.27 -14.46 -19.48
CA ILE A 433 -1.33 -15.56 -19.37
C ILE A 433 -0.90 -15.82 -17.95
N GLY A 434 -1.04 -17.07 -17.51
CA GLY A 434 -0.66 -17.48 -16.15
C GLY A 434 -1.78 -17.33 -15.17
N GLN A 435 -2.96 -17.09 -15.70
CA GLN A 435 -4.14 -16.88 -14.89
C GLN A 435 -5.24 -17.85 -15.19
N ALA A 436 -4.93 -19.09 -15.56
CA ALA A 436 -6.04 -19.97 -15.81
C ALA A 436 -6.59 -20.38 -14.48
N MET A 437 -7.90 -20.36 -14.37
CA MET A 437 -8.50 -20.75 -13.12
C MET A 437 -9.17 -22.11 -13.23
N TYR A 438 -8.96 -22.95 -12.23
CA TYR A 438 -9.63 -24.23 -12.17
C TYR A 438 -10.82 -24.17 -11.29
N ALA A 439 -11.95 -24.47 -11.89
CA ALA A 439 -13.18 -24.43 -11.17
C ALA A 439 -13.42 -25.80 -10.56
N PRO A 440 -13.45 -25.92 -9.24
CA PRO A 440 -13.60 -27.15 -8.56
C PRO A 440 -15.02 -27.58 -8.82
N PRO A 441 -15.32 -28.86 -8.74
CA PRO A 441 -16.64 -29.41 -8.83
C PRO A 441 -17.51 -28.93 -7.71
N ILE A 442 -18.78 -28.91 -8.00
CA ILE A 442 -19.82 -28.59 -7.06
C ILE A 442 -20.62 -29.86 -6.93
N GLN A 443 -20.90 -30.27 -5.71
CA GLN A 443 -21.63 -31.50 -5.50
C GLN A 443 -23.11 -31.29 -5.67
N GLY A 444 -23.82 -32.37 -5.98
CA GLY A 444 -25.26 -32.27 -6.16
C GLY A 444 -25.59 -31.81 -7.57
N VAL A 445 -26.77 -31.21 -7.71
CA VAL A 445 -27.38 -30.80 -8.97
C VAL A 445 -27.66 -29.31 -8.94
N ILE A 446 -27.35 -28.62 -10.04
CA ILE A 446 -27.56 -27.18 -10.05
C ILE A 446 -28.71 -26.68 -10.91
N ARG A 447 -29.51 -25.82 -10.32
CA ARG A 447 -30.60 -25.16 -11.02
C ARG A 447 -30.37 -23.67 -10.99
N CYS A 448 -30.61 -23.02 -12.11
CA CYS A 448 -30.42 -21.58 -12.18
C CYS A 448 -31.60 -20.92 -12.83
N VAL A 449 -32.14 -19.89 -12.21
CA VAL A 449 -33.23 -19.21 -12.87
C VAL A 449 -32.95 -17.75 -12.98
N SER A 450 -33.03 -17.22 -14.18
CA SER A 450 -32.79 -15.81 -14.39
C SER A 450 -33.48 -15.30 -15.61
N ASN A 451 -33.53 -13.99 -15.74
CA ASN A 451 -34.13 -13.42 -16.92
C ASN A 451 -33.12 -12.71 -17.81
N ILE A 452 -33.38 -12.82 -19.10
CA ILE A 452 -32.62 -12.10 -20.09
C ILE A 452 -33.20 -10.73 -20.04
N THR A 453 -32.35 -9.73 -19.93
CA THR A 453 -32.79 -8.37 -19.91
C THR A 453 -32.38 -7.67 -21.17
N GLY A 454 -31.51 -8.31 -21.95
CA GLY A 454 -31.10 -7.71 -23.18
C GLY A 454 -30.19 -8.58 -24.02
N LEU A 455 -29.82 -8.04 -25.18
CA LEU A 455 -29.01 -8.74 -26.16
C LEU A 455 -27.78 -8.00 -26.59
N ILE A 456 -26.77 -8.75 -27.00
CA ILE A 456 -25.65 -8.14 -27.66
C ILE A 456 -25.72 -8.58 -29.10
N LEU A 457 -25.96 -7.67 -30.00
CA LEU A 457 -26.07 -8.08 -31.39
C LEU A 457 -25.05 -7.47 -32.28
N THR A 458 -24.73 -8.18 -33.36
CA THR A 458 -23.89 -7.63 -34.40
C THR A 458 -24.67 -7.73 -35.68
N ARG A 459 -24.29 -6.93 -36.66
CA ARG A 459 -24.94 -6.94 -37.96
C ARG A 459 -23.97 -7.25 -39.06
N ASP A 460 -24.35 -8.17 -39.93
CA ASP A 460 -23.49 -8.55 -41.03
C ASP A 460 -23.28 -7.41 -41.98
N GLY A 461 -22.06 -7.29 -42.47
CA GLY A 461 -21.75 -6.33 -43.50
C GLY A 461 -21.53 -7.13 -44.77
N GLY A 462 -20.87 -6.54 -45.76
CA GLY A 462 -20.59 -7.26 -47.00
C GLY A 462 -21.75 -7.22 -48.00
N SER A 463 -22.75 -6.42 -47.74
CA SER A 463 -23.90 -6.36 -48.64
C SER A 463 -24.56 -5.01 -48.66
N THR A 464 -25.02 -4.65 -49.85
CA THR A 464 -25.78 -3.44 -50.10
C THR A 464 -27.21 -3.79 -50.40
N ASN A 465 -27.55 -5.07 -50.29
CA ASN A 465 -28.90 -5.45 -50.59
C ASN A 465 -29.72 -5.28 -49.36
N SER A 466 -30.29 -4.10 -49.26
CA SER A 466 -31.05 -3.60 -48.13
C SER A 466 -32.31 -4.39 -47.88
N THR A 467 -32.69 -5.24 -48.81
CA THR A 467 -33.89 -6.01 -48.64
C THR A 467 -33.87 -6.73 -47.31
N THR A 468 -32.73 -7.35 -46.98
CA THR A 468 -32.69 -8.10 -45.74
C THR A 468 -31.44 -7.82 -44.93
N GLU A 469 -31.64 -7.55 -43.65
CA GLU A 469 -30.51 -7.36 -42.76
C GLU A 469 -30.31 -8.63 -41.96
N THR A 470 -29.07 -8.97 -41.63
CA THR A 470 -28.81 -10.15 -40.81
C THR A 470 -28.11 -9.82 -39.52
N PHE A 471 -28.68 -10.34 -38.43
CA PHE A 471 -28.13 -10.13 -37.10
C PHE A 471 -27.71 -11.41 -36.45
N ARG A 472 -26.66 -11.31 -35.65
CA ARG A 472 -26.16 -12.45 -34.93
C ARG A 472 -25.88 -12.05 -33.50
N PRO A 473 -25.96 -12.98 -32.55
CA PRO A 473 -25.61 -12.74 -31.19
C PRO A 473 -24.11 -12.51 -31.12
N GLY A 474 -23.68 -11.60 -30.27
CA GLY A 474 -22.27 -11.28 -30.10
C GLY A 474 -21.83 -11.32 -28.63
N GLY A 475 -20.88 -10.46 -28.30
CA GLY A 475 -20.29 -10.42 -26.98
C GLY A 475 -18.82 -10.81 -27.07
N GLY A 476 -18.05 -10.33 -26.13
CA GLY A 476 -16.62 -10.56 -26.08
C GLY A 476 -16.02 -9.50 -25.18
N ASP A 477 -16.10 -8.25 -25.58
CA ASP A 477 -15.58 -7.22 -24.71
C ASP A 477 -16.62 -6.88 -23.65
N MET A 478 -16.31 -7.24 -22.42
CA MET A 478 -17.17 -7.11 -21.26
C MET A 478 -17.56 -5.67 -20.97
N ARG A 479 -16.81 -4.72 -21.50
CA ARG A 479 -17.13 -3.34 -21.27
C ARG A 479 -18.54 -3.03 -21.71
N ASP A 480 -19.00 -3.68 -22.76
CA ASP A 480 -20.32 -3.38 -23.23
C ASP A 480 -21.39 -3.87 -22.27
N ASN A 481 -21.12 -4.91 -21.49
CA ASN A 481 -22.19 -5.35 -20.63
C ASN A 481 -22.32 -4.35 -19.53
N TRP A 482 -21.21 -3.83 -19.08
CA TRP A 482 -21.28 -2.85 -18.02
C TRP A 482 -21.91 -1.59 -18.50
N ARG A 483 -21.59 -1.21 -19.73
CA ARG A 483 -22.14 -0.02 -20.31
C ARG A 483 -23.65 -0.10 -20.33
N SER A 484 -24.19 -1.30 -20.55
CA SER A 484 -25.62 -1.44 -20.65
C SER A 484 -26.35 -1.01 -19.38
N GLU A 485 -25.66 -0.92 -18.23
CA GLU A 485 -26.29 -0.45 -17.01
C GLU A 485 -25.82 0.95 -16.66
N LEU A 486 -24.53 1.18 -16.86
CA LEU A 486 -23.90 2.42 -16.47
C LEU A 486 -24.33 3.62 -17.25
N TYR A 487 -24.81 3.41 -18.46
CA TYR A 487 -25.26 4.47 -19.35
C TYR A 487 -26.23 5.44 -18.73
N LYS A 488 -26.91 5.06 -17.66
CA LYS A 488 -27.86 5.97 -17.08
C LYS A 488 -27.17 7.14 -16.39
N TYR A 489 -25.87 6.98 -16.06
CA TYR A 489 -25.15 7.93 -15.24
C TYR A 489 -23.99 8.69 -15.86
N LYS A 490 -23.76 9.89 -15.34
CA LYS A 490 -22.62 10.73 -15.67
C LYS A 490 -21.93 11.28 -14.44
N VAL A 491 -20.61 11.38 -14.47
CA VAL A 491 -19.89 11.95 -13.34
C VAL A 491 -19.46 13.38 -13.59
N VAL A 492 -19.80 14.25 -12.63
CA VAL A 492 -19.40 15.64 -12.77
C VAL A 492 -18.67 16.12 -11.53
N LYS A 493 -17.91 17.19 -11.71
CA LYS A 493 -17.18 17.82 -10.62
C LYS A 493 -17.72 19.20 -10.35
N ILE A 494 -17.88 19.50 -9.08
CA ILE A 494 -18.44 20.75 -8.70
C ILE A 494 -17.35 21.79 -8.51
N GLU A 495 -17.62 22.96 -9.07
CA GLU A 495 -16.72 24.11 -9.05
C GLU A 495 -17.42 25.30 -8.42
N PRO A 496 -17.51 25.35 -7.10
CA PRO A 496 -18.33 26.24 -6.32
C PRO A 496 -17.90 27.70 -6.28
N LEU A 497 -16.69 28.01 -6.73
CA LEU A 497 -16.21 29.37 -6.63
C LEU A 497 -16.25 30.11 -7.96
N GLY A 498 -16.86 31.30 -7.98
CA GLY A 498 -16.95 32.10 -9.20
C GLY A 498 -17.44 33.52 -8.97
N VAL A 499 -17.59 34.29 -10.04
CA VAL A 499 -17.99 35.68 -9.90
C VAL A 499 -19.15 36.05 -10.79
N ALA A 500 -19.75 37.19 -10.47
CA ALA A 500 -20.80 37.77 -11.27
C ALA A 500 -20.83 39.29 -11.02
N PRO A 501 -21.31 40.11 -11.97
CA PRO A 501 -21.49 41.53 -11.86
C PRO A 501 -22.58 41.88 -10.92
N THR A 502 -22.33 42.91 -10.15
CA THR A 502 -23.27 43.49 -9.22
C THR A 502 -23.19 44.99 -9.23
N ARG A 503 -24.00 45.59 -8.39
CA ARG A 503 -24.03 47.02 -8.17
C ARG A 503 -23.49 47.33 -6.78
N CYS A 504 -22.80 46.36 -6.21
CA CYS A 504 -22.30 46.50 -4.87
C CYS A 504 -20.81 46.53 -4.86
N LYS A 505 -20.25 47.33 -3.97
CA LYS A 505 -18.82 47.33 -3.85
C LYS A 505 -18.47 47.27 -2.39
N ARG A 506 -17.36 46.67 -2.09
CA ARG A 506 -16.90 46.58 -0.73
C ARG A 506 -17.01 47.92 -0.02
N PHE B 8 -33.09 20.69 2.15
CA PHE B 8 -34.36 21.00 1.53
C PHE B 8 -34.35 20.82 0.03
N LEU B 9 -33.63 21.67 -0.68
CA LEU B 9 -33.61 21.53 -2.13
C LEU B 9 -32.64 20.45 -2.54
N GLY B 10 -31.63 20.19 -1.72
CA GLY B 10 -30.65 19.20 -2.07
C GLY B 10 -29.41 19.87 -2.60
N PHE B 11 -28.34 19.10 -2.74
CA PHE B 11 -27.03 19.61 -3.10
C PHE B 11 -26.98 20.47 -4.35
N LEU B 12 -27.56 20.03 -5.44
CA LEU B 12 -27.60 20.85 -6.64
C LEU B 12 -29.01 21.31 -6.89
N GLY B 13 -29.85 21.22 -5.87
CA GLY B 13 -31.27 21.47 -5.99
C GLY B 13 -31.62 22.83 -6.53
N ALA B 14 -30.82 23.81 -6.20
CA ALA B 14 -31.08 25.16 -6.60
C ALA B 14 -30.57 25.49 -7.99
N ALA B 15 -29.96 24.54 -8.67
CA ALA B 15 -29.33 24.82 -9.96
C ALA B 15 -30.28 25.43 -10.99
N GLY B 16 -31.54 25.03 -10.99
CA GLY B 16 -32.48 25.52 -12.00
C GLY B 16 -33.22 26.80 -11.63
N SER B 17 -32.86 27.42 -10.52
CA SER B 17 -33.59 28.60 -10.04
C SER B 17 -33.08 29.99 -10.45
N THR B 18 -32.13 30.03 -11.36
CA THR B 18 -31.47 31.25 -11.87
C THR B 18 -30.68 31.87 -10.76
N MET B 19 -29.65 32.65 -11.06
CA MET B 19 -28.65 32.93 -10.03
C MET B 19 -29.21 33.61 -8.77
N GLY B 20 -30.16 34.50 -9.01
CA GLY B 20 -30.81 35.31 -8.01
C GLY B 20 -31.57 34.50 -6.98
N ALA B 21 -31.81 33.23 -7.24
CA ALA B 21 -32.45 32.40 -6.26
C ALA B 21 -31.63 31.16 -6.06
N ALA B 22 -30.89 30.79 -7.08
CA ALA B 22 -30.13 29.57 -7.08
C ALA B 22 -29.04 29.57 -6.02
N SER B 23 -28.43 30.72 -5.79
CA SER B 23 -27.39 30.74 -4.78
C SER B 23 -27.67 31.76 -3.72
N MET B 24 -28.45 32.78 -4.08
CA MET B 24 -28.68 33.95 -3.24
C MET B 24 -29.66 33.74 -2.13
N THR B 25 -30.17 32.53 -2.05
CA THR B 25 -31.08 32.07 -1.04
C THR B 25 -30.30 31.36 0.00
N LEU B 26 -28.99 31.38 -0.19
CA LEU B 26 -27.99 30.76 0.60
C LEU B 26 -28.06 29.26 0.52
N THR B 27 -28.70 28.79 -0.56
CA THR B 27 -28.72 27.38 -0.90
C THR B 27 -27.28 26.98 -1.14
N VAL B 28 -26.49 27.97 -1.59
CA VAL B 28 -25.10 27.77 -1.83
C VAL B 28 -24.40 27.31 -0.56
N GLN B 29 -24.81 27.82 0.59
CA GLN B 29 -24.12 27.43 1.79
C GLN B 29 -24.67 26.17 2.35
N ALA B 30 -25.98 26.12 2.35
CA ALA B 30 -26.68 25.07 3.03
C ALA B 30 -26.31 23.72 2.52
N ARG B 31 -26.06 23.59 1.23
CA ARG B 31 -25.71 22.29 0.76
C ARG B 31 -24.56 22.33 -0.19
N ASN B 32 -24.58 23.24 -1.15
CA ASN B 32 -23.51 23.13 -2.13
C ASN B 32 -22.15 23.26 -1.46
N LEU B 33 -22.03 24.17 -0.48
CA LEU B 33 -20.78 24.31 0.23
C LEU B 33 -20.67 23.29 1.35
N LEU B 34 -21.73 23.08 2.11
CA LEU B 34 -21.63 22.16 3.24
C LEU B 34 -21.17 20.76 2.82
N SER B 35 -21.60 20.32 1.66
CA SER B 35 -21.25 19.00 1.16
C SER B 35 -19.85 18.95 0.54
N GLY B 36 -19.25 20.09 0.30
CA GLY B 36 -18.00 20.20 -0.43
C GLY B 36 -16.88 19.44 0.23
N ILE B 37 -16.89 19.38 1.55
CA ILE B 37 -15.84 18.70 2.28
C ILE B 37 -16.46 17.71 3.21
N VAL B 38 -17.57 17.12 2.80
CA VAL B 38 -18.23 16.16 3.65
C VAL B 38 -17.84 14.74 3.27
N VAL B 59 -4.07 -4.25 0.43
CA VAL B 59 -3.71 -2.94 -0.08
C VAL B 59 -4.69 -2.48 -1.13
N TRP B 60 -5.83 -3.13 -1.15
CA TRP B 60 -6.86 -2.80 -2.12
C TRP B 60 -7.38 -1.36 -1.99
N GLY B 61 -7.68 -0.94 -0.77
CA GLY B 61 -8.30 0.37 -0.52
C GLY B 61 -7.37 1.55 -0.57
N ILE B 62 -6.59 1.63 -1.63
CA ILE B 62 -5.68 2.73 -1.80
C ILE B 62 -6.48 3.91 -2.33
N LYS B 63 -7.46 3.58 -3.14
CA LYS B 63 -8.32 4.53 -3.79
C LYS B 63 -9.02 5.38 -2.79
N GLN B 64 -9.35 4.78 -1.67
CA GLN B 64 -10.07 5.46 -0.63
C GLN B 64 -9.25 6.59 -0.03
N LEU B 65 -7.92 6.43 0.07
CA LEU B 65 -7.13 7.52 0.62
C LEU B 65 -6.95 8.55 -0.44
N GLN B 66 -6.84 8.10 -1.68
CA GLN B 66 -6.62 9.06 -2.72
C GLN B 66 -7.81 9.98 -2.81
N ALA B 67 -9.01 9.41 -2.69
CA ALA B 67 -10.21 10.21 -2.77
C ALA B 67 -10.30 11.19 -1.63
N ARG B 68 -9.93 10.77 -0.44
CA ARG B 68 -10.02 11.66 0.68
C ARG B 68 -9.03 12.80 0.53
N VAL B 69 -7.83 12.46 0.08
CA VAL B 69 -6.82 13.49 -0.04
C VAL B 69 -7.19 14.49 -1.09
N LEU B 70 -7.67 14.03 -2.22
CA LEU B 70 -7.99 14.96 -3.26
C LEU B 70 -9.14 15.85 -2.86
N ALA B 71 -10.12 15.31 -2.14
CA ALA B 71 -11.21 16.15 -1.70
C ALA B 71 -10.67 17.23 -0.80
N VAL B 72 -9.72 16.87 0.06
CA VAL B 72 -9.15 17.86 0.93
C VAL B 72 -8.44 18.91 0.13
N GLU B 73 -7.67 18.51 -0.85
CA GLU B 73 -6.96 19.51 -1.60
C GLU B 73 -7.88 20.49 -2.30
N ARG B 74 -8.97 20.00 -2.88
CA ARG B 74 -9.83 20.93 -3.57
C ARG B 74 -10.45 21.91 -2.62
N TYR B 75 -10.87 21.42 -1.46
CA TYR B 75 -11.48 22.30 -0.50
C TYR B 75 -10.51 23.38 -0.11
N LEU B 76 -9.30 22.97 0.19
CA LEU B 76 -8.35 23.93 0.62
C LEU B 76 -7.98 24.91 -0.47
N ARG B 77 -7.95 24.50 -1.74
CA ARG B 77 -7.60 25.49 -2.74
C ARG B 77 -8.66 26.57 -2.76
N ASP B 78 -9.93 26.19 -2.62
CA ASP B 78 -10.94 27.22 -2.65
C ASP B 78 -10.76 28.17 -1.50
N GLN B 79 -10.42 27.63 -0.34
CA GLN B 79 -10.29 28.51 0.79
C GLN B 79 -9.10 29.40 0.66
N GLN B 80 -8.01 28.91 0.08
CA GLN B 80 -6.88 29.79 -0.03
C GLN B 80 -7.18 30.92 -0.98
N LEU B 81 -7.94 30.66 -2.05
CA LEU B 81 -8.27 31.74 -2.97
C LEU B 81 -9.15 32.77 -2.31
N LEU B 82 -10.09 32.34 -1.51
CA LEU B 82 -10.92 33.29 -0.82
C LEU B 82 -10.07 34.06 0.14
N GLY B 83 -9.12 33.39 0.74
CA GLY B 83 -8.22 34.03 1.67
C GLY B 83 -7.42 35.14 1.02
N ILE B 84 -6.76 34.84 -0.09
CA ILE B 84 -5.94 35.85 -0.75
C ILE B 84 -6.77 37.02 -1.25
N TRP B 85 -8.03 36.81 -1.59
CA TRP B 85 -8.90 37.88 -2.04
C TRP B 85 -9.57 38.66 -0.92
N GLY B 86 -9.35 38.27 0.33
CA GLY B 86 -9.97 38.93 1.47
C GLY B 86 -11.42 38.53 1.65
N CYS B 87 -11.77 37.36 1.14
CA CYS B 87 -13.13 36.88 1.17
C CYS B 87 -13.33 35.63 2.00
N SER B 88 -12.44 35.35 2.92
CA SER B 88 -12.71 34.17 3.70
C SER B 88 -13.83 34.48 4.65
N GLY B 89 -14.56 33.45 5.07
CA GLY B 89 -15.61 33.64 6.06
C GLY B 89 -16.85 34.31 5.46
N LYS B 90 -17.04 34.19 4.16
CA LYS B 90 -18.15 34.83 3.50
C LYS B 90 -18.78 33.90 2.50
N LEU B 91 -20.07 34.01 2.28
CA LEU B 91 -20.65 33.25 1.20
C LEU B 91 -20.57 34.10 -0.07
N ILE B 92 -20.86 35.39 0.10
CA ILE B 92 -20.81 36.40 -0.93
C ILE B 92 -19.82 37.46 -0.52
N CYS B 93 -18.90 37.79 -1.39
CA CYS B 93 -17.90 38.78 -1.06
C CYS B 93 -17.73 39.87 -2.09
N CYS B 94 -18.11 41.07 -1.72
CA CYS B 94 -17.95 42.14 -2.67
C CYS B 94 -16.55 42.68 -2.54
N THR B 95 -16.00 43.08 -3.67
CA THR B 95 -14.71 43.72 -3.74
C THR B 95 -14.87 45.11 -4.31
N ASN B 96 -13.78 45.81 -4.52
CA ASN B 96 -13.82 47.17 -5.05
C ASN B 96 -13.41 47.26 -6.52
N VAL B 97 -13.37 46.12 -7.16
CA VAL B 97 -13.02 45.99 -8.55
C VAL B 97 -14.29 46.16 -9.35
N PRO B 98 -14.34 47.06 -10.36
CA PRO B 98 -15.48 47.32 -11.20
C PRO B 98 -15.67 46.14 -12.10
N TRP B 99 -16.89 45.90 -12.54
CA TRP B 99 -17.08 44.81 -13.47
C TRP B 99 -16.63 45.25 -14.82
N ASN B 100 -15.95 44.38 -15.54
CA ASN B 100 -15.61 44.71 -16.91
C ASN B 100 -16.66 44.20 -17.88
N SER B 101 -17.39 45.11 -18.48
CA SER B 101 -18.46 44.76 -19.40
C SER B 101 -17.87 44.14 -20.65
N SER B 102 -16.57 44.31 -20.85
CA SER B 102 -15.90 43.76 -22.02
C SER B 102 -15.92 42.24 -21.97
N TRP B 103 -16.16 41.67 -20.78
CA TRP B 103 -16.22 40.24 -20.59
C TRP B 103 -17.62 39.69 -20.83
N SER B 104 -18.61 40.57 -20.72
CA SER B 104 -20.03 40.25 -20.78
C SER B 104 -20.86 41.47 -20.50
N ASN B 105 -21.67 41.87 -21.47
CA ASN B 105 -22.49 43.05 -21.30
C ASN B 105 -23.98 42.72 -21.33
N ARG B 106 -24.57 42.65 -20.14
CA ARG B 106 -25.96 42.30 -19.92
C ARG B 106 -26.50 43.15 -18.79
N ASN B 107 -27.82 43.31 -18.68
CA ASN B 107 -28.39 44.06 -17.58
C ASN B 107 -28.38 43.24 -16.30
N LEU B 108 -28.22 43.87 -15.16
CA LEU B 108 -28.18 43.07 -13.95
C LEU B 108 -29.45 42.27 -13.73
N SER B 109 -30.60 42.79 -14.13
CA SER B 109 -31.82 42.05 -13.91
C SER B 109 -31.90 40.76 -14.72
N GLU B 110 -31.28 40.69 -15.90
CA GLU B 110 -31.40 39.45 -16.63
C GLU B 110 -30.35 38.49 -16.12
N ILE B 111 -29.22 39.07 -15.72
CA ILE B 111 -28.11 38.27 -15.27
C ILE B 111 -28.51 37.55 -14.04
N TRP B 112 -29.13 38.25 -13.12
CA TRP B 112 -29.54 37.63 -11.90
C TRP B 112 -30.87 36.91 -11.91
N ASP B 113 -31.87 37.39 -12.64
CA ASP B 113 -33.14 36.71 -12.51
C ASP B 113 -33.48 35.64 -13.54
N ASN B 114 -33.00 35.72 -14.80
CA ASN B 114 -33.45 34.69 -15.73
C ASN B 114 -32.36 33.68 -16.07
N MET B 115 -31.10 34.06 -15.89
CA MET B 115 -30.00 33.16 -16.19
C MET B 115 -29.47 32.42 -14.95
N THR B 116 -29.04 31.15 -15.10
CA THR B 116 -28.44 30.42 -13.98
C THR B 116 -26.94 30.39 -14.02
N TRP B 117 -26.37 29.79 -12.99
CA TRP B 117 -24.93 29.75 -12.80
C TRP B 117 -24.18 28.94 -13.83
N LEU B 118 -24.79 27.88 -14.33
CA LEU B 118 -24.08 27.08 -15.28
C LEU B 118 -24.01 27.85 -16.59
N GLN B 119 -25.12 28.49 -16.93
CA GLN B 119 -25.19 29.27 -18.14
C GLN B 119 -24.26 30.46 -18.05
N TRP B 120 -24.20 31.01 -16.87
CA TRP B 120 -23.37 32.14 -16.63
C TRP B 120 -21.92 31.76 -16.84
N ASP B 121 -21.48 30.64 -16.28
CA ASP B 121 -20.09 30.29 -16.49
C ASP B 121 -19.80 30.06 -17.96
N LYS B 122 -20.76 29.50 -18.68
CA LYS B 122 -20.47 29.30 -20.09
C LYS B 122 -20.13 30.63 -20.74
N GLU B 123 -20.82 31.71 -20.36
CA GLU B 123 -20.52 33.01 -20.93
C GLU B 123 -19.24 33.69 -20.41
N ILE B 124 -18.91 33.53 -19.13
CA ILE B 124 -17.74 34.26 -18.64
C ILE B 124 -16.50 33.47 -18.23
N SER B 125 -16.46 32.19 -18.50
CA SER B 125 -15.30 31.37 -18.16
C SER B 125 -13.96 31.92 -18.64
N ASN B 126 -13.91 32.52 -19.82
CA ASN B 126 -12.66 32.97 -20.39
C ASN B 126 -12.07 34.17 -19.68
N TYR B 127 -12.79 34.76 -18.75
CA TYR B 127 -12.26 35.93 -18.12
C TYR B 127 -11.91 35.66 -16.69
N THR B 128 -12.01 34.40 -16.30
CA THR B 128 -11.76 33.98 -14.95
C THR B 128 -10.39 34.33 -14.47
N GLN B 129 -9.40 34.10 -15.30
CA GLN B 129 -8.07 34.34 -14.84
C GLN B 129 -7.78 35.83 -14.76
N ILE B 130 -8.44 36.61 -15.59
CA ILE B 130 -8.19 38.02 -15.59
C ILE B 130 -8.69 38.55 -14.29
N ILE B 131 -9.90 38.15 -13.94
CA ILE B 131 -10.45 38.62 -12.72
C ILE B 131 -9.72 38.12 -11.53
N TYR B 132 -9.24 36.89 -11.53
CA TYR B 132 -8.55 36.49 -10.34
C TYR B 132 -7.33 37.36 -10.12
N GLY B 133 -6.60 37.68 -11.20
CA GLY B 133 -5.43 38.53 -11.03
C GLY B 133 -5.82 39.90 -10.48
N LEU B 134 -6.92 40.45 -10.99
CA LEU B 134 -7.36 41.75 -10.53
C LEU B 134 -7.76 41.70 -9.07
N LEU B 135 -8.40 40.61 -8.67
CA LEU B 135 -8.83 40.52 -7.30
C LEU B 135 -7.64 40.48 -6.39
N GLU B 136 -6.61 39.75 -6.78
CA GLU B 136 -5.45 39.66 -5.93
C GLU B 136 -4.77 41.00 -5.80
N GLU B 137 -4.66 41.72 -6.91
CA GLU B 137 -3.94 42.96 -6.79
C GLU B 137 -4.72 43.93 -5.96
N SER B 138 -6.04 43.96 -6.12
CA SER B 138 -6.78 44.89 -5.35
C SER B 138 -6.64 44.60 -3.88
N GLN B 139 -6.73 43.33 -3.50
CA GLN B 139 -6.64 43.05 -2.08
C GLN B 139 -5.29 43.43 -1.55
N ASN B 140 -4.26 43.24 -2.37
CA ASN B 140 -2.93 43.56 -1.92
C ASN B 140 -2.80 45.05 -1.69
N GLN B 141 -3.42 45.86 -2.55
CA GLN B 141 -3.35 47.29 -2.38
C GLN B 141 -4.19 47.72 -1.20
N GLN B 142 -5.30 47.06 -0.97
CA GLN B 142 -6.14 47.47 0.13
C GLN B 142 -5.43 47.22 1.43
N GLU B 143 -4.76 46.10 1.54
CA GLU B 143 -4.08 45.82 2.76
C GLU B 143 -2.92 46.78 2.92
N LYS B 144 -2.23 47.07 1.83
CA LYS B 144 -1.11 47.99 1.88
C LYS B 144 -1.59 49.33 2.43
N ASN B 145 -2.75 49.79 1.97
CA ASN B 145 -3.23 51.07 2.43
C ASN B 145 -3.54 51.03 3.90
N GLU B 146 -4.08 49.91 4.38
CA GLU B 146 -4.37 49.82 5.80
C GLU B 146 -3.08 49.86 6.60
N GLN B 147 -2.03 49.23 6.06
CA GLN B 147 -0.76 49.20 6.74
C GLN B 147 -0.19 50.61 6.84
N ASP B 148 -0.36 51.41 5.78
CA ASP B 148 0.12 52.78 5.84
C ASP B 148 -0.68 53.57 6.86
N LEU B 149 -1.98 53.32 6.93
CA LEU B 149 -2.78 54.05 7.88
C LEU B 149 -2.38 53.72 9.30
N LEU B 150 -2.06 52.46 9.59
CA LEU B 150 -1.65 52.17 10.96
C LEU B 150 -0.33 52.83 11.30
N ALA B 151 0.60 52.86 10.35
CA ALA B 151 1.91 53.44 10.57
C ALA B 151 1.82 54.91 10.91
N LEU B 152 0.85 55.58 10.34
CA LEU B 152 0.67 57.00 10.53
C LEU B 152 -0.37 57.31 11.60
N ASP B 153 -0.88 56.30 12.27
CA ASP B 153 -1.90 56.51 13.28
C ASP B 153 -1.26 56.84 14.62
N THR C 98 4.89 5.23 -49.47
CA THR C 98 5.03 4.01 -48.70
C THR C 98 3.93 3.89 -47.66
N ASN C 99 3.69 2.66 -47.21
CA ASN C 99 2.66 2.37 -46.22
C ASN C 99 3.02 1.14 -45.42
N LYS C 100 2.15 0.80 -44.48
CA LYS C 100 2.31 -0.34 -43.59
C LYS C 100 1.05 -1.17 -43.60
N LYS C 101 1.19 -2.44 -43.22
CA LYS C 101 0.01 -3.30 -43.16
C LYS C 101 -0.77 -3.03 -41.88
N GLU C 102 -1.52 -1.95 -41.92
CA GLU C 102 -2.31 -1.47 -40.80
C GLU C 102 -3.71 -2.02 -40.87
N CYS C 103 -4.31 -2.27 -39.73
CA CYS C 103 -5.69 -2.71 -39.66
C CYS C 103 -6.61 -1.49 -39.68
N PRO C 104 -7.83 -1.63 -40.19
CA PRO C 104 -8.83 -0.59 -40.20
C PRO C 104 -9.27 -0.32 -38.80
N GLU C 105 -9.82 0.84 -38.59
CA GLU C 105 -10.29 1.19 -37.28
C GLU C 105 -11.30 0.17 -36.86
N ASP C 106 -11.36 -0.03 -35.55
CA ASP C 106 -12.23 -0.98 -34.88
C ASP C 106 -11.81 -2.44 -35.08
N TYR C 107 -10.64 -2.65 -35.68
CA TYR C 107 -10.03 -3.97 -35.81
C TYR C 107 -8.58 -3.90 -35.38
N THR C 108 -8.08 -4.96 -34.80
CA THR C 108 -6.67 -4.96 -34.51
C THR C 108 -5.99 -6.14 -35.08
N TYR C 109 -4.69 -6.16 -34.98
CA TYR C 109 -3.99 -7.28 -35.57
C TYR C 109 -3.96 -8.46 -34.63
N ASN C 110 -4.37 -9.62 -35.10
CA ASN C 110 -4.34 -10.79 -34.25
C ASN C 110 -3.99 -12.06 -35.01
N PRO C 111 -2.72 -12.43 -35.08
CA PRO C 111 -2.19 -13.51 -35.90
C PRO C 111 -2.72 -14.86 -35.46
N ARG C 112 -3.23 -14.90 -34.24
CA ARG C 112 -3.75 -16.11 -33.68
C ARG C 112 -4.92 -16.62 -34.44
N CYS C 113 -5.75 -15.71 -34.89
CA CYS C 113 -7.00 -16.18 -35.46
C CYS C 113 -6.80 -16.93 -36.75
N PRO C 114 -6.13 -16.42 -37.78
CA PRO C 114 -6.00 -17.18 -38.98
C PRO C 114 -5.21 -18.45 -38.76
N GLN C 115 -4.31 -18.46 -37.77
CA GLN C 115 -3.53 -19.67 -37.57
C GLN C 115 -4.28 -20.74 -36.83
N GLN C 116 -5.06 -20.33 -35.87
CA GLN C 116 -5.80 -21.26 -35.06
C GLN C 116 -6.94 -21.84 -35.84
N TYR C 117 -7.53 -21.03 -36.71
CA TYR C 117 -8.69 -21.51 -37.43
C TYR C 117 -8.55 -21.84 -38.90
N GLY C 118 -7.49 -21.40 -39.59
CA GLY C 118 -7.41 -21.70 -41.01
C GLY C 118 -8.31 -20.76 -41.81
N TRP C 119 -8.45 -19.55 -41.30
CA TRP C 119 -9.31 -18.57 -41.95
C TRP C 119 -8.58 -17.69 -42.94
N SER C 120 -9.12 -17.62 -44.14
CA SER C 120 -8.59 -16.79 -45.20
C SER C 120 -8.92 -15.35 -44.95
N ASP C 121 -8.06 -14.45 -45.43
CA ASP C 121 -8.32 -13.02 -45.38
C ASP C 121 -8.71 -12.55 -44.01
N CYS C 122 -8.01 -13.06 -43.02
CA CYS C 122 -8.31 -12.72 -41.64
C CYS C 122 -7.05 -12.38 -40.91
N ASP C 123 -6.56 -11.16 -41.10
CA ASP C 123 -5.34 -10.74 -40.46
C ASP C 123 -5.69 -9.98 -39.21
N CYS C 124 -6.76 -9.22 -39.35
CA CYS C 124 -7.23 -8.33 -38.34
C CYS C 124 -8.49 -8.87 -37.74
N MET C 125 -8.73 -8.59 -36.49
CA MET C 125 -9.94 -9.03 -35.83
C MET C 125 -10.67 -7.89 -35.18
N GLY C 126 -11.98 -7.91 -35.31
CA GLY C 126 -12.79 -6.85 -34.76
C GLY C 126 -12.57 -6.71 -33.28
N ASP C 127 -12.46 -5.48 -32.84
CA ASP C 127 -12.22 -5.11 -31.47
C ASP C 127 -13.46 -5.37 -30.65
N ARG C 128 -14.56 -5.44 -31.35
CA ARG C 128 -15.87 -5.63 -30.81
C ARG C 128 -15.99 -7.00 -30.16
N PHE C 129 -15.07 -7.90 -30.46
CA PHE C 129 -15.14 -9.19 -29.85
C PHE C 129 -14.15 -9.38 -28.73
N GLY C 130 -13.46 -8.34 -28.34
CA GLY C 130 -12.62 -8.44 -27.17
C GLY C 130 -11.34 -9.25 -27.31
N GLY C 131 -10.84 -9.45 -28.53
CA GLY C 131 -9.62 -10.23 -28.69
C GLY C 131 -9.90 -11.68 -29.04
N TYR C 132 -11.17 -12.06 -28.99
CA TYR C 132 -11.57 -13.40 -29.34
C TYR C 132 -11.72 -13.51 -30.84
N CYS C 133 -11.54 -14.70 -31.38
CA CYS C 133 -11.63 -14.95 -32.81
C CYS C 133 -12.99 -15.38 -33.30
N ARG C 134 -13.46 -14.74 -34.36
CA ARG C 134 -14.72 -15.06 -35.03
C ARG C 134 -14.65 -14.88 -36.53
N GLN C 135 -15.29 -15.72 -37.30
CA GLN C 135 -15.22 -15.52 -38.75
C GLN C 135 -15.78 -14.18 -39.19
N ASP C 136 -16.82 -13.69 -38.54
CA ASP C 136 -17.43 -12.46 -38.99
C ASP C 136 -16.71 -11.25 -38.46
N GLY C 137 -15.71 -11.51 -37.64
CA GLY C 137 -14.90 -10.47 -37.08
C GLY C 137 -13.64 -10.34 -37.87
N CYS C 138 -13.52 -11.12 -38.96
CA CYS C 138 -12.31 -11.08 -39.73
C CYS C 138 -12.25 -9.98 -40.73
N SER C 139 -11.05 -9.46 -40.89
CA SER C 139 -10.75 -8.48 -41.88
C SER C 139 -9.32 -8.56 -42.36
N ASN C 140 -9.12 -8.12 -43.56
CA ASN C 140 -7.80 -7.98 -44.09
C ASN C 140 -7.34 -6.58 -43.73
N TYR C 141 -6.16 -6.19 -44.18
CA TYR C 141 -5.58 -4.90 -43.87
C TYR C 141 -6.21 -3.80 -44.68
N ILE C 142 -5.97 -2.55 -44.27
CA ILE C 142 -6.54 -1.46 -45.02
C ILE C 142 -6.00 -1.54 -46.43
N HIS C 143 -6.89 -1.48 -47.41
CA HIS C 143 -6.48 -1.69 -48.78
C HIS C 143 -5.81 -0.53 -49.48
N ARG C 144 -4.54 -0.37 -49.20
CA ARG C 144 -3.76 0.64 -49.89
C ARG C 144 -2.38 0.10 -50.17
N SER C 145 -1.83 0.49 -51.32
CA SER C 145 -0.49 0.08 -51.71
C SER C 145 0.57 0.98 -51.07
N THR C 146 1.81 0.54 -51.15
CA THR C 146 2.93 1.27 -50.61
C THR C 146 3.59 2.12 -51.68
N TRP D 40 6.63 47.62 17.96
CA TRP D 40 5.46 46.73 17.92
C TRP D 40 5.64 45.53 17.06
N VAL D 41 4.94 44.49 17.41
CA VAL D 41 5.04 43.26 16.66
C VAL D 41 4.05 43.16 15.54
N THR D 42 4.54 42.88 14.36
CA THR D 42 3.68 42.64 13.24
C THR D 42 4.00 41.26 12.68
N VAL D 43 2.93 40.52 12.41
CA VAL D 43 3.01 39.17 11.89
C VAL D 43 2.91 39.16 10.39
N TYR D 44 3.81 38.46 9.73
CA TYR D 44 3.79 38.41 8.29
C TYR D 44 3.70 36.99 7.77
N TYR D 45 2.92 36.79 6.72
CA TYR D 45 2.83 35.48 6.13
C TYR D 45 3.19 35.48 4.66
N GLY D 46 3.94 34.49 4.22
CA GLY D 46 4.32 34.37 2.81
C GLY D 46 5.74 34.86 2.62
N VAL D 47 6.48 34.88 3.68
CA VAL D 47 7.82 35.32 3.61
C VAL D 47 8.68 34.34 2.81
N PRO D 48 9.44 34.78 1.80
CA PRO D 48 10.29 33.94 0.97
C PRO D 48 11.58 33.57 1.69
N VAL D 49 11.43 32.77 2.73
CA VAL D 49 12.52 32.34 3.60
C VAL D 49 12.53 30.83 3.74
N TRP D 50 13.71 30.24 3.89
CA TRP D 50 13.81 28.80 4.01
C TRP D 50 14.92 28.27 4.87
N LYS D 51 14.76 27.01 5.25
CA LYS D 51 15.74 26.22 5.98
C LYS D 51 16.17 25.02 5.19
N ASP D 52 17.35 24.50 5.52
CA ASP D 52 17.81 23.27 4.90
C ASP D 52 16.82 22.20 5.26
N ALA D 53 16.47 21.31 4.34
CA ALA D 53 15.52 20.29 4.75
C ALA D 53 15.64 19.00 3.98
N GLU D 54 15.17 17.93 4.60
CA GLU D 54 15.13 16.65 3.92
C GLU D 54 13.71 16.17 3.78
N THR D 55 13.31 15.96 2.56
CA THR D 55 12.00 15.44 2.26
C THR D 55 12.08 14.47 1.15
N THR D 56 10.95 13.89 0.81
CA THR D 56 10.86 12.93 -0.28
C THR D 56 10.47 13.63 -1.56
N LEU D 57 11.23 13.41 -2.61
CA LEU D 57 10.93 14.05 -3.89
C LEU D 57 10.15 13.15 -4.82
N PHE D 58 9.44 13.77 -5.74
CA PHE D 58 8.67 13.06 -6.74
C PHE D 58 9.51 12.78 -7.94
N CYS D 59 9.31 11.64 -8.56
CA CYS D 59 10.01 11.43 -9.81
C CYS D 59 9.08 11.75 -10.95
N ALA D 60 9.63 12.28 -12.03
CA ALA D 60 8.83 12.58 -13.20
C ALA D 60 9.57 12.35 -14.50
N SER D 61 8.81 12.01 -15.54
CA SER D 61 9.38 11.87 -16.88
C SER D 61 8.35 12.12 -17.97
N ASP D 62 8.83 12.57 -19.13
CA ASP D 62 8.00 12.76 -20.33
C ASP D 62 6.74 13.62 -20.18
N ALA D 63 6.84 14.89 -19.68
CA ALA D 63 5.66 15.77 -19.58
C ALA D 63 4.50 15.27 -20.45
N GLU D 69 3.26 3.05 -21.03
CA GLU D 69 3.66 1.72 -21.46
C GLU D 69 4.02 0.85 -20.26
N LYS D 70 4.38 -0.42 -20.52
CA LYS D 70 4.83 -1.33 -19.46
C LYS D 70 6.29 -1.66 -19.68
N HIS D 71 6.85 -0.98 -20.65
CA HIS D 71 8.22 -1.13 -21.08
C HIS D 71 9.06 -0.30 -20.16
N ASN D 72 10.36 -0.59 -20.11
CA ASN D 72 11.34 0.17 -19.33
C ASN D 72 11.24 0.02 -17.83
N VAL D 73 12.28 -0.55 -17.24
CA VAL D 73 12.22 -0.82 -15.82
C VAL D 73 12.25 0.44 -14.96
N TRP D 74 12.82 1.53 -15.45
CA TRP D 74 12.98 2.68 -14.59
C TRP D 74 11.78 3.60 -14.44
N ALA D 75 10.75 3.06 -13.84
CA ALA D 75 9.51 3.75 -13.48
C ALA D 75 8.80 4.50 -14.60
N THR D 76 8.76 4.03 -15.83
CA THR D 76 8.08 4.92 -16.78
C THR D 76 6.57 4.85 -16.66
N HIS D 77 6.08 3.77 -16.08
CA HIS D 77 4.67 3.60 -15.81
C HIS D 77 4.31 4.14 -14.43
N ALA D 78 5.33 4.49 -13.64
CA ALA D 78 5.15 4.84 -12.24
C ALA D 78 5.33 6.34 -11.96
N CYS D 79 6.25 6.98 -12.65
CA CYS D 79 6.52 8.39 -12.43
C CYS D 79 5.45 9.23 -13.08
N VAL D 80 5.36 10.47 -12.66
CA VAL D 80 4.34 11.36 -13.21
C VAL D 80 4.98 12.12 -14.36
N PRO D 81 4.22 12.84 -15.19
CA PRO D 81 4.73 13.67 -16.24
C PRO D 81 5.55 14.79 -15.65
N THR D 82 6.54 15.25 -16.37
CA THR D 82 7.31 16.40 -15.93
C THR D 82 6.50 17.60 -16.24
N ASP D 83 6.89 18.74 -15.68
CA ASP D 83 6.21 19.96 -16.03
C ASP D 83 6.58 20.18 -17.49
N PRO D 84 5.67 20.57 -18.39
CA PRO D 84 5.96 20.87 -19.77
C PRO D 84 6.90 22.05 -19.98
N ASN D 85 7.06 22.93 -18.98
CA ASN D 85 7.94 24.07 -19.15
C ASN D 85 8.87 24.29 -17.96
N PRO D 86 10.13 24.70 -18.17
CA PRO D 86 11.06 25.07 -17.10
C PRO D 86 10.44 26.20 -16.31
N GLN D 87 10.60 26.14 -15.00
CA GLN D 87 10.08 27.16 -14.11
C GLN D 87 11.17 27.87 -13.40
N GLU D 88 12.37 27.80 -13.93
CA GLU D 88 13.51 28.37 -13.26
C GLU D 88 13.44 29.88 -13.05
N ILE D 89 13.68 30.27 -11.81
CA ILE D 89 13.72 31.68 -11.43
C ILE D 89 15.07 32.07 -10.86
N HIS D 90 15.76 32.99 -11.50
CA HIS D 90 17.03 33.39 -10.92
C HIS D 90 16.79 34.34 -9.78
N LEU D 91 17.53 34.18 -8.69
CA LEU D 91 17.36 35.07 -7.57
C LEU D 91 18.53 36.03 -7.45
N GLU D 92 18.23 37.31 -7.50
CA GLU D 92 19.28 38.31 -7.44
C GLU D 92 19.59 38.65 -6.00
N ASN D 93 20.80 39.14 -5.77
CA ASN D 93 21.28 39.60 -4.47
C ASN D 93 21.18 38.56 -3.37
N VAL D 94 21.38 37.31 -3.72
CA VAL D 94 21.36 36.27 -2.74
C VAL D 94 22.50 35.34 -2.96
N THR D 95 22.89 34.63 -1.92
CA THR D 95 23.90 33.60 -2.01
C THR D 95 23.36 32.40 -1.27
N GLU D 96 23.95 31.25 -1.50
CA GLU D 96 23.54 30.06 -0.76
C GLU D 96 24.68 29.07 -0.58
N GLU D 97 24.63 28.30 0.51
CA GLU D 97 25.65 27.28 0.80
C GLU D 97 25.23 25.86 0.50
N PHE D 98 26.06 25.22 -0.31
CA PHE D 98 25.83 23.88 -0.77
C PHE D 98 26.89 22.92 -0.25
N ASN D 99 26.49 21.67 -0.10
CA ASN D 99 27.45 20.64 0.28
C ASN D 99 26.99 19.34 -0.31
N MET D 100 27.58 18.97 -1.42
CA MET D 100 27.15 17.79 -2.14
C MET D 100 27.42 16.51 -1.41
N TRP D 101 28.28 16.55 -0.41
CA TRP D 101 28.68 15.38 0.30
C TRP D 101 27.74 15.09 1.45
N LYS D 102 26.84 16.02 1.74
CA LYS D 102 25.90 15.88 2.84
C LYS D 102 24.48 15.82 2.31
N ASN D 103 24.36 15.74 1.01
CA ASN D 103 23.06 15.80 0.37
C ASN D 103 22.30 14.50 0.61
N ASN D 104 20.98 14.62 0.59
CA ASN D 104 20.10 13.48 0.76
C ASN D 104 19.41 13.09 -0.52
N MET D 105 19.50 13.93 -1.55
CA MET D 105 18.83 13.63 -2.81
C MET D 105 19.36 12.33 -3.36
N VAL D 106 20.65 12.11 -3.12
CA VAL D 106 21.35 10.94 -3.54
C VAL D 106 20.85 9.69 -2.83
N GLU D 107 20.36 9.81 -1.60
CA GLU D 107 19.90 8.63 -0.93
C GLU D 107 18.62 8.22 -1.54
N GLN D 108 17.82 9.20 -1.94
CA GLN D 108 16.58 8.83 -2.58
C GLN D 108 16.90 8.25 -3.92
N MET D 109 17.85 8.83 -4.63
CA MET D 109 18.17 8.29 -5.93
C MET D 109 18.58 6.83 -5.77
N HIS D 110 19.39 6.56 -4.76
CA HIS D 110 19.83 5.21 -4.50
C HIS D 110 18.66 4.33 -4.19
N THR D 111 17.83 4.77 -3.28
CA THR D 111 16.72 3.96 -2.85
C THR D 111 15.81 3.64 -4.00
N ASP D 112 15.51 4.64 -4.82
CA ASP D 112 14.59 4.46 -5.91
C ASP D 112 15.12 3.50 -6.94
N ILE D 113 16.39 3.60 -7.26
CA ILE D 113 16.96 2.72 -8.23
C ILE D 113 16.99 1.30 -7.77
N ILE D 114 17.37 1.07 -6.53
CA ILE D 114 17.41 -0.31 -6.10
C ILE D 114 16.01 -0.86 -6.10
N SER D 115 15.05 -0.08 -5.61
CA SER D 115 13.69 -0.56 -5.57
C SER D 115 13.15 -0.85 -6.95
N LEU D 116 13.39 0.03 -7.91
CA LEU D 116 12.86 -0.20 -9.24
C LEU D 116 13.48 -1.43 -9.84
N TRP D 117 14.77 -1.60 -9.59
CA TRP D 117 15.45 -2.75 -10.12
C TRP D 117 14.79 -4.00 -9.57
N ASP D 118 14.54 -4.04 -8.27
CA ASP D 118 13.92 -5.23 -7.71
C ASP D 118 12.52 -5.45 -8.23
N GLN D 119 11.77 -4.39 -8.41
CA GLN D 119 10.41 -4.56 -8.86
C GLN D 119 10.37 -5.16 -10.24
N SER D 120 11.35 -4.84 -11.05
CA SER D 120 11.32 -5.32 -12.41
C SER D 120 11.40 -6.83 -12.51
N LEU D 121 11.87 -7.51 -11.48
CA LEU D 121 11.97 -8.95 -11.56
C LEU D 121 10.87 -9.66 -10.85
N LYS D 122 10.03 -8.93 -10.15
CA LYS D 122 9.05 -9.58 -9.32
C LYS D 122 8.14 -10.51 -10.09
N PRO D 123 7.60 -10.15 -11.25
CA PRO D 123 6.71 -10.97 -12.02
C PRO D 123 7.44 -11.89 -12.97
N CYS D 124 8.76 -11.97 -12.89
CA CYS D 124 9.46 -12.73 -13.92
C CYS D 124 9.73 -14.15 -13.50
N VAL D 125 9.96 -14.98 -14.48
CA VAL D 125 10.23 -16.39 -14.27
C VAL D 125 11.55 -16.68 -13.62
N LYS D 126 11.47 -17.49 -12.58
CA LYS D 126 12.61 -17.91 -11.81
C LYS D 126 13.33 -18.98 -12.59
N LEU D 127 14.64 -19.07 -12.45
CA LEU D 127 15.35 -20.12 -13.16
C LEU D 127 15.79 -21.25 -12.30
N THR D 128 15.17 -21.40 -11.14
CA THR D 128 15.52 -22.47 -10.24
C THR D 128 15.70 -23.82 -10.94
N PRO D 129 14.80 -24.29 -11.82
CA PRO D 129 14.88 -25.57 -12.48
C PRO D 129 16.13 -25.74 -13.34
N LEU D 130 16.82 -24.64 -13.65
CA LEU D 130 17.99 -24.66 -14.48
C LEU D 130 19.25 -25.02 -13.74
N CYS D 131 19.32 -24.90 -12.42
CA CYS D 131 20.64 -25.24 -11.90
C CYS D 131 20.79 -26.74 -11.73
N VAL D 132 21.37 -27.32 -12.75
CA VAL D 132 21.60 -28.74 -12.89
C VAL D 132 23.03 -28.94 -13.27
N THR D 133 23.51 -30.16 -13.20
CA THR D 133 24.86 -30.39 -13.68
C THR D 133 24.85 -30.20 -15.17
N LEU D 134 25.84 -29.49 -15.65
CA LEU D 134 25.99 -29.25 -17.05
C LEU D 134 27.02 -30.21 -17.56
N GLN D 135 26.71 -30.82 -18.67
CA GLN D 135 27.69 -31.68 -19.32
C GLN D 135 28.29 -30.75 -20.31
N CYS D 136 29.56 -30.41 -20.20
CA CYS D 136 29.94 -29.31 -21.05
C CYS D 136 31.35 -29.35 -21.62
N THR D 137 31.42 -28.83 -22.84
CA THR D 137 32.63 -28.68 -23.64
C THR D 137 32.85 -27.26 -24.14
N ASN D 138 33.91 -27.08 -24.90
CA ASN D 138 34.23 -25.77 -25.43
C ASN D 138 33.55 -25.51 -26.77
N VAL D 139 33.25 -24.26 -27.02
CA VAL D 139 32.82 -23.87 -28.33
C VAL D 139 34.09 -23.79 -29.14
N THR D 140 34.05 -24.32 -30.35
CA THR D 140 35.22 -24.28 -31.18
C THR D 140 34.88 -24.01 -32.63
N ASN D 141 35.88 -24.21 -33.48
CA ASN D 141 35.86 -24.04 -34.93
C ASN D 141 35.93 -22.61 -35.42
N ASN D 142 34.99 -21.80 -34.99
CA ASN D 142 34.85 -20.47 -35.54
C ASN D 142 35.42 -19.40 -34.64
N ILE D 143 36.26 -19.78 -33.72
CA ILE D 143 36.83 -18.79 -32.85
C ILE D 143 38.11 -18.21 -33.35
N THR D 144 38.11 -16.89 -33.48
CA THR D 144 39.25 -16.15 -33.99
C THR D 144 40.31 -15.87 -32.94
N ASP D 145 40.77 -16.93 -32.29
CA ASP D 145 41.82 -16.95 -31.27
C ASP D 145 41.54 -16.21 -29.95
N ASP D 146 41.14 -14.95 -30.04
CA ASP D 146 40.93 -14.07 -28.91
C ASP D 146 39.87 -14.57 -27.93
N MET D 147 38.88 -15.21 -28.47
CA MET D 147 37.80 -15.77 -27.70
C MET D 147 37.99 -17.21 -27.28
N ARG D 148 39.17 -17.78 -27.51
CA ARG D 148 39.31 -19.16 -27.12
C ARG D 148 39.14 -19.32 -25.65
N GLY D 149 38.31 -20.28 -25.29
CA GLY D 149 38.02 -20.62 -23.91
C GLY D 149 36.90 -19.79 -23.31
N GLU D 150 36.43 -18.78 -24.03
CA GLU D 150 35.40 -17.89 -23.52
C GLU D 150 34.01 -18.42 -23.61
N LEU D 151 33.74 -19.27 -24.59
CA LEU D 151 32.40 -19.76 -24.73
C LEU D 151 32.33 -21.23 -24.52
N LYS D 152 31.29 -21.60 -23.81
CA LYS D 152 30.98 -22.96 -23.47
C LYS D 152 29.74 -23.47 -24.16
N ASN D 153 29.75 -24.75 -24.47
CA ASN D 153 28.63 -25.44 -25.10
C ASN D 153 28.15 -26.57 -24.21
N CYS D 154 27.06 -26.32 -23.50
CA CYS D 154 26.68 -27.25 -22.46
C CYS D 154 25.33 -27.93 -22.69
N SER D 155 25.20 -29.18 -22.22
CA SER D 155 23.96 -29.94 -22.29
C SER D 155 23.30 -30.05 -20.91
N PHE D 156 21.97 -30.05 -20.94
CA PHE D 156 21.11 -30.08 -19.76
C PHE D 156 19.99 -31.10 -19.81
N ASN D 157 19.53 -31.50 -18.62
CA ASN D 157 18.35 -32.39 -18.47
C ASN D 157 17.23 -31.49 -17.93
N MET D 158 16.42 -30.89 -18.82
CA MET D 158 15.42 -29.92 -18.39
C MET D 158 14.02 -30.42 -18.29
N THR D 159 13.24 -29.75 -17.48
CA THR D 159 11.86 -30.08 -17.31
C THR D 159 11.07 -29.63 -18.50
N THR D 160 9.86 -30.13 -18.58
CA THR D 160 8.89 -29.77 -19.59
C THR D 160 7.62 -29.40 -18.88
N GLU D 161 6.63 -28.86 -19.59
CA GLU D 161 5.40 -28.50 -18.90
C GLU D 161 4.74 -29.75 -18.33
N LEU D 162 4.96 -30.90 -18.94
CA LEU D 162 4.46 -32.12 -18.36
C LEU D 162 5.49 -32.52 -17.33
N ARG D 163 5.05 -32.70 -16.11
CA ARG D 163 5.97 -33.00 -15.03
C ARG D 163 6.32 -34.46 -14.90
N ASP D 164 7.02 -34.95 -15.89
CA ASP D 164 7.40 -36.33 -15.93
C ASP D 164 8.62 -36.56 -16.81
N LYS D 165 8.51 -36.23 -18.06
CA LYS D 165 9.59 -36.40 -19.00
C LYS D 165 10.52 -35.21 -18.96
N LYS D 166 11.74 -35.41 -19.37
CA LYS D 166 12.69 -34.32 -19.48
C LYS D 166 13.14 -34.20 -20.90
N GLN D 167 13.64 -33.04 -21.24
CA GLN D 167 14.15 -32.79 -22.56
C GLN D 167 15.65 -32.60 -22.52
N LYS D 168 16.31 -33.06 -23.57
CA LYS D 168 17.73 -32.86 -23.68
C LYS D 168 17.97 -31.64 -24.49
N VAL D 169 18.55 -30.66 -23.85
CA VAL D 169 18.77 -29.40 -24.52
C VAL D 169 20.19 -28.97 -24.34
N TYR D 170 20.61 -28.02 -25.13
CA TYR D 170 21.91 -27.48 -24.95
C TYR D 170 21.86 -26.02 -25.28
N SER D 171 22.81 -25.28 -24.76
CA SER D 171 22.93 -23.84 -25.01
C SER D 171 24.33 -23.33 -24.79
N LEU D 172 24.54 -22.10 -25.25
CA LEU D 172 25.87 -21.54 -25.09
C LEU D 172 25.96 -20.54 -23.97
N PHE D 173 27.11 -20.53 -23.33
CA PHE D 173 27.40 -19.64 -22.20
C PHE D 173 28.75 -18.98 -22.23
N TYR D 174 28.86 -17.86 -21.57
CA TYR D 174 30.15 -17.25 -21.37
C TYR D 174 30.79 -17.98 -20.21
N ARG D 175 32.10 -18.16 -20.26
CA ARG D 175 32.79 -18.90 -19.20
C ARG D 175 32.71 -18.24 -17.87
N LEU D 176 32.45 -16.96 -17.84
CA LEU D 176 32.45 -16.25 -16.59
C LEU D 176 31.26 -16.61 -15.73
N ASP D 177 30.25 -17.24 -16.33
CA ASP D 177 29.09 -17.62 -15.58
C ASP D 177 29.08 -19.11 -15.28
N VAL D 178 30.16 -19.81 -15.65
CA VAL D 178 30.17 -21.26 -15.50
C VAL D 178 31.39 -21.75 -14.74
N VAL D 179 31.19 -22.63 -13.78
CA VAL D 179 32.32 -23.11 -13.03
C VAL D 179 32.37 -24.62 -13.00
N GLN D 180 33.58 -25.16 -13.02
CA GLN D 180 33.76 -26.60 -12.93
C GLN D 180 33.34 -27.04 -11.55
N ILE D 181 32.65 -28.16 -11.45
CA ILE D 181 32.21 -28.64 -10.16
C ILE D 181 33.24 -29.49 -9.47
N ASN D 182 33.77 -30.47 -10.18
CA ASN D 182 34.69 -31.42 -9.60
C ASN D 182 36.07 -31.34 -10.22
N GLU D 183 37.03 -30.96 -9.41
CA GLU D 183 38.41 -30.81 -9.84
C GLU D 183 39.02 -32.19 -10.00
N LYS D 194 33.26 -32.16 -19.36
CA LYS D 194 33.33 -32.32 -17.91
C LYS D 194 32.08 -31.79 -17.23
N GLU D 195 32.08 -31.82 -15.89
CA GLU D 195 30.94 -31.41 -15.09
C GLU D 195 31.03 -29.97 -14.62
N TYR D 196 30.03 -29.19 -15.01
CA TYR D 196 29.93 -27.77 -14.72
C TYR D 196 28.64 -27.35 -14.07
N ARG D 197 28.67 -26.22 -13.40
CA ARG D 197 27.45 -25.65 -12.86
C ARG D 197 27.37 -24.17 -13.12
N LEU D 198 26.17 -23.65 -13.02
CA LEU D 198 26.01 -22.22 -13.12
C LEU D 198 26.80 -21.70 -11.96
N ILE D 199 27.63 -20.72 -12.20
CA ILE D 199 28.50 -20.26 -11.14
C ILE D 199 27.81 -19.67 -9.93
N ASN D 200 26.63 -19.09 -10.07
CA ASN D 200 26.00 -18.49 -8.91
C ASN D 200 25.01 -19.41 -8.24
N CYS D 201 24.96 -20.65 -8.69
CA CYS D 201 24.03 -21.61 -8.15
C CYS D 201 24.22 -21.85 -6.69
N ASN D 202 25.46 -21.87 -6.25
CA ASN D 202 25.75 -22.25 -4.89
C ASN D 202 25.81 -21.04 -3.97
N THR D 203 25.34 -19.90 -4.46
CA THR D 203 25.25 -18.76 -3.61
C THR D 203 23.80 -18.38 -3.46
N SER D 204 23.10 -18.13 -4.56
CA SER D 204 21.71 -17.71 -4.40
C SER D 204 20.85 -17.84 -5.65
N ALA D 205 19.55 -17.64 -5.49
CA ALA D 205 18.57 -17.73 -6.56
C ALA D 205 18.82 -16.76 -7.69
N ILE D 206 18.52 -17.26 -8.91
CA ILE D 206 18.64 -16.54 -10.16
C ILE D 206 17.29 -16.41 -10.84
N THR D 207 16.96 -15.19 -11.26
CA THR D 207 15.70 -14.90 -11.96
C THR D 207 15.95 -14.34 -13.36
N GLN D 208 15.19 -14.81 -14.35
CA GLN D 208 15.34 -14.32 -15.71
C GLN D 208 14.64 -13.02 -15.90
N ALA D 209 15.31 -12.05 -16.47
CA ALA D 209 14.62 -10.80 -16.72
C ALA D 209 13.57 -11.02 -17.77
N CYS D 210 12.44 -10.38 -17.63
CA CYS D 210 11.41 -10.50 -18.61
C CYS D 210 11.83 -9.76 -19.89
N PRO D 211 11.86 -10.39 -21.08
CA PRO D 211 12.28 -9.81 -22.35
C PRO D 211 11.17 -8.97 -22.93
N LYS D 212 10.75 -8.02 -22.12
CA LYS D 212 9.68 -7.11 -22.39
C LYS D 212 10.28 -5.77 -22.12
N VAL D 213 11.25 -5.81 -21.22
CA VAL D 213 11.82 -4.59 -20.74
C VAL D 213 13.31 -4.58 -20.88
N SER D 214 13.83 -3.38 -20.81
CA SER D 214 15.25 -3.19 -20.81
C SER D 214 15.57 -2.15 -19.81
N PHE D 215 16.83 -1.79 -19.80
CA PHE D 215 17.34 -0.92 -18.79
C PHE D 215 17.71 0.45 -19.34
N GLU D 216 17.10 0.82 -20.46
CA GLU D 216 17.42 2.07 -21.09
C GLU D 216 17.29 3.20 -20.09
N PRO D 217 18.33 4.00 -19.89
CA PRO D 217 18.41 5.06 -18.91
C PRO D 217 17.68 6.31 -19.32
N ILE D 218 16.37 6.22 -19.31
CA ILE D 218 15.51 7.35 -19.62
C ILE D 218 15.62 8.32 -18.46
N PRO D 219 15.90 9.59 -18.69
CA PRO D 219 16.12 10.56 -17.65
C PRO D 219 14.91 10.83 -16.80
N ILE D 220 15.17 10.97 -15.51
CA ILE D 220 14.18 11.28 -14.51
C ILE D 220 14.42 12.61 -13.86
N HIS D 221 13.37 13.40 -13.78
CA HIS D 221 13.44 14.69 -13.14
C HIS D 221 12.95 14.55 -11.72
N TYR D 222 13.57 15.24 -10.77
CA TYR D 222 13.03 15.20 -9.43
C TYR D 222 12.33 16.46 -9.09
N CYS D 223 11.17 16.33 -8.49
CA CYS D 223 10.36 17.50 -8.21
C CYS D 223 9.98 17.66 -6.75
N ALA D 224 10.00 18.91 -6.33
CA ALA D 224 9.63 19.27 -4.98
C ALA D 224 8.11 19.19 -4.75
N PRO D 225 7.65 18.76 -3.57
CA PRO D 225 6.30 18.89 -3.08
C PRO D 225 6.03 20.33 -2.74
N ALA D 226 4.77 20.72 -2.64
CA ALA D 226 4.49 22.09 -2.25
C ALA D 226 5.13 22.37 -0.89
N GLY D 227 5.71 23.54 -0.75
CA GLY D 227 6.38 23.94 0.49
C GLY D 227 7.87 23.71 0.40
N PHE D 228 8.28 23.07 -0.67
CA PHE D 228 9.67 22.80 -0.90
C PHE D 228 10.12 23.38 -2.20
N ALA D 229 11.41 23.60 -2.28
CA ALA D 229 11.97 24.08 -3.52
C ALA D 229 13.36 23.57 -3.70
N ILE D 230 13.80 23.51 -4.94
CA ILE D 230 15.15 23.08 -5.16
C ILE D 230 15.99 24.24 -5.65
N LEU D 231 17.10 24.48 -4.98
CA LEU D 231 17.96 25.56 -5.37
C LEU D 231 19.11 25.00 -6.16
N LYS D 232 19.56 25.75 -7.16
CA LYS D 232 20.66 25.32 -8.00
C LYS D 232 21.73 26.38 -8.12
N CYS D 233 23.00 25.97 -8.22
CA CYS D 233 24.05 26.94 -8.53
C CYS D 233 24.21 27.06 -10.04
N LYS D 234 24.42 28.26 -10.55
CA LYS D 234 24.72 28.47 -11.95
C LYS D 234 26.18 28.86 -12.07
N ASP D 235 26.90 28.69 -10.97
CA ASP D 235 28.30 29.02 -10.84
C ASP D 235 29.16 28.06 -11.63
N LYS D 236 30.35 28.49 -11.95
CA LYS D 236 31.30 27.69 -12.69
C LYS D 236 32.49 27.28 -11.87
N LYS D 237 32.74 27.98 -10.76
CA LYS D 237 33.92 27.66 -9.97
C LYS D 237 33.56 26.75 -8.83
N PHE D 238 32.30 26.70 -8.46
CA PHE D 238 31.86 25.91 -7.36
C PHE D 238 32.25 24.47 -7.56
N ASN D 239 32.82 23.88 -6.52
CA ASN D 239 33.32 22.53 -6.61
C ASN D 239 32.66 21.56 -5.63
N GLY D 240 31.41 21.77 -5.34
CA GLY D 240 30.66 20.86 -4.49
C GLY D 240 30.48 21.29 -3.06
N THR D 241 31.29 22.22 -2.56
CA THR D 241 31.07 22.67 -1.20
C THR D 241 31.18 24.17 -1.03
N GLY D 242 30.53 24.66 0.00
CA GLY D 242 30.64 26.04 0.37
C GLY D 242 29.64 26.88 -0.38
N PRO D 243 29.68 28.19 -0.21
CA PRO D 243 28.78 29.11 -0.82
C PRO D 243 29.05 29.25 -2.28
N CYS D 244 28.02 29.55 -3.02
CA CYS D 244 28.23 29.91 -4.39
C CYS D 244 27.40 31.17 -4.58
N PRO D 245 27.91 32.18 -5.29
CA PRO D 245 27.22 33.41 -5.58
C PRO D 245 26.32 33.23 -6.77
N SER D 246 25.46 32.27 -6.67
CA SER D 246 24.58 31.99 -7.76
C SER D 246 23.40 31.22 -7.28
N VAL D 247 22.23 31.80 -7.33
CA VAL D 247 21.11 31.05 -6.82
C VAL D 247 19.96 31.09 -7.77
N SER D 248 19.44 29.93 -8.09
CA SER D 248 18.29 29.87 -8.95
C SER D 248 17.37 28.80 -8.42
N THR D 249 16.08 29.09 -8.39
CA THR D 249 15.14 28.13 -7.85
C THR D 249 14.26 27.48 -8.89
N VAL D 250 14.11 26.17 -8.75
CA VAL D 250 13.30 25.42 -9.67
C VAL D 250 12.28 24.53 -8.97
N GLN D 251 11.23 24.17 -9.70
CA GLN D 251 10.28 23.19 -9.19
C GLN D 251 10.87 21.80 -9.26
N CYS D 252 11.62 21.58 -10.33
CA CYS D 252 12.21 20.30 -10.61
C CYS D 252 13.61 20.43 -11.14
N THR D 253 14.36 19.36 -10.97
CA THR D 253 15.72 19.27 -11.49
C THR D 253 15.61 18.93 -12.95
N HIS D 254 16.72 18.99 -13.65
CA HIS D 254 16.72 18.58 -15.03
C HIS D 254 16.66 17.08 -14.97
N GLY D 255 16.53 16.42 -16.09
CA GLY D 255 16.46 14.98 -16.00
C GLY D 255 17.83 14.37 -15.88
N ILE D 256 17.94 13.39 -15.02
CA ILE D 256 19.17 12.64 -14.87
C ILE D 256 19.02 11.23 -15.34
N LYS D 257 19.91 10.81 -16.23
CA LYS D 257 19.87 9.47 -16.75
C LYS D 257 20.51 8.54 -15.73
N PRO D 258 19.82 7.48 -15.25
CA PRO D 258 20.30 6.55 -14.26
C PRO D 258 21.23 5.53 -14.87
N VAL D 259 22.35 6.00 -15.36
CA VAL D 259 23.30 5.13 -15.99
C VAL D 259 24.20 4.55 -14.93
N VAL D 260 24.35 3.25 -14.92
CA VAL D 260 25.16 2.59 -13.92
C VAL D 260 26.48 2.15 -14.52
N SER D 261 27.59 2.63 -13.96
CA SER D 261 28.90 2.28 -14.47
C SER D 261 29.99 2.42 -13.42
N THR D 262 31.13 1.89 -13.79
CA THR D 262 32.34 2.03 -12.98
C THR D 262 33.38 2.72 -13.81
N GLN D 263 34.40 3.27 -13.16
CA GLN D 263 35.57 3.89 -13.77
C GLN D 263 35.30 5.15 -14.64
N LEU D 264 34.49 5.00 -15.66
CA LEU D 264 34.16 6.09 -16.55
C LEU D 264 32.68 6.39 -16.43
N LEU D 265 32.41 7.66 -16.21
CA LEU D 265 31.07 8.19 -16.06
C LEU D 265 30.59 8.48 -17.45
N LEU D 266 29.49 7.86 -17.83
CA LEU D 266 28.96 7.97 -19.17
C LEU D 266 27.63 8.66 -19.25
N ASN D 267 27.36 9.29 -20.38
CA ASN D 267 26.06 9.88 -20.68
C ASN D 267 25.61 10.91 -19.65
N GLY D 268 26.51 11.69 -19.12
CA GLY D 268 26.14 12.71 -18.13
C GLY D 268 26.29 14.11 -18.67
N SER D 269 26.24 15.08 -17.79
CA SER D 269 26.40 16.46 -18.20
C SER D 269 27.87 16.82 -18.21
N LEU D 270 28.21 17.88 -18.92
CA LEU D 270 29.59 18.35 -18.99
C LEU D 270 29.78 19.66 -18.27
N ALA D 271 31.01 19.89 -17.82
CA ALA D 271 31.39 21.14 -17.23
C ALA D 271 31.40 22.15 -18.35
N GLU D 272 31.09 23.41 -18.09
CA GLU D 272 31.12 24.37 -19.19
C GLU D 272 32.47 25.02 -19.50
N GLU D 273 33.25 25.38 -18.49
CA GLU D 273 34.48 26.10 -18.77
C GLU D 273 35.78 25.36 -18.52
N GLU D 274 35.80 24.58 -17.46
CA GLU D 274 37.01 23.89 -17.05
C GLU D 274 36.66 22.51 -16.59
N VAL D 275 37.63 21.62 -16.61
CA VAL D 275 37.38 20.33 -16.02
C VAL D 275 37.26 20.57 -14.53
N MET D 276 36.23 20.03 -13.92
CA MET D 276 36.10 20.25 -12.49
C MET D 276 36.44 19.02 -11.73
N ILE D 277 37.26 19.17 -10.74
CA ILE D 277 37.61 18.03 -9.95
C ILE D 277 37.09 18.22 -8.57
N ARG D 278 36.32 17.26 -8.11
CA ARG D 278 35.69 17.36 -6.82
C ARG D 278 35.93 16.14 -5.95
N SER D 279 36.12 16.38 -4.66
CA SER D 279 36.28 15.30 -3.70
C SER D 279 35.83 15.82 -2.37
N GLU D 280 35.56 14.93 -1.43
CA GLU D 280 35.15 15.35 -0.11
C GLU D 280 36.32 15.91 0.68
N ASN D 281 37.46 15.27 0.50
CA ASN D 281 38.67 15.62 1.22
C ASN D 281 39.88 15.36 0.33
N ILE D 282 40.51 16.43 -0.11
CA ILE D 282 41.59 16.37 -1.08
C ILE D 282 42.80 15.59 -0.60
N THR D 283 42.96 15.40 0.70
CA THR D 283 44.10 14.67 1.24
C THR D 283 43.72 13.28 1.74
N ASN D 284 42.47 12.89 1.57
CA ASN D 284 42.02 11.60 2.07
C ASN D 284 42.05 10.56 0.96
N ASN D 285 42.95 9.60 1.05
CA ASN D 285 43.09 8.64 -0.03
C ASN D 285 42.06 7.53 0.07
N ALA D 286 41.21 7.61 1.09
CA ALA D 286 40.15 6.66 1.25
C ALA D 286 38.87 7.20 0.58
N LYS D 287 38.94 8.36 -0.04
CA LYS D 287 37.77 8.90 -0.72
C LYS D 287 37.99 8.84 -2.22
N ASN D 288 36.91 8.81 -2.99
CA ASN D 288 37.12 8.83 -4.43
C ASN D 288 37.21 10.25 -4.92
N ILE D 289 37.50 10.40 -6.20
CA ILE D 289 37.57 11.69 -6.85
C ILE D 289 36.64 11.72 -8.04
N LEU D 290 35.82 12.75 -8.13
CA LEU D 290 34.96 12.90 -9.28
C LEU D 290 35.52 13.93 -10.22
N VAL D 291 35.77 13.50 -11.45
CA VAL D 291 36.31 14.42 -12.43
C VAL D 291 35.29 14.66 -13.51
N GLN D 292 34.87 15.90 -13.65
CA GLN D 292 33.88 16.24 -14.67
C GLN D 292 34.52 16.95 -15.83
N PHE D 293 34.45 16.33 -16.98
CA PHE D 293 35.09 16.86 -18.15
C PHE D 293 34.30 18.02 -18.68
N ASN D 294 34.96 18.95 -19.37
CA ASN D 294 34.22 20.01 -20.03
C ASN D 294 34.01 19.68 -21.51
N THR D 295 34.47 18.52 -21.89
CA THR D 295 34.35 18.01 -23.24
C THR D 295 33.99 16.53 -23.18
N PRO D 296 33.25 16.00 -24.13
CA PRO D 296 32.91 14.60 -24.23
C PRO D 296 34.05 13.80 -24.76
N VAL D 297 34.13 12.53 -24.40
CA VAL D 297 35.04 11.66 -25.11
C VAL D 297 34.27 10.51 -25.69
N GLN D 298 34.18 10.43 -27.00
CA GLN D 298 33.37 9.37 -27.56
C GLN D 298 34.01 8.02 -27.57
N ILE D 299 33.17 7.02 -27.27
CA ILE D 299 33.51 5.63 -27.31
C ILE D 299 32.55 4.86 -28.20
N ASN D 300 33.10 4.08 -29.12
CA ASN D 300 32.29 3.23 -29.96
C ASN D 300 32.43 1.78 -29.54
N CYS D 301 31.41 1.23 -28.87
CA CYS D 301 31.53 -0.14 -28.39
C CYS D 301 30.74 -1.11 -29.23
N THR D 302 31.21 -2.33 -29.26
CA THR D 302 30.50 -3.35 -29.96
C THR D 302 30.52 -4.72 -29.33
N ARG D 303 29.48 -5.43 -29.69
CA ARG D 303 29.26 -6.81 -29.37
C ARG D 303 29.15 -7.50 -30.71
N PRO D 304 30.27 -7.82 -31.34
CA PRO D 304 30.42 -8.22 -32.73
C PRO D 304 30.09 -9.66 -32.98
N ASN D 305 28.91 -10.09 -32.59
CA ASN D 305 28.50 -11.47 -32.77
C ASN D 305 27.06 -11.55 -33.17
N ASN D 306 26.78 -12.07 -34.35
CA ASN D 306 25.40 -12.12 -34.79
C ASN D 306 24.69 -13.29 -34.14
N ASN D 307 24.09 -13.04 -33.00
CA ASN D 307 23.48 -14.09 -32.23
C ASN D 307 22.10 -14.49 -32.68
N THR D 308 21.80 -15.77 -32.42
CA THR D 308 20.50 -16.37 -32.58
C THR D 308 20.08 -16.84 -31.21
N ARG D 309 18.87 -16.47 -30.82
CA ARG D 309 18.32 -16.83 -29.52
C ARG D 309 17.24 -17.85 -29.73
N LYS D 310 17.09 -18.74 -28.78
CA LYS D 310 16.02 -19.71 -28.85
C LYS D 310 15.34 -19.84 -27.52
N SER D 311 14.09 -20.26 -27.51
CA SER D 311 13.46 -20.47 -26.24
C SER D 311 13.30 -21.94 -25.96
N ILE D 312 13.42 -22.27 -24.70
CA ILE D 312 13.20 -23.62 -24.25
C ILE D 312 12.05 -23.62 -23.30
N ARG D 313 11.01 -24.37 -23.61
CA ARG D 313 9.90 -24.34 -22.69
C ARG D 313 10.32 -25.07 -21.43
N ILE D 314 10.06 -24.48 -20.29
CA ILE D 314 10.44 -25.04 -19.00
C ILE D 314 9.26 -25.61 -18.27
N GLY D 315 8.16 -24.88 -18.37
CA GLY D 315 7.01 -25.22 -17.58
C GLY D 315 5.77 -24.52 -18.09
N PRO D 316 4.66 -24.63 -17.36
CA PRO D 316 3.38 -24.09 -17.72
C PRO D 316 3.34 -22.58 -17.65
N GLY D 317 3.83 -21.97 -18.74
CA GLY D 317 3.94 -20.52 -18.87
C GLY D 317 5.36 -20.01 -18.69
N GLN D 318 6.31 -20.92 -18.64
CA GLN D 318 7.69 -20.54 -18.47
C GLN D 318 8.56 -21.03 -19.60
N ALA D 319 9.48 -20.18 -20.01
CA ALA D 319 10.45 -20.53 -21.01
C ALA D 319 11.73 -19.84 -20.70
N PHE D 320 12.81 -20.50 -21.04
CA PHE D 320 14.12 -19.95 -20.83
C PHE D 320 14.69 -19.46 -22.11
N TYR D 321 15.28 -18.29 -22.06
CA TYR D 321 15.89 -17.78 -23.25
C TYR D 321 17.35 -18.10 -23.25
N ALA D 322 17.70 -18.93 -24.20
CA ALA D 322 19.02 -19.49 -24.33
C ALA D 322 19.76 -18.95 -25.51
N THR D 323 21.07 -18.83 -25.36
CA THR D 323 21.85 -18.50 -26.52
C THR D 323 21.81 -19.73 -27.38
N GLY D 324 21.46 -19.55 -28.64
CA GLY D 324 21.38 -20.63 -29.58
C GLY D 324 22.74 -20.84 -30.18
N ASP D 325 23.09 -19.93 -31.06
CA ASP D 325 24.36 -20.03 -31.75
C ASP D 325 24.79 -18.68 -32.32
N ILE D 326 25.95 -18.67 -32.96
CA ILE D 326 26.47 -17.48 -33.60
C ILE D 326 26.57 -17.66 -35.10
N ILE D 327 26.01 -16.72 -35.81
CA ILE D 327 26.03 -16.71 -37.25
C ILE D 327 27.33 -16.07 -37.68
N GLY D 328 28.08 -16.74 -38.52
CA GLY D 328 29.38 -16.22 -38.94
C GLY D 328 30.39 -16.60 -37.89
N ASP D 329 31.52 -15.91 -37.86
CA ASP D 329 32.53 -16.32 -36.91
C ASP D 329 32.35 -15.68 -35.55
N ILE D 330 33.24 -16.00 -34.62
CA ILE D 330 33.15 -15.51 -33.27
C ILE D 330 34.27 -14.54 -32.95
N ARG D 331 33.87 -13.33 -32.53
CA ARG D 331 34.82 -12.25 -32.25
C ARG D 331 34.73 -11.70 -30.83
N GLN D 332 35.85 -11.21 -30.30
CA GLN D 332 35.82 -10.57 -29.01
C GLN D 332 35.20 -9.18 -29.01
N ALA D 333 34.38 -8.92 -27.98
CA ALA D 333 33.75 -7.63 -27.75
C ALA D 333 34.79 -6.60 -27.43
N HIS D 334 34.53 -5.37 -27.83
CA HIS D 334 35.51 -4.33 -27.59
C HIS D 334 34.96 -2.92 -27.69
N CYS D 335 35.75 -1.98 -27.20
CA CYS D 335 35.43 -0.56 -27.33
C CYS D 335 36.55 0.27 -27.94
N ASN D 336 36.18 1.11 -28.89
CA ASN D 336 37.11 2.00 -29.58
C ASN D 336 37.02 3.41 -29.03
N VAL D 337 38.07 3.83 -28.37
CA VAL D 337 38.11 5.13 -27.74
C VAL D 337 38.91 6.10 -28.58
N SER D 338 38.39 7.31 -28.81
CA SER D 338 39.21 8.21 -29.61
C SER D 338 40.51 8.49 -28.89
N LYS D 339 41.61 8.22 -29.58
CA LYS D 339 42.91 8.35 -28.97
C LYS D 339 43.30 9.77 -28.77
N ALA D 340 43.07 10.58 -29.78
CA ALA D 340 43.48 11.97 -29.69
C ALA D 340 42.70 12.66 -28.60
N THR D 341 41.43 12.32 -28.48
CA THR D 341 40.65 12.99 -27.48
C THR D 341 41.15 12.62 -26.12
N TRP D 342 41.43 11.34 -25.90
CA TRP D 342 41.90 10.91 -24.60
C TRP D 342 43.18 11.64 -24.26
N ASN D 343 44.06 11.77 -25.25
CA ASN D 343 45.33 12.44 -25.05
C ASN D 343 45.12 13.83 -24.46
N GLU D 344 44.29 14.62 -25.12
CA GLU D 344 44.07 15.97 -24.63
C GLU D 344 43.29 16.02 -23.34
N THR D 345 42.34 15.12 -23.21
CA THR D 345 41.48 15.11 -22.06
C THR D 345 42.28 14.84 -20.83
N LEU D 346 43.17 13.88 -20.89
CA LEU D 346 43.95 13.57 -19.73
C LEU D 346 44.80 14.76 -19.37
N GLY D 347 45.40 15.41 -20.37
CA GLY D 347 46.23 16.55 -20.02
C GLY D 347 45.45 17.59 -19.26
N LYS D 348 44.21 17.85 -19.68
CA LYS D 348 43.40 18.82 -18.97
C LYS D 348 43.14 18.39 -17.55
N VAL D 349 42.89 17.10 -17.35
CA VAL D 349 42.63 16.59 -16.02
C VAL D 349 43.84 16.80 -15.17
N VAL D 350 45.00 16.51 -15.72
CA VAL D 350 46.20 16.65 -14.95
C VAL D 350 46.44 18.09 -14.57
N LYS D 351 46.24 19.03 -15.49
CA LYS D 351 46.46 20.40 -15.08
C LYS D 351 45.61 20.76 -13.89
N GLN D 352 44.37 20.32 -13.91
CA GLN D 352 43.52 20.67 -12.80
C GLN D 352 43.95 19.95 -11.52
N LEU D 353 44.44 18.71 -11.64
CA LEU D 353 44.88 18.02 -10.44
C LEU D 353 46.04 18.76 -9.83
N ARG D 354 46.94 19.24 -10.70
CA ARG D 354 48.12 19.96 -10.28
C ARG D 354 47.76 21.21 -9.52
N LYS D 355 46.68 21.88 -9.94
CA LYS D 355 46.27 23.07 -9.25
C LYS D 355 45.87 22.77 -7.82
N HIS D 356 45.22 21.62 -7.59
CA HIS D 356 44.82 21.30 -6.23
C HIS D 356 46.01 20.89 -5.38
N PHE D 357 46.92 20.16 -5.98
CA PHE D 357 48.12 19.69 -5.33
C PHE D 357 49.11 19.34 -6.39
N GLY D 358 50.39 19.33 -6.08
CA GLY D 358 51.32 18.84 -7.10
C GLY D 358 51.65 19.84 -8.22
N ASN D 359 51.60 21.14 -7.93
CA ASN D 359 51.87 22.13 -8.98
C ASN D 359 53.27 21.96 -9.56
N ASN D 360 54.21 21.48 -8.75
CA ASN D 360 55.56 21.25 -9.16
C ASN D 360 55.94 19.77 -9.14
N THR D 361 54.96 18.88 -9.28
CA THR D 361 55.20 17.45 -9.25
C THR D 361 54.62 16.83 -10.48
N ILE D 362 54.79 15.53 -10.64
CA ILE D 362 54.24 14.90 -11.84
C ILE D 362 53.21 13.84 -11.49
N ILE D 363 52.34 13.54 -12.45
CA ILE D 363 51.28 12.59 -12.20
C ILE D 363 51.20 11.42 -13.13
N ARG D 364 51.14 10.22 -12.56
CA ARG D 364 51.02 9.03 -13.35
C ARG D 364 49.72 8.32 -13.14
N PHE D 365 49.30 7.68 -14.20
CA PHE D 365 48.12 6.89 -14.22
C PHE D 365 48.48 5.47 -14.40
N ALA D 366 47.76 4.65 -13.70
CA ALA D 366 47.98 3.24 -13.73
C ALA D 366 46.66 2.54 -13.74
N ASN D 367 46.67 1.31 -14.17
CA ASN D 367 45.43 0.58 -14.23
C ASN D 367 45.03 0.07 -12.85
N SER D 368 43.93 -0.62 -12.81
CA SER D 368 43.35 -1.07 -11.57
C SER D 368 44.10 -2.16 -10.86
N SER D 369 43.76 -2.29 -9.60
CA SER D 369 44.27 -3.26 -8.68
C SER D 369 43.62 -4.61 -8.87
N GLY D 370 44.17 -5.67 -8.29
CA GLY D 370 43.53 -6.97 -8.41
C GLY D 370 42.27 -6.95 -7.57
N GLY D 371 41.29 -7.79 -7.92
CA GLY D 371 40.05 -7.81 -7.16
C GLY D 371 38.85 -8.19 -7.99
N ASP D 372 37.67 -7.88 -7.46
CA ASP D 372 36.39 -8.22 -8.06
C ASP D 372 36.23 -7.56 -9.43
N LEU D 373 35.78 -8.33 -10.40
CA LEU D 373 35.63 -7.81 -11.76
C LEU D 373 34.75 -6.59 -11.79
N GLU D 374 33.72 -6.59 -10.99
CA GLU D 374 32.78 -5.52 -10.99
C GLU D 374 33.42 -4.17 -10.77
N VAL D 375 34.56 -4.11 -10.09
CA VAL D 375 35.20 -2.84 -9.86
C VAL D 375 36.59 -2.76 -10.46
N THR D 376 37.16 -3.87 -10.89
CA THR D 376 38.49 -3.79 -11.46
C THR D 376 38.41 -3.46 -12.92
N THR D 377 37.24 -3.62 -13.51
CA THR D 377 37.10 -3.25 -14.89
C THR D 377 36.02 -2.22 -15.07
N HIS D 378 35.89 -1.73 -16.30
CA HIS D 378 34.85 -0.79 -16.58
C HIS D 378 33.58 -1.54 -16.82
N SER D 379 32.52 -1.14 -16.16
CA SER D 379 31.28 -1.83 -16.39
C SER D 379 30.21 -0.93 -16.94
N PHE D 380 29.47 -1.47 -17.90
CA PHE D 380 28.31 -0.77 -18.46
C PHE D 380 27.29 -1.70 -19.02
N ASN D 381 26.12 -1.16 -19.26
CA ASN D 381 25.09 -1.89 -19.91
C ASN D 381 24.74 -1.19 -21.18
N CYS D 382 24.50 -1.95 -22.22
CA CYS D 382 24.07 -1.38 -23.49
C CYS D 382 23.24 -2.35 -24.30
N GLY D 383 22.02 -1.94 -24.61
CA GLY D 383 21.09 -2.75 -25.38
C GLY D 383 20.43 -3.76 -24.45
N GLY D 384 20.83 -3.69 -23.19
CA GLY D 384 20.41 -4.60 -22.16
C GLY D 384 21.56 -5.55 -21.87
N GLU D 385 22.60 -5.56 -22.72
CA GLU D 385 23.74 -6.46 -22.50
C GLU D 385 24.72 -5.91 -21.47
N PHE D 386 25.37 -6.82 -20.74
CA PHE D 386 26.35 -6.45 -19.71
C PHE D 386 27.80 -6.66 -20.11
N PHE D 387 28.50 -5.53 -20.17
CA PHE D 387 29.87 -5.46 -20.64
C PHE D 387 30.86 -5.15 -19.55
N TYR D 388 32.00 -5.80 -19.66
CA TYR D 388 33.13 -5.63 -18.79
C TYR D 388 34.35 -5.26 -19.64
N CYS D 389 34.91 -4.07 -19.49
CA CYS D 389 35.98 -3.69 -20.42
C CYS D 389 37.30 -3.34 -19.76
N ASN D 390 38.35 -3.77 -20.41
CA ASN D 390 39.71 -3.59 -19.94
C ASN D 390 40.24 -2.22 -20.33
N THR D 391 40.30 -1.36 -19.34
CA THR D 391 40.64 0.03 -19.48
C THR D 391 42.08 0.28 -19.17
N SER D 392 42.87 -0.75 -19.05
CA SER D 392 44.25 -0.50 -18.73
C SER D 392 44.93 0.32 -19.82
N GLY D 393 44.44 0.24 -21.05
CA GLY D 393 44.99 0.98 -22.17
C GLY D 393 44.76 2.48 -22.03
N LEU D 394 43.88 2.89 -21.12
CA LEU D 394 43.61 4.28 -20.90
C LEU D 394 44.42 4.85 -19.75
N PHE D 395 45.01 3.98 -18.92
CA PHE D 395 45.68 4.44 -17.72
C PHE D 395 47.05 3.80 -17.64
N ASN D 396 47.91 4.26 -18.52
CA ASN D 396 49.26 3.73 -18.68
C ASN D 396 50.17 4.86 -19.12
N SER D 397 50.27 5.90 -18.30
CA SER D 397 51.06 7.07 -18.72
C SER D 397 51.46 7.99 -17.59
N THR D 398 52.47 8.83 -17.84
CA THR D 398 52.81 9.86 -16.87
C THR D 398 52.80 11.19 -17.54
N TRP D 399 52.14 12.12 -16.91
CA TRP D 399 52.07 13.45 -17.43
C TRP D 399 53.05 14.29 -16.62
N ILE D 400 54.09 14.80 -17.26
CA ILE D 400 55.13 15.54 -16.55
C ILE D 400 55.19 16.99 -16.95
N SER D 401 54.18 17.42 -17.69
CA SER D 401 54.08 18.76 -18.25
C SER D 401 55.32 19.07 -19.03
N ASN D 402 55.79 20.30 -18.91
CA ASN D 402 57.00 20.72 -19.56
C ASN D 402 57.08 20.16 -20.97
N SER D 416 43.58 5.51 -32.48
CA SER D 416 42.47 4.89 -31.76
C SER D 416 42.95 3.92 -30.70
N ILE D 417 42.24 3.87 -29.59
CA ILE D 417 42.58 2.94 -28.53
C ILE D 417 41.56 1.84 -28.46
N THR D 418 42.01 0.60 -28.54
CA THR D 418 41.03 -0.47 -28.46
C THR D 418 41.09 -1.15 -27.13
N LEU D 419 39.95 -1.21 -26.47
CA LEU D 419 39.83 -1.85 -25.19
C LEU D 419 39.10 -3.17 -25.40
N PRO D 420 39.68 -4.32 -25.06
CA PRO D 420 39.03 -5.59 -25.19
C PRO D 420 37.99 -5.67 -24.10
N CYS D 421 36.92 -6.42 -24.35
CA CYS D 421 35.88 -6.61 -23.35
C CYS D 421 35.43 -8.07 -23.15
N ARG D 422 34.69 -8.27 -22.06
CA ARG D 422 34.10 -9.53 -21.68
C ARG D 422 32.61 -9.33 -21.45
N ILE D 423 31.86 -10.41 -21.56
CA ILE D 423 30.42 -10.36 -21.34
C ILE D 423 29.94 -11.39 -20.33
N LYS D 424 28.99 -10.99 -19.48
CA LYS D 424 28.41 -11.93 -18.52
C LYS D 424 26.90 -11.95 -18.61
N GLN D 425 26.30 -13.08 -18.28
CA GLN D 425 24.86 -13.15 -18.21
C GLN D 425 24.30 -13.16 -16.80
N ILE D 426 25.08 -13.52 -15.76
CA ILE D 426 24.49 -13.48 -14.42
C ILE D 426 25.03 -12.31 -13.65
N ILE D 427 24.16 -11.39 -13.35
CA ILE D 427 24.56 -10.17 -12.70
C ILE D 427 23.98 -9.99 -11.33
N ASN D 428 24.85 -9.85 -10.35
CA ASN D 428 24.33 -9.58 -9.02
C ASN D 428 24.39 -8.09 -8.84
N MET D 429 23.39 -7.41 -9.33
CA MET D 429 23.52 -5.99 -9.29
C MET D 429 23.24 -5.62 -7.86
N TRP D 430 24.02 -4.69 -7.35
CA TRP D 430 23.92 -4.18 -6.00
C TRP D 430 24.33 -5.19 -4.92
N GLN D 431 24.96 -6.30 -5.31
CA GLN D 431 25.48 -7.27 -4.34
C GLN D 431 24.49 -7.78 -3.30
N ARG D 432 23.38 -8.34 -3.74
CA ARG D 432 22.40 -8.84 -2.80
C ARG D 432 22.18 -10.33 -2.93
N ILE D 433 21.68 -10.94 -1.88
CA ILE D 433 21.50 -12.38 -1.92
C ILE D 433 20.10 -12.77 -2.38
N GLY D 434 20.04 -13.63 -3.40
CA GLY D 434 18.77 -14.11 -3.94
C GLY D 434 18.24 -13.24 -5.04
N GLN D 435 19.10 -12.34 -5.50
CA GLN D 435 18.74 -11.40 -6.53
C GLN D 435 19.62 -11.49 -7.74
N ALA D 436 20.13 -12.66 -8.09
CA ALA D 436 20.94 -12.67 -9.26
C ALA D 436 20.03 -12.56 -10.45
N MET D 437 20.40 -11.73 -11.40
CA MET D 437 19.57 -11.59 -12.56
C MET D 437 20.21 -12.23 -13.77
N TYR D 438 19.41 -12.96 -14.54
CA TYR D 438 19.89 -13.54 -15.78
C TYR D 438 19.51 -12.70 -16.94
N ALA D 439 20.52 -12.26 -17.65
CA ALA D 439 20.31 -11.42 -18.78
C ALA D 439 20.14 -12.30 -20.00
N PRO D 440 18.98 -12.30 -20.65
CA PRO D 440 18.71 -13.13 -21.76
C PRO D 440 19.53 -12.59 -22.88
N PRO D 441 19.85 -13.39 -23.89
CA PRO D 441 20.54 -13.01 -25.08
C PRO D 441 19.74 -12.02 -25.88
N ILE D 442 20.46 -11.23 -26.62
CA ILE D 442 19.90 -10.28 -27.55
C ILE D 442 20.35 -10.75 -28.91
N GLN D 443 19.44 -10.83 -29.84
CA GLN D 443 19.77 -11.32 -31.15
C GLN D 443 20.42 -10.25 -32.00
N GLY D 444 21.20 -10.66 -32.99
CA GLY D 444 21.85 -9.70 -33.85
C GLY D 444 23.15 -9.21 -33.22
N VAL D 445 23.56 -8.01 -33.63
CA VAL D 445 24.84 -7.39 -33.27
C VAL D 445 24.58 -6.05 -32.61
N ILE D 446 25.30 -5.77 -31.54
CA ILE D 446 25.08 -4.51 -30.83
C ILE D 446 26.15 -3.46 -30.96
N ARG D 447 25.71 -2.25 -31.28
CA ARG D 447 26.59 -1.10 -31.34
C ARG D 447 26.14 -0.07 -30.33
N CYS D 448 27.11 0.52 -29.63
CA CYS D 448 26.79 1.52 -28.64
C CYS D 448 27.65 2.73 -28.79
N VAL D 449 27.05 3.90 -28.81
CA VAL D 449 27.89 5.08 -28.90
C VAL D 449 27.56 6.03 -27.80
N SER D 450 28.57 6.43 -27.05
CA SER D 450 28.34 7.36 -25.97
C SER D 450 29.59 8.12 -25.63
N ASN D 451 29.43 9.17 -24.84
CA ASN D 451 30.60 9.92 -24.43
C ASN D 451 30.88 9.79 -22.95
N ILE D 452 32.16 9.79 -22.64
CA ILE D 452 32.63 9.82 -21.29
C ILE D 452 32.48 11.26 -20.91
N THR D 453 31.86 11.51 -19.78
CA THR D 453 31.70 12.85 -19.29
C THR D 453 32.54 13.07 -18.06
N GLY D 454 33.07 11.98 -17.52
CA GLY D 454 33.91 12.12 -16.36
C GLY D 454 34.53 10.83 -15.88
N LEU D 455 35.33 10.96 -14.83
CA LEU D 455 36.08 9.84 -14.27
C LEU D 455 35.86 9.63 -12.80
N ILE D 456 36.04 8.39 -12.37
CA ILE D 456 36.10 8.12 -10.94
C ILE D 456 37.52 7.74 -10.66
N LEU D 457 38.23 8.55 -9.91
CA LEU D 457 39.62 8.23 -9.65
C LEU D 457 39.92 8.01 -8.20
N THR D 458 40.94 7.20 -7.96
CA THR D 458 41.46 7.05 -6.61
C THR D 458 42.93 7.39 -6.67
N ARG D 459 43.49 7.71 -5.53
CA ARG D 459 44.91 8.04 -5.45
C ARG D 459 45.62 7.12 -4.49
N ASP D 460 46.76 6.60 -4.93
CA ASP D 460 47.53 5.71 -4.10
C ASP D 460 48.06 6.41 -2.88
N GLY D 461 48.04 5.71 -1.76
CA GLY D 461 48.65 6.21 -0.55
C GLY D 461 49.90 5.37 -0.33
N GLY D 462 50.42 5.36 0.89
CA GLY D 462 51.60 4.56 1.17
C GLY D 462 52.92 5.25 0.82
N SER D 463 52.87 6.52 0.47
CA SER D 463 54.08 7.24 0.09
C SER D 463 54.04 8.70 0.43
N THR D 464 55.20 9.20 0.83
CA THR D 464 55.43 10.60 1.12
C THR D 464 56.29 11.21 0.04
N ASN D 465 56.60 10.42 -0.98
CA ASN D 465 57.46 10.97 -2.02
C ASN D 465 56.59 11.68 -3.01
N SER D 466 56.45 12.96 -2.75
CA SER D 466 55.58 13.88 -3.45
C SER D 466 55.98 14.07 -4.89
N THR D 467 57.16 13.59 -5.27
CA THR D 467 57.60 13.75 -6.63
C THR D 467 56.55 13.26 -7.59
N THR D 468 55.98 12.08 -7.31
CA THR D 468 55.00 11.53 -8.23
C THR D 468 53.75 11.02 -7.54
N GLU D 469 52.61 11.43 -8.06
CA GLU D 469 51.36 10.92 -7.54
C GLU D 469 50.84 9.86 -8.48
N THR D 470 50.18 8.83 -7.95
CA THR D 470 49.60 7.80 -8.81
C THR D 470 48.10 7.69 -8.67
N PHE D 471 47.43 7.70 -9.82
CA PHE D 471 45.99 7.60 -9.88
C PHE D 471 45.54 6.37 -10.62
N ARG D 472 44.41 5.84 -10.17
CA ARG D 472 43.83 4.68 -10.79
C ARG D 472 42.35 4.89 -10.96
N PRO D 473 41.71 4.27 -11.96
CA PRO D 473 40.30 4.31 -12.14
C PRO D 473 39.65 3.57 -11.00
N GLY D 474 38.53 4.06 -10.52
CA GLY D 474 37.79 3.43 -9.44
C GLY D 474 36.31 3.21 -9.76
N GLY D 475 35.48 3.31 -8.75
CA GLY D 475 34.06 3.04 -8.86
C GLY D 475 33.70 1.81 -8.04
N GLY D 476 32.47 1.76 -7.61
CA GLY D 476 31.96 0.69 -6.78
C GLY D 476 30.69 1.19 -6.12
N ASP D 477 30.81 2.19 -5.27
CA ASP D 477 29.60 2.72 -4.67
C ASP D 477 28.94 3.69 -5.64
N MET D 478 27.79 3.29 -6.16
CA MET D 478 27.02 3.99 -7.16
C MET D 478 26.58 5.38 -6.71
N ARG D 479 26.58 5.61 -5.40
CA ARG D 479 26.18 6.90 -4.91
C ARG D 479 27.01 8.00 -5.53
N ASP D 480 28.27 7.72 -5.78
CA ASP D 480 29.11 8.75 -6.33
C ASP D 480 28.74 9.10 -7.76
N ASN D 481 28.17 8.17 -8.52
CA ASN D 481 27.86 8.53 -9.86
C ASN D 481 26.69 9.46 -9.83
N TRP D 482 25.76 9.19 -8.95
CA TRP D 482 24.62 10.06 -8.87
C TRP D 482 25.00 11.41 -8.35
N ARG D 483 25.91 11.44 -7.40
CA ARG D 483 26.36 12.67 -6.84
C ARG D 483 26.95 13.55 -7.92
N SER D 484 27.60 12.94 -8.91
CA SER D 484 28.24 13.72 -9.95
C SER D 484 27.25 14.58 -10.73
N GLU D 485 25.94 14.29 -10.68
CA GLU D 485 24.96 15.12 -11.36
C GLU D 485 24.16 15.93 -10.35
N LEU D 486 23.84 15.30 -9.24
CA LEU D 486 22.97 15.89 -8.24
C LEU D 486 23.57 17.05 -7.51
N TYR D 487 24.89 17.12 -7.46
CA TYR D 487 25.62 18.17 -6.77
C TYR D 487 25.19 19.57 -7.14
N LYS D 488 24.56 19.75 -8.27
CA LYS D 488 24.16 21.09 -8.64
C LYS D 488 23.02 21.61 -7.77
N TYR D 489 22.31 20.70 -7.10
CA TYR D 489 21.09 21.04 -6.39
C TYR D 489 21.06 20.86 -4.88
N LYS D 490 20.23 21.68 -4.24
CA LYS D 490 19.94 21.61 -2.81
C LYS D 490 18.45 21.67 -2.53
N VAL D 491 17.98 20.92 -1.54
CA VAL D 491 16.57 20.98 -1.18
C VAL D 491 16.33 21.81 0.05
N VAL D 492 15.39 22.75 -0.07
CA VAL D 492 15.05 23.58 1.07
C VAL D 492 13.58 23.57 1.35
N LYS D 493 13.22 23.92 2.58
CA LYS D 493 11.82 24.01 2.99
C LYS D 493 11.46 25.43 3.32
N ILE D 494 10.32 25.85 2.84
CA ILE D 494 9.88 27.19 3.04
C ILE D 494 9.10 27.33 4.33
N GLU D 495 9.45 28.38 5.06
CA GLU D 495 8.84 28.71 6.34
C GLU D 495 8.26 30.11 6.29
N PRO D 496 7.08 30.28 5.71
CA PRO D 496 6.46 31.53 5.34
C PRO D 496 5.95 32.40 6.48
N LEU D 497 5.86 31.86 7.68
CA LEU D 497 5.29 32.63 8.77
C LEU D 497 6.34 33.15 9.73
N GLY D 498 6.31 34.46 10.01
CA GLY D 498 7.28 35.06 10.94
C GLY D 498 6.93 36.49 11.34
N VAL D 499 7.78 37.13 12.13
CA VAL D 499 7.49 38.47 12.61
C VAL D 499 8.63 39.43 12.40
N ALA D 500 8.30 40.71 12.52
CA ALA D 500 9.28 41.78 12.45
C ALA D 500 8.73 42.99 13.23
N PRO D 501 9.58 43.88 13.76
CA PRO D 501 9.22 45.09 14.44
C PRO D 501 8.67 46.10 13.49
N THR D 502 7.66 46.79 13.93
CA THR D 502 7.03 47.89 13.23
C THR D 502 6.68 49.00 14.19
N ARG D 503 6.07 50.03 13.62
CA ARG D 503 5.57 51.17 14.35
C ARG D 503 4.05 51.15 14.33
N CYS D 504 3.50 50.00 13.99
CA CYS D 504 2.07 49.86 13.86
C CYS D 504 1.52 48.97 14.90
N LYS D 505 0.34 49.29 15.39
CA LYS D 505 -0.29 48.40 16.33
C LYS D 505 -1.72 48.22 15.92
N ARG D 506 -2.26 47.07 16.21
CA ARG D 506 -3.64 46.78 15.92
C ARG D 506 -4.54 47.94 16.33
N PHE E 8 5.34 36.90 -11.70
CA PHE E 8 6.28 37.91 -12.13
C PHE E 8 7.68 37.68 -11.61
N LEU E 9 7.88 37.85 -10.30
CA LEU E 9 9.22 37.65 -9.77
C LEU E 9 9.48 36.18 -9.56
N GLY E 10 8.44 35.39 -9.37
CA GLY E 10 8.61 33.98 -9.11
C GLY E 10 8.50 33.70 -7.63
N PHE E 11 8.41 32.43 -7.29
CA PHE E 11 8.16 31.98 -5.94
C PHE E 11 9.08 32.55 -4.87
N LEU E 12 10.38 32.51 -5.08
CA LEU E 12 11.30 33.11 -4.12
C LEU E 12 11.93 34.33 -4.73
N GLY E 13 11.32 34.84 -5.78
CA GLY E 13 11.89 35.92 -6.55
C GLY E 13 12.19 37.17 -5.79
N ALA E 14 11.40 37.45 -4.80
CA ALA E 14 11.54 38.64 -4.02
C ALA E 14 12.55 38.50 -2.89
N ALA E 15 13.16 37.34 -2.73
CA ALA E 15 14.04 37.09 -1.59
C ALA E 15 15.18 38.10 -1.46
N GLY E 16 15.72 38.58 -2.57
CA GLY E 16 16.87 39.49 -2.52
C GLY E 16 16.51 40.97 -2.43
N SER E 17 15.24 41.29 -2.28
CA SER E 17 14.81 42.70 -2.30
C SER E 17 14.68 43.43 -0.96
N THR E 18 15.15 42.82 0.12
CA THR E 18 15.11 43.32 1.50
C THR E 18 13.67 43.38 1.94
N MET E 19 13.40 43.33 3.24
CA MET E 19 12.05 42.98 3.66
C MET E 19 10.97 43.93 3.15
N GLY E 20 11.32 45.20 3.11
CA GLY E 20 10.47 46.30 2.71
C GLY E 20 9.99 46.20 1.28
N ALA E 21 10.59 45.34 0.48
CA ALA E 21 10.13 45.16 -0.87
C ALA E 21 9.92 43.69 -1.11
N ALA E 22 10.66 42.87 -0.38
CA ALA E 22 10.66 41.45 -0.57
C ALA E 22 9.31 40.84 -0.26
N SER E 23 8.62 41.35 0.74
CA SER E 23 7.32 40.78 1.05
C SER E 23 6.24 41.81 1.00
N MET E 24 6.63 43.07 1.22
CA MET E 24 5.68 44.18 1.40
C MET E 24 5.07 44.69 0.12
N THR E 25 5.46 44.07 -0.97
CA THR E 25 4.97 44.34 -2.29
C THR E 25 3.90 43.35 -2.61
N LEU E 26 3.60 42.54 -1.61
CA LEU E 26 2.65 41.47 -1.61
C LEU E 26 3.10 40.35 -2.50
N THR E 27 4.41 40.32 -2.78
CA THR E 27 5.04 39.22 -3.46
C THR E 27 4.83 37.99 -2.61
N VAL E 28 4.73 38.25 -1.29
CA VAL E 28 4.49 37.20 -0.35
C VAL E 28 3.19 36.48 -0.66
N GLN E 29 2.18 37.19 -1.12
CA GLN E 29 0.95 36.53 -1.37
C GLN E 29 0.91 35.92 -2.73
N ALA E 30 1.39 36.71 -3.68
CA ALA E 30 1.27 36.37 -5.06
C ALA E 30 1.90 35.05 -5.38
N ARG E 31 3.00 34.72 -4.74
CA ARG E 31 3.60 33.47 -5.06
C ARG E 31 4.03 32.73 -3.84
N ASN E 32 4.70 33.39 -2.91
CA ASN E 32 5.24 32.58 -1.84
C ASN E 32 4.10 31.87 -1.11
N LEU E 33 2.97 32.56 -0.89
CA LEU E 33 1.85 31.93 -0.24
C LEU E 33 1.01 31.13 -1.23
N LEU E 34 0.76 31.66 -2.40
CA LEU E 34 -0.09 30.96 -3.35
C LEU E 34 0.43 29.55 -3.67
N SER E 35 1.73 29.41 -3.75
CA SER E 35 2.35 28.14 -4.07
C SER E 35 2.42 27.19 -2.88
N GLY E 36 2.17 27.69 -1.69
CA GLY E 36 2.36 26.95 -0.45
C GLY E 36 1.53 25.70 -0.40
N ILE E 37 0.35 25.73 -0.99
CA ILE E 37 -0.54 24.59 -0.96
C ILE E 37 -0.94 24.26 -2.37
N VAL E 38 -0.04 24.47 -3.32
CA VAL E 38 -0.36 24.18 -4.69
C VAL E 38 0.17 22.81 -5.09
N VAL E 59 2.02 -0.74 -5.50
CA VAL E 59 2.05 0.02 -4.26
C VAL E 59 3.26 0.94 -4.24
N TRP E 60 3.84 1.14 -5.40
CA TRP E 60 5.02 1.99 -5.50
C TRP E 60 4.77 3.43 -5.07
N GLY E 61 3.67 4.02 -5.54
CA GLY E 61 3.38 5.45 -5.32
C GLY E 61 2.82 5.78 -3.96
N ILE E 62 3.48 5.29 -2.93
CA ILE E 62 3.07 5.58 -1.58
C ILE E 62 3.56 6.96 -1.22
N LYS E 63 4.74 7.28 -1.75
CA LYS E 63 5.43 8.52 -1.51
C LYS E 63 4.57 9.67 -1.93
N GLN E 64 3.81 9.47 -2.98
CA GLN E 64 2.98 10.51 -3.52
C GLN E 64 1.89 10.91 -2.54
N LEU E 65 1.35 9.96 -1.76
CA LEU E 65 0.33 10.34 -0.79
C LEU E 65 0.99 10.97 0.37
N GLN E 66 2.18 10.49 0.71
CA GLN E 66 2.82 11.04 1.87
C GLN E 66 3.13 12.49 1.62
N ALA E 67 3.58 12.81 0.41
CA ALA E 67 3.91 14.17 0.07
C ALA E 67 2.70 15.06 0.11
N ARG E 68 1.57 14.57 -0.39
CA ARG E 68 0.39 15.38 -0.39
C ARG E 68 -0.09 15.64 1.03
N VAL E 69 -0.03 14.61 1.85
CA VAL E 69 -0.51 14.77 3.19
C VAL E 69 0.34 15.71 3.97
N LEU E 70 1.65 15.59 3.85
CA LEU E 70 2.51 16.47 4.60
C LEU E 70 2.35 17.89 4.16
N ALA E 71 2.16 18.12 2.86
CA ALA E 71 1.98 19.48 2.42
C ALA E 71 0.71 20.04 3.04
N VAL E 72 -0.32 19.21 3.13
CA VAL E 72 -1.52 19.68 3.74
C VAL E 72 -1.30 20.01 5.18
N GLU E 73 -0.59 19.16 5.90
CA GLU E 73 -0.40 19.45 7.29
C GLU E 73 0.35 20.75 7.51
N ARG E 74 1.38 21.02 6.72
CA ARG E 74 2.11 22.24 6.96
C ARG E 74 1.25 23.45 6.70
N TYR E 75 0.47 23.39 5.64
CA TYR E 75 -0.39 24.51 5.33
C TYR E 75 -1.32 24.77 6.47
N LEU E 76 -1.94 23.70 6.95
CA LEU E 76 -2.89 23.89 7.99
C LEU E 76 -2.27 24.36 9.27
N ARG E 77 -1.03 23.95 9.59
CA ARG E 77 -0.46 24.45 10.83
C ARG E 77 -0.30 25.95 10.75
N ASP E 78 0.11 26.45 9.59
CA ASP E 78 0.27 27.88 9.50
C ASP E 78 -1.06 28.57 9.69
N GLN E 79 -2.10 28.01 9.12
CA GLN E 79 -3.36 28.68 9.25
C GLN E 79 -3.87 28.62 10.66
N GLN E 80 -3.64 27.52 11.37
CA GLN E 80 -4.14 27.49 12.72
C GLN E 80 -3.42 28.51 13.57
N LEU E 81 -2.12 28.72 13.34
CA LEU E 81 -1.41 29.71 14.12
C LEU E 81 -1.92 31.11 13.85
N LEU E 82 -2.21 31.40 12.60
CA LEU E 82 -2.75 32.70 12.29
C LEU E 82 -4.10 32.82 12.94
N GLY E 83 -4.84 31.74 12.95
CA GLY E 83 -6.14 31.73 13.56
C GLY E 83 -6.08 32.06 15.04
N ILE E 84 -5.25 31.35 15.79
CA ILE E 84 -5.17 31.59 17.21
C ILE E 84 -4.69 32.99 17.54
N TRP E 85 -3.88 33.59 16.68
CA TRP E 85 -3.39 34.94 16.90
C TRP E 85 -4.33 36.04 16.43
N GLY E 86 -5.47 35.66 15.83
CA GLY E 86 -6.43 36.62 15.30
C GLY E 86 -5.97 37.24 14.00
N CYS E 87 -5.12 36.51 13.28
CA CYS E 87 -4.55 36.99 12.04
C CYS E 87 -4.96 36.19 10.83
N SER E 88 -6.05 35.46 10.89
CA SER E 88 -6.40 34.75 9.68
C SER E 88 -6.92 35.75 8.69
N GLY E 89 -6.82 35.43 7.41
CA GLY E 89 -7.37 36.29 6.37
C GLY E 89 -6.54 37.55 6.16
N LYS E 90 -5.26 37.50 6.50
CA LYS E 90 -4.41 38.66 6.38
C LYS E 90 -3.07 38.27 5.82
N LEU E 91 -2.42 39.16 5.08
CA LEU E 91 -1.07 38.86 4.68
C LEU E 91 -0.14 39.41 5.77
N ILE E 92 -0.48 40.60 6.26
CA ILE E 92 0.22 41.29 7.32
C ILE E 92 -0.76 41.52 8.46
N CYS E 93 -0.36 41.16 9.65
CA CYS E 93 -1.24 41.32 10.78
C CYS E 93 -0.62 42.01 11.97
N CYS E 94 -1.08 43.20 12.26
CA CYS E 94 -0.51 43.88 13.40
C CYS E 94 -1.26 43.44 14.62
N THR E 95 -0.52 43.34 15.71
CA THR E 95 -1.06 43.03 17.01
C THR E 95 -0.80 44.18 17.95
N ASN E 96 -1.15 44.03 19.21
CA ASN E 96 -0.95 45.08 20.21
C ASN E 96 0.20 44.81 21.15
N VAL E 97 1.02 43.87 20.79
CA VAL E 97 2.17 43.46 21.54
C VAL E 97 3.33 44.35 21.08
N PRO E 98 4.05 45.02 21.99
CA PRO E 98 5.17 45.89 21.72
C PRO E 98 6.32 45.04 21.26
N TRP E 99 7.20 45.59 20.46
CA TRP E 99 8.36 44.81 20.09
C TRP E 99 9.33 44.79 21.23
N ASN E 100 9.93 43.64 21.49
CA ASN E 100 10.97 43.62 22.49
C ASN E 100 12.34 43.81 21.88
N SER E 101 12.94 44.95 22.15
CA SER E 101 14.23 45.29 21.60
C SER E 101 15.30 44.38 22.16
N SER E 102 14.98 43.68 23.25
CA SER E 102 15.92 42.76 23.88
C SER E 102 16.23 41.61 22.94
N TRP E 103 15.37 41.37 21.95
CA TRP E 103 15.53 40.31 20.99
C TRP E 103 16.37 40.74 19.80
N SER E 104 16.43 42.05 19.58
CA SER E 104 17.07 42.68 18.43
C SER E 104 16.84 44.17 18.46
N ASN E 105 17.92 44.93 18.54
CA ASN E 105 17.79 46.37 18.58
C ASN E 105 18.43 47.05 17.37
N ARG E 106 17.59 47.43 16.43
CA ARG E 106 17.96 48.03 15.17
C ARG E 106 16.94 49.10 14.82
N ASN E 107 17.28 50.05 13.96
CA ASN E 107 16.32 51.05 13.54
C ASN E 107 15.34 50.48 12.52
N LEU E 108 14.11 50.94 12.53
CA LEU E 108 13.18 50.36 11.58
C LEU E 108 13.62 50.54 10.14
N SER E 109 14.27 51.64 9.81
CA SER E 109 14.67 51.84 8.44
C SER E 109 15.73 50.84 7.96
N GLU E 110 16.58 50.33 8.85
CA GLU E 110 17.57 49.40 8.35
C GLU E 110 16.94 48.03 8.30
N ILE E 111 16.05 47.79 9.25
CA ILE E 111 15.42 46.51 9.36
C ILE E 111 14.60 46.26 8.14
N TRP E 112 13.84 47.25 7.75
CA TRP E 112 13.02 47.09 6.60
C TRP E 112 13.66 47.36 5.24
N ASP E 113 14.58 48.32 5.14
CA ASP E 113 15.08 48.59 3.81
C ASP E 113 16.37 47.92 3.38
N ASN E 114 17.32 47.60 4.28
CA ASN E 114 18.55 47.03 3.75
C ASN E 114 18.69 45.54 4.06
N MET E 115 17.99 45.05 5.09
CA MET E 115 18.06 43.65 5.44
C MET E 115 16.92 42.82 4.85
N THR E 116 17.19 41.55 4.49
CA THR E 116 16.12 40.67 4.00
C THR E 116 15.61 39.70 5.03
N TRP E 117 14.62 38.94 4.64
CA TRP E 117 13.94 38.02 5.54
C TRP E 117 14.77 36.87 6.01
N LEU E 118 15.68 36.39 5.18
CA LEU E 118 16.48 35.27 5.60
C LEU E 118 17.46 35.76 6.64
N GLN E 119 18.02 36.92 6.40
CA GLN E 119 18.98 37.51 7.32
C GLN E 119 18.30 37.86 8.61
N TRP E 120 17.07 38.32 8.48
CA TRP E 120 16.30 38.69 9.62
C TRP E 120 16.07 37.48 10.49
N ASP E 121 15.65 36.36 9.91
CA ASP E 121 15.42 35.21 10.75
C ASP E 121 16.70 34.77 11.43
N LYS E 122 17.82 34.89 10.75
CA LYS E 122 19.03 34.47 11.41
C LYS E 122 19.21 35.26 12.71
N GLU E 123 18.86 36.55 12.70
CA GLU E 123 18.98 37.35 13.91
C GLU E 123 17.91 37.11 14.97
N ILE E 124 16.66 36.85 14.58
CA ILE E 124 15.64 36.71 15.61
C ILE E 124 14.99 35.35 15.84
N SER E 125 15.51 34.31 15.23
CA SER E 125 14.97 32.97 15.41
C SER E 125 14.79 32.52 16.86
N ASN E 126 15.71 32.90 17.73
CA ASN E 126 15.68 32.43 19.12
C ASN E 126 14.56 33.04 19.93
N TYR E 127 13.84 34.00 19.38
CA TYR E 127 12.82 34.62 20.17
C TYR E 127 11.46 34.27 19.66
N THR E 128 11.43 33.38 18.67
CA THR E 128 10.20 32.97 18.04
C THR E 128 9.20 32.40 19.00
N GLN E 129 9.64 31.57 19.90
CA GLN E 129 8.70 30.95 20.77
C GLN E 129 8.19 31.93 21.81
N ILE E 130 9.01 32.90 22.15
CA ILE E 130 8.60 33.85 23.16
C ILE E 130 7.49 34.64 22.58
N ILE E 131 7.70 35.11 21.35
CA ILE E 131 6.68 35.89 20.74
C ILE E 131 5.44 35.10 20.45
N TYR E 132 5.55 33.85 20.06
CA TYR E 132 4.31 33.18 19.81
C TYR E 132 3.49 33.11 21.08
N GLY E 133 4.12 32.84 22.21
CA GLY E 133 3.36 32.77 23.45
C GLY E 133 2.70 34.11 23.77
N LEU E 134 3.43 35.20 23.54
CA LEU E 134 2.88 36.51 23.80
C LEU E 134 1.72 36.82 22.88
N LEU E 135 1.82 36.38 21.62
CA LEU E 135 0.76 36.66 20.71
C LEU E 135 -0.49 35.94 21.13
N GLU E 136 -0.34 34.70 21.58
CA GLU E 136 -1.51 33.96 21.98
C GLU E 136 -2.16 34.58 23.17
N GLU E 137 -1.36 35.01 24.14
CA GLU E 137 -2.00 35.53 25.32
C GLU E 137 -2.68 36.82 25.00
N SER E 138 -2.07 37.66 24.16
CA SER E 138 -2.72 38.90 23.87
C SER E 138 -4.04 38.66 23.18
N GLN E 139 -4.07 37.75 22.22
CA GLN E 139 -5.32 37.55 21.52
C GLN E 139 -6.37 37.03 22.46
N ASN E 140 -5.96 36.20 23.39
CA ASN E 140 -6.91 35.65 24.32
C ASN E 140 -7.50 36.74 25.19
N GLN E 141 -6.68 37.70 25.59
CA GLN E 141 -7.18 38.78 26.41
C GLN E 141 -8.04 39.71 25.60
N GLN E 142 -7.70 39.90 24.33
CA GLN E 142 -8.49 40.81 23.52
C GLN E 142 -9.87 40.25 23.33
N GLU E 143 -9.95 38.96 23.08
CA GLU E 143 -11.25 38.38 22.89
C GLU E 143 -12.02 38.42 24.18
N LYS E 144 -11.34 38.15 25.29
CA LYS E 144 -11.99 38.17 26.58
C LYS E 144 -12.62 39.54 26.82
N ASN E 145 -11.90 40.60 26.48
CA ASN E 145 -12.42 41.92 26.70
C ASN E 145 -13.63 42.17 25.84
N GLU E 146 -13.63 41.65 24.61
CA GLU E 146 -14.78 41.85 23.77
C GLU E 146 -15.98 41.12 24.34
N GLN E 147 -15.73 39.95 24.92
CA GLN E 147 -16.80 39.17 25.50
C GLN E 147 -17.41 39.92 26.68
N ASP E 148 -16.57 40.59 27.47
CA ASP E 148 -17.10 41.36 28.59
C ASP E 148 -17.91 42.53 28.07
N LEU E 149 -17.45 43.15 26.99
CA LEU E 149 -18.18 44.27 26.47
C LEU E 149 -19.54 43.84 25.96
N LEU E 150 -19.64 42.68 25.33
CA LEU E 150 -20.96 42.27 24.86
C LEU E 150 -21.88 41.99 26.02
N ALA E 151 -21.37 41.37 27.07
CA ALA E 151 -22.18 41.02 28.23
C ALA E 151 -22.78 42.24 28.89
N LEU E 152 -22.05 43.33 28.85
CA LEU E 152 -22.48 44.56 29.47
C LEU E 152 -23.14 45.52 28.50
N ASP E 153 -23.35 45.09 27.26
CA ASP E 153 -23.94 45.95 26.27
C ASP E 153 -25.46 45.88 26.34
N THR F 98 41.91 -1.77 27.19
CA THR F 98 41.42 -2.77 26.25
C THR F 98 40.90 -2.12 24.98
N ASN F 99 40.86 -2.89 23.91
CA ASN F 99 40.40 -2.43 22.61
C ASN F 99 39.82 -3.56 21.80
N LYS F 100 39.35 -3.23 20.60
CA LYS F 100 38.74 -4.17 19.68
C LYS F 100 39.39 -4.03 18.31
N LYS F 101 39.29 -5.08 17.51
CA LYS F 101 39.84 -5.01 16.16
C LYS F 101 38.91 -4.24 15.24
N GLU F 102 38.96 -2.94 15.38
CA GLU F 102 38.13 -2.00 14.64
C GLU F 102 38.83 -1.56 13.37
N CYS F 103 38.05 -1.32 12.34
CA CYS F 103 38.59 -0.79 11.09
C CYS F 103 38.67 0.73 11.18
N PRO F 104 39.59 1.35 10.47
CA PRO F 104 39.74 2.79 10.38
C PRO F 104 38.57 3.36 9.64
N GLU F 105 38.32 4.61 9.86
CA GLU F 105 37.21 5.25 9.20
C GLU F 105 37.42 5.12 7.71
N ASP F 106 36.30 5.06 7.01
CA ASP F 106 36.22 4.91 5.57
C ASP F 106 36.58 3.50 5.09
N TYR F 107 36.75 2.57 6.03
CA TYR F 107 36.94 1.16 5.74
C TYR F 107 36.01 0.33 6.59
N THR F 108 35.55 -0.78 6.08
CA THR F 108 34.76 -1.64 6.94
C THR F 108 35.31 -3.02 6.96
N TYR F 109 34.75 -3.85 7.80
CA TYR F 109 35.28 -5.19 7.87
C TYR F 109 34.68 -6.07 6.81
N ASN F 110 35.53 -6.74 6.04
CA ASN F 110 35.00 -7.62 5.01
C ASN F 110 35.84 -8.87 4.83
N PRO F 111 35.53 -9.96 5.53
CA PRO F 111 36.33 -11.18 5.60
C PRO F 111 36.41 -11.87 4.27
N ARG F 112 35.51 -11.52 3.37
CA ARG F 112 35.45 -12.11 2.07
C ARG F 112 36.68 -11.82 1.28
N CYS F 113 37.19 -10.61 1.41
CA CYS F 113 38.26 -10.22 0.52
C CYS F 113 39.52 -11.01 0.77
N PRO F 114 40.10 -11.09 1.97
CA PRO F 114 41.31 -11.83 2.11
C PRO F 114 41.11 -13.30 1.82
N GLN F 115 39.89 -13.82 2.02
CA GLN F 115 39.70 -15.22 1.76
C GLN F 115 39.54 -15.55 0.31
N GLN F 116 38.85 -14.69 -0.40
CA GLN F 116 38.59 -14.90 -1.79
C GLN F 116 39.83 -14.69 -2.59
N TYR F 117 40.66 -13.74 -2.17
CA TYR F 117 41.83 -13.43 -2.95
C TYR F 117 43.18 -13.86 -2.43
N GLY F 118 43.33 -14.22 -1.15
CA GLY F 118 44.66 -14.58 -0.68
C GLY F 118 45.49 -13.33 -0.41
N TRP F 119 44.83 -12.28 -0.01
CA TRP F 119 45.49 -11.01 0.24
C TRP F 119 45.93 -10.84 1.68
N SER F 120 47.21 -10.51 1.84
CA SER F 120 47.79 -10.26 3.15
C SER F 120 47.36 -8.92 3.66
N ASP F 121 47.28 -8.78 4.98
CA ASP F 121 47.02 -7.50 5.62
C ASP F 121 45.81 -6.81 5.04
N CYS F 122 44.77 -7.59 4.82
CA CYS F 122 43.55 -7.06 4.24
C CYS F 122 42.36 -7.54 5.00
N ASP F 123 42.08 -6.91 6.13
CA ASP F 123 40.98 -7.31 6.96
C ASP F 123 39.80 -6.43 6.64
N CYS F 124 40.14 -5.18 6.40
CA CYS F 124 39.19 -4.13 6.18
C CYS F 124 39.23 -3.73 4.73
N MET F 125 38.12 -3.29 4.21
CA MET F 125 38.05 -2.85 2.83
C MET F 125 37.47 -1.47 2.73
N GLY F 126 38.06 -0.67 1.86
CA GLY F 126 37.62 0.70 1.69
C GLY F 126 36.17 0.75 1.30
N ASP F 127 35.46 1.67 1.92
CA ASP F 127 34.05 1.88 1.72
C ASP F 127 33.82 2.50 0.37
N ARG F 128 34.86 3.09 -0.14
CA ARG F 128 34.88 3.79 -1.39
C ARG F 128 34.63 2.84 -2.55
N PHE F 129 34.78 1.54 -2.30
CA PHE F 129 34.54 0.61 -3.37
C PHE F 129 33.21 -0.08 -3.26
N GLY F 130 32.38 0.32 -2.34
CA GLY F 130 31.04 -0.22 -2.30
C GLY F 130 30.89 -1.66 -1.83
N GLY F 131 31.85 -2.19 -1.09
CA GLY F 131 31.73 -3.58 -0.65
C GLY F 131 32.47 -4.55 -1.55
N TYR F 132 32.98 -4.05 -2.66
CA TYR F 132 33.73 -4.87 -3.58
C TYR F 132 35.17 -4.94 -3.12
N CYS F 133 35.85 -6.01 -3.47
CA CYS F 133 37.24 -6.22 -3.08
C CYS F 133 38.27 -5.74 -4.07
N ARG F 134 39.27 -5.01 -3.57
CA ARG F 134 40.39 -4.51 -4.36
C ARG F 134 41.68 -4.50 -3.56
N GLN F 135 42.81 -4.80 -4.18
CA GLN F 135 44.04 -4.77 -3.40
C GLN F 135 44.34 -3.39 -2.82
N ASP F 136 44.02 -2.32 -3.54
CA ASP F 136 44.37 -1.01 -3.03
C ASP F 136 43.36 -0.49 -2.05
N GLY F 137 42.32 -1.27 -1.85
CA GLY F 137 41.28 -0.94 -0.93
C GLY F 137 41.53 -1.67 0.35
N CYS F 138 42.64 -2.41 0.44
CA CYS F 138 42.90 -3.18 1.63
C CYS F 138 43.54 -2.41 2.73
N SER F 139 43.13 -2.77 3.93
CA SER F 139 43.71 -2.25 5.14
C SER F 139 43.64 -3.24 6.27
N ASN F 140 44.57 -3.08 7.18
CA ASN F 140 44.53 -3.83 8.39
C ASN F 140 43.72 -3.01 9.38
N TYR F 141 43.62 -3.47 10.62
CA TYR F 141 42.85 -2.80 11.66
C TYR F 141 43.57 -1.60 12.20
N ILE F 142 42.84 -0.75 12.92
CA ILE F 142 43.47 0.41 13.49
C ILE F 142 44.58 -0.07 14.40
N HIS F 143 45.76 0.47 14.22
CA HIS F 143 46.90 -0.02 14.96
C HIS F 143 47.05 0.43 16.40
N ARG F 144 46.30 -0.22 17.26
CA ARG F 144 46.41 0.03 18.68
C ARG F 144 46.29 -1.27 19.44
N SER F 145 47.05 -1.37 20.54
CA SER F 145 47.01 -2.55 21.39
C SER F 145 45.86 -2.47 22.38
N THR F 146 45.57 -3.60 23.01
CA THR F 146 44.51 -3.70 23.99
C THR F 146 45.06 -3.51 25.39
N TRP G 40 -29.26 33.95 25.00
CA TRP G 40 -28.61 33.99 23.68
C TRP G 40 -27.63 32.90 23.47
N VAL G 41 -27.47 32.54 22.22
CA VAL G 41 -26.55 31.47 21.88
C VAL G 41 -25.15 31.96 21.60
N THR G 42 -24.20 31.36 22.28
CA THR G 42 -22.82 31.65 22.00
C THR G 42 -22.12 30.35 21.65
N VAL G 43 -21.34 30.42 20.60
CA VAL G 43 -20.59 29.29 20.07
C VAL G 43 -19.18 29.26 20.63
N TYR G 44 -18.76 28.12 21.12
CA TYR G 44 -17.44 28.00 21.68
C TYR G 44 -16.61 26.93 21.01
N TYR G 45 -15.33 27.20 20.79
CA TYR G 45 -14.48 26.21 20.20
C TYR G 45 -13.28 25.90 21.06
N GLY G 46 -12.92 24.63 21.19
CA GLY G 46 -11.75 24.23 21.97
C GLY G 46 -12.20 23.71 23.32
N VAL G 47 -13.43 23.32 23.40
CA VAL G 47 -13.96 22.82 24.62
C VAL G 47 -13.31 21.48 24.98
N PRO G 48 -12.78 21.29 26.18
CA PRO G 48 -12.13 20.06 26.64
C PRO G 48 -13.18 19.00 27.01
N VAL G 49 -13.89 18.53 26.00
CA VAL G 49 -14.97 17.56 26.13
C VAL G 49 -14.77 16.39 25.19
N TRP G 50 -15.19 15.20 25.60
CA TRP G 50 -15.01 14.03 24.77
C TRP G 50 -16.07 12.97 24.87
N LYS G 51 -16.09 12.11 23.87
CA LYS G 51 -16.93 10.92 23.78
C LYS G 51 -16.10 9.67 23.70
N ASP G 52 -16.70 8.55 24.08
CA ASP G 52 -16.02 7.27 23.95
C ASP G 52 -15.76 7.08 22.47
N ALA G 53 -14.60 6.55 22.10
CA ALA G 53 -14.40 6.37 20.67
C ALA G 53 -13.47 5.25 20.31
N GLU G 54 -13.62 4.75 19.11
CA GLU G 54 -12.71 3.73 18.61
C GLU G 54 -11.97 4.24 17.40
N THR G 55 -10.66 4.25 17.50
CA THR G 55 -9.79 4.65 16.42
C THR G 55 -8.60 3.78 16.38
N THR G 56 -7.76 4.02 15.40
CA THR G 56 -6.53 3.27 15.23
C THR G 56 -5.40 3.99 15.90
N LEU G 57 -4.65 3.29 16.74
CA LEU G 57 -3.54 3.89 17.44
C LEU G 57 -2.22 3.62 16.76
N PHE G 58 -1.26 4.50 17.02
CA PHE G 58 0.08 4.38 16.50
C PHE G 58 0.93 3.56 17.41
N CYS G 59 1.82 2.77 16.87
CA CYS G 59 2.74 2.09 17.76
C CYS G 59 4.05 2.86 17.78
N ALA G 60 4.71 2.86 18.93
CA ALA G 60 5.98 3.53 19.03
C ALA G 60 6.95 2.82 19.96
N SER G 61 8.24 2.97 19.66
CA SER G 61 9.28 2.43 20.54
C SER G 61 10.58 3.20 20.44
N ASP G 62 11.35 3.19 21.51
CA ASP G 62 12.70 3.79 21.54
C ASP G 62 12.82 5.26 21.12
N ALA G 63 12.06 6.21 21.73
CA ALA G 63 12.20 7.64 21.38
C ALA G 63 13.50 7.92 20.64
N GLU G 69 17.20 -0.85 12.86
CA GLU G 69 17.75 -2.16 12.54
C GLU G 69 16.73 -2.99 11.78
N LYS G 70 17.10 -4.22 11.39
CA LYS G 70 16.19 -5.16 10.73
C LYS G 70 15.95 -6.33 11.64
N HIS G 71 16.47 -6.21 12.84
CA HIS G 71 16.40 -7.20 13.87
C HIS G 71 15.08 -7.03 14.56
N ASN G 72 14.63 -8.07 15.26
CA ASN G 72 13.41 -8.04 16.07
C ASN G 72 12.10 -8.01 15.27
N VAL G 73 11.34 -9.07 15.42
CA VAL G 73 10.13 -9.16 14.62
C VAL G 73 9.06 -8.15 15.01
N TRP G 74 9.04 -7.69 16.26
CA TRP G 74 7.96 -6.85 16.69
C TRP G 74 8.05 -5.38 16.34
N ALA G 75 8.00 -5.11 15.04
CA ALA G 75 7.96 -3.78 14.45
C ALA G 75 9.06 -2.82 14.86
N THR G 76 10.31 -3.23 15.07
CA THR G 76 11.20 -2.17 15.53
C THR G 76 11.65 -1.27 14.39
N HIS G 77 11.54 -1.77 13.17
CA HIS G 77 11.84 -1.01 11.98
C HIS G 77 10.61 -0.28 11.46
N ALA G 78 9.45 -0.61 12.04
CA ALA G 78 8.17 -0.14 11.54
C ALA G 78 7.51 0.93 12.42
N CYS G 79 7.67 0.82 13.72
CA CYS G 79 7.06 1.76 14.64
C CYS G 79 7.84 3.05 14.67
N VAL G 80 7.22 4.10 15.16
CA VAL G 80 7.88 5.39 15.21
C VAL G 80 8.52 5.52 16.57
N PRO G 81 9.38 6.50 16.82
CA PRO G 81 9.97 6.77 18.10
C PRO G 81 8.89 7.16 19.08
N THR G 82 9.08 6.87 20.35
CA THR G 82 8.15 7.30 21.36
C THR G 82 8.45 8.73 21.64
N ASP G 83 7.56 9.40 22.34
CA ASP G 83 7.85 10.76 22.73
C ASP G 83 8.99 10.61 23.73
N PRO G 84 10.05 11.44 23.70
CA PRO G 84 11.12 11.41 24.66
C PRO G 84 10.71 11.74 26.09
N ASN G 85 9.54 12.37 26.29
CA ASN G 85 9.13 12.71 27.64
C ASN G 85 7.67 12.36 27.93
N PRO G 86 7.32 11.87 29.13
CA PRO G 86 5.94 11.65 29.53
C PRO G 86 5.19 12.95 29.44
N GLN G 87 3.95 12.88 28.97
CA GLN G 87 3.12 14.05 28.83
C GLN G 87 1.91 13.96 29.71
N GLU G 88 1.98 13.13 30.71
CA GLU G 88 0.84 12.90 31.57
C GLU G 88 0.34 14.13 32.31
N ILE G 89 -0.97 14.36 32.19
CA ILE G 89 -1.63 15.45 32.87
C ILE G 89 -2.72 14.94 33.80
N HIS G 90 -2.60 15.19 35.09
CA HIS G 90 -3.66 14.74 35.98
C HIS G 90 -4.82 15.70 35.87
N LEU G 91 -6.04 15.17 35.84
CA LEU G 91 -7.20 16.04 35.77
C LEU G 91 -7.94 16.06 37.09
N GLU G 92 -8.08 17.23 37.66
CA GLU G 92 -8.72 17.37 38.94
C GLU G 92 -10.21 17.52 38.76
N ASN G 93 -10.97 17.16 39.79
CA ASN G 93 -12.42 17.29 39.85
C ASN G 93 -13.15 16.60 38.70
N VAL G 94 -12.62 15.49 38.26
CA VAL G 94 -13.29 14.74 37.22
C VAL G 94 -13.28 13.29 37.57
N THR G 95 -14.20 12.56 36.98
CA THR G 95 -14.25 11.12 37.12
C THR G 95 -14.46 10.57 35.73
N GLU G 96 -14.21 9.28 35.55
CA GLU G 96 -14.47 8.66 34.26
C GLU G 96 -14.82 7.18 34.41
N GLU G 97 -15.61 6.67 33.46
CA GLU G 97 -16.02 5.26 33.44
C GLU G 97 -15.29 4.40 32.45
N PHE G 98 -14.71 3.34 32.98
CA PHE G 98 -13.92 2.41 32.23
C PHE G 98 -14.54 1.03 32.18
N ASN G 99 -14.26 0.31 31.10
CA ASN G 99 -14.71 -1.06 31.01
C ASN G 99 -13.73 -1.82 30.17
N MET G 100 -12.86 -2.54 30.83
CA MET G 100 -11.79 -3.23 30.15
C MET G 100 -12.27 -4.36 29.28
N TRP G 101 -13.48 -4.80 29.49
CA TRP G 101 -14.01 -5.92 28.76
C TRP G 101 -14.65 -5.50 27.47
N LYS G 102 -14.79 -4.19 27.27
CA LYS G 102 -15.42 -3.66 26.07
C LYS G 102 -14.42 -2.85 25.28
N ASN G 103 -13.17 -2.90 25.69
CA ASN G 103 -12.15 -2.09 25.09
C ASN G 103 -11.80 -2.61 23.70
N ASN G 104 -11.34 -1.69 22.87
CA ASN G 104 -10.92 -2.02 21.52
C ASN G 104 -9.41 -1.96 21.34
N MET G 105 -8.71 -1.43 22.34
CA MET G 105 -7.26 -1.31 22.22
C MET G 105 -6.66 -2.69 22.06
N VAL G 106 -7.29 -3.65 22.71
CA VAL G 106 -6.90 -5.02 22.69
C VAL G 106 -7.08 -5.65 21.32
N GLU G 107 -8.05 -5.18 20.54
CA GLU G 107 -8.24 -5.77 19.24
C GLU G 107 -7.13 -5.32 18.37
N GLN G 108 -6.70 -4.08 18.56
CA GLN G 108 -5.60 -3.63 17.75
C GLN G 108 -4.36 -4.36 18.19
N MET G 109 -4.20 -4.54 19.48
CA MET G 109 -3.01 -5.23 19.93
C MET G 109 -2.98 -6.61 19.30
N HIS G 110 -4.12 -7.28 19.27
CA HIS G 110 -4.21 -8.59 18.68
C HIS G 110 -3.89 -8.53 17.22
N THR G 111 -4.50 -7.61 16.52
CA THR G 111 -4.31 -7.53 15.11
C THR G 111 -2.87 -7.27 14.76
N ASP G 112 -2.24 -6.35 15.49
CA ASP G 112 -0.88 -5.97 15.20
C ASP G 112 0.07 -7.11 15.44
N ILE G 113 -0.12 -7.85 16.51
CA ILE G 113 0.76 -8.94 16.80
C ILE G 113 0.64 -10.04 15.79
N ILE G 114 -0.57 -10.39 15.39
CA ILE G 114 -0.67 -11.46 14.44
C ILE G 114 -0.03 -11.01 13.15
N SER G 115 -0.31 -9.79 12.74
CA SER G 115 0.25 -9.30 11.50
C SER G 115 1.76 -9.27 11.52
N LEU G 116 2.35 -8.79 12.61
CA LEU G 116 3.79 -8.71 12.66
C LEU G 116 4.39 -10.09 12.63
N TRP G 117 3.74 -11.02 13.32
CA TRP G 117 4.23 -12.36 13.33
C TRP G 117 4.25 -12.89 11.92
N ASP G 118 3.17 -12.69 11.17
CA ASP G 118 3.15 -13.20 9.82
C ASP G 118 4.17 -12.53 8.93
N GLN G 119 4.36 -11.25 9.10
CA GLN G 119 5.30 -10.56 8.25
C GLN G 119 6.70 -11.08 8.45
N SER G 120 7.01 -11.48 9.66
CA SER G 120 8.36 -11.92 9.93
C SER G 120 8.76 -13.14 9.14
N LEU G 121 7.81 -13.92 8.64
CA LEU G 121 8.16 -15.11 7.89
C LEU G 121 8.08 -14.93 6.41
N LYS G 122 7.57 -13.79 5.98
CA LYS G 122 7.33 -13.64 4.57
C LYS G 122 8.56 -13.84 3.71
N PRO G 123 9.73 -13.29 4.04
CA PRO G 123 10.92 -13.42 3.25
C PRO G 123 11.73 -14.64 3.61
N CYS G 124 11.20 -15.52 4.44
CA CYS G 124 12.05 -16.60 4.92
C CYS G 124 11.89 -17.86 4.10
N VAL G 125 12.88 -18.71 4.19
CA VAL G 125 12.92 -19.96 3.46
C VAL G 125 11.91 -20.98 3.94
N LYS G 126 11.17 -21.50 2.97
CA LYS G 126 10.16 -22.49 3.19
C LYS G 126 10.85 -23.82 3.39
N LEU G 127 10.27 -24.70 4.18
CA LEU G 127 10.89 -26.00 4.36
C LEU G 127 10.20 -27.11 3.64
N THR G 128 9.41 -26.77 2.64
CA THR G 128 8.71 -27.78 1.87
C THR G 128 9.57 -28.98 1.50
N PRO G 129 10.81 -28.82 0.97
CA PRO G 129 11.66 -29.91 0.55
C PRO G 129 12.02 -30.88 1.68
N LEU G 130 11.82 -30.47 2.92
CA LEU G 130 12.15 -31.26 4.07
C LEU G 130 11.11 -32.29 4.43
N CYS G 131 9.85 -32.16 3.99
CA CYS G 131 8.99 -33.22 4.49
C CYS G 131 9.12 -34.48 3.64
N VAL G 132 9.96 -35.35 4.12
CA VAL G 132 10.32 -36.60 3.52
C VAL G 132 10.20 -37.67 4.55
N THR G 133 10.23 -38.92 4.14
CA THR G 133 10.24 -39.97 5.13
C THR G 133 11.54 -39.90 5.87
N LEU G 134 11.46 -39.99 7.17
CA LEU G 134 12.62 -39.98 8.00
C LEU G 134 12.92 -41.40 8.37
N GLN G 135 14.18 -41.75 8.26
CA GLN G 135 14.60 -43.06 8.71
C GLN G 135 15.09 -42.77 10.09
N CYS G 136 14.45 -43.30 11.11
CA CYS G 136 14.84 -42.72 12.39
C CYS G 136 14.86 -43.67 13.58
N THR G 137 15.82 -43.37 14.45
CA THR G 137 16.08 -44.06 15.70
C THR G 137 16.14 -43.11 16.89
N ASN G 138 16.41 -43.68 18.06
CA ASN G 138 16.48 -42.89 19.28
C ASN G 138 17.88 -42.34 19.52
N VAL G 139 17.93 -41.19 20.13
CA VAL G 139 19.18 -40.70 20.63
C VAL G 139 19.45 -41.47 21.89
N THR G 140 20.66 -41.93 22.06
CA THR G 140 21.00 -42.68 23.24
C THR G 140 22.38 -42.33 23.78
N ASN G 141 22.83 -43.16 24.70
CA ASN G 141 24.12 -43.10 25.40
C ASN G 141 24.22 -42.05 26.49
N ASN G 142 23.99 -40.81 26.13
CA ASN G 142 24.24 -39.72 27.05
C ASN G 142 22.98 -39.19 27.69
N ILE G 143 21.93 -39.96 27.66
CA ILE G 143 20.71 -39.50 28.27
C ILE G 143 20.57 -39.88 29.71
N THR G 144 20.40 -38.85 30.54
CA THR G 144 20.28 -39.02 31.97
C THR G 144 18.89 -39.41 32.43
N ASP G 145 18.37 -40.49 31.86
CA ASP G 145 17.08 -41.09 32.15
C ASP G 145 15.82 -40.27 31.83
N ASP G 146 15.75 -39.05 32.34
CA ASP G 146 14.61 -38.17 32.24
C ASP G 146 14.22 -37.84 30.80
N MET G 147 15.20 -37.74 29.96
CA MET G 147 15.03 -37.46 28.56
C MET G 147 14.90 -38.68 27.68
N ARG G 148 14.80 -39.87 28.25
CA ARG G 148 14.71 -41.02 27.38
C ARG G 148 13.47 -40.95 26.55
N GLY G 149 13.66 -41.15 25.25
CA GLY G 149 12.59 -41.17 24.28
C GLY G 149 12.26 -39.79 23.75
N GLU G 150 12.87 -38.74 24.31
CA GLU G 150 12.57 -37.38 23.91
C GLU G 150 13.28 -36.93 22.66
N LEU G 151 14.45 -37.48 22.40
CA LEU G 151 15.17 -37.02 21.23
C LEU G 151 15.33 -38.11 20.23
N LYS G 152 15.14 -37.72 19.00
CA LYS G 152 15.24 -38.56 17.84
C LYS G 152 16.44 -38.22 16.98
N ASN G 153 17.00 -39.24 16.36
CA ASN G 153 18.12 -39.12 15.44
C ASN G 153 17.74 -39.65 14.08
N CYS G 154 17.42 -38.73 13.16
CA CYS G 154 16.82 -39.16 11.92
C CYS G 154 17.68 -38.86 10.70
N SER G 155 17.57 -39.72 9.67
CA SER G 155 18.25 -39.54 8.38
C SER G 155 17.27 -39.13 7.29
N PHE G 156 17.77 -38.31 6.38
CA PHE G 156 17.02 -37.73 5.27
C PHE G 156 17.69 -37.83 3.92
N ASN G 157 16.87 -37.79 2.87
CA ASN G 157 17.36 -37.73 1.47
C ASN G 157 17.07 -36.30 1.00
N MET G 158 18.03 -35.38 1.14
CA MET G 158 17.79 -33.98 0.85
C MET G 158 18.30 -33.49 -0.46
N THR G 159 17.70 -32.43 -0.94
CA THR G 159 18.13 -31.82 -2.17
C THR G 159 19.38 -31.03 -1.95
N THR G 160 20.01 -30.67 -3.05
CA THR G 160 21.19 -29.85 -3.08
C THR G 160 20.91 -28.72 -4.05
N GLU G 161 21.78 -27.73 -4.12
CA GLU G 161 21.53 -26.64 -5.06
C GLU G 161 21.54 -27.16 -6.49
N LEU G 162 22.27 -28.23 -6.75
CA LEU G 162 22.20 -28.84 -8.05
C LEU G 162 20.98 -29.73 -8.01
N ARG G 163 20.06 -29.53 -8.93
CA ARG G 163 18.82 -30.28 -8.92
C ARG G 163 18.91 -31.62 -9.58
N ASP G 164 19.66 -32.50 -8.98
CA ASP G 164 19.87 -33.82 -9.50
C ASP G 164 20.28 -34.80 -8.42
N LYS G 165 21.38 -34.55 -7.78
CA LYS G 165 21.88 -35.41 -6.73
C LYS G 165 21.25 -35.06 -5.42
N LYS G 166 21.22 -36.01 -4.51
CA LYS G 166 20.74 -35.76 -3.17
C LYS G 166 21.84 -36.02 -2.18
N GLN G 167 21.70 -35.45 -1.01
CA GLN G 167 22.66 -35.66 0.04
C GLN G 167 22.05 -36.44 1.17
N LYS G 168 22.86 -37.27 1.79
CA LYS G 168 22.40 -38.01 2.94
C LYS G 168 22.77 -37.25 4.16
N VAL G 169 21.77 -36.81 4.88
CA VAL G 169 22.02 -36.00 6.05
C VAL G 169 21.25 -36.55 7.20
N TYR G 170 21.61 -36.11 8.38
CA TYR G 170 20.85 -36.50 9.53
C TYR G 170 20.84 -35.34 10.48
N SER G 171 19.86 -35.34 11.36
CA SER G 171 19.72 -34.31 12.39
C SER G 171 18.92 -34.76 13.57
N LEU G 172 18.97 -33.97 14.64
CA LEU G 172 18.23 -34.35 15.81
C LEU G 172 16.97 -33.57 15.99
N PHE G 173 15.96 -34.25 16.53
CA PHE G 173 14.64 -33.67 16.78
C PHE G 173 14.04 -34.00 18.11
N TYR G 174 13.15 -33.15 18.57
CA TYR G 174 12.38 -33.48 19.74
C TYR G 174 11.25 -34.38 19.27
N ARG G 175 10.86 -35.34 20.09
CA ARG G 175 9.83 -36.29 19.69
C ARG G 175 8.50 -35.65 19.46
N LEU G 176 8.28 -34.48 20.02
CA LEU G 176 6.99 -33.87 19.92
C LEU G 176 6.72 -33.36 18.52
N ASP G 177 7.76 -33.25 17.71
CA ASP G 177 7.59 -32.77 16.36
C ASP G 177 7.65 -33.92 15.36
N VAL G 178 7.75 -35.16 15.84
CA VAL G 178 7.93 -36.28 14.94
C VAL G 178 6.91 -37.38 15.18
N VAL G 179 6.32 -37.89 14.12
CA VAL G 179 5.34 -38.93 14.31
C VAL G 179 5.62 -40.14 13.45
N GLN G 180 5.33 -41.31 13.97
CA GLN G 180 5.51 -42.53 13.22
C GLN G 180 4.50 -42.54 12.09
N ILE G 181 4.92 -42.97 10.92
CA ILE G 181 4.00 -43.00 9.78
C ILE G 181 3.20 -44.27 9.71
N ASN G 182 3.87 -45.40 9.81
CA ASN G 182 3.23 -46.69 9.64
C ASN G 182 3.28 -47.52 10.90
N GLU G 183 2.11 -47.77 11.45
CA GLU G 183 1.98 -48.55 12.67
C GLU G 183 2.20 -50.02 12.35
N LYS G 194 12.75 -46.92 12.31
CA LYS G 194 11.45 -47.00 11.66
C LYS G 194 11.16 -45.77 10.81
N GLU G 195 9.95 -45.72 10.23
CA GLU G 195 9.54 -44.64 9.35
C GLU G 195 8.76 -43.55 10.06
N TYR G 196 9.31 -42.34 9.98
CA TYR G 196 8.77 -41.15 10.62
C TYR G 196 8.55 -39.99 9.70
N ARG G 197 7.68 -39.09 10.11
CA ARG G 197 7.49 -37.85 9.37
C ARG G 197 7.43 -36.66 10.29
N LEU G 198 7.66 -35.50 9.72
CA LEU G 198 7.49 -34.30 10.49
C LEU G 198 6.04 -34.32 10.86
N ILE G 199 5.73 -34.09 12.10
CA ILE G 199 4.36 -34.22 12.54
C ILE G 199 3.38 -33.25 11.90
N ASN G 200 3.81 -32.08 11.48
CA ASN G 200 2.85 -31.15 10.91
C ASN G 200 2.79 -31.21 9.40
N CYS G 201 3.50 -32.16 8.83
CA CYS G 201 3.56 -32.30 7.40
C CYS G 201 2.22 -32.52 6.77
N ASN G 202 1.38 -33.29 7.44
CA ASN G 202 0.13 -33.69 6.85
C ASN G 202 -0.99 -32.74 7.21
N THR G 203 -0.63 -31.58 7.75
CA THR G 203 -1.63 -30.59 8.00
C THR G 203 -1.33 -29.38 7.15
N SER G 204 -0.12 -28.80 7.28
CA SER G 204 0.13 -27.61 6.51
C SER G 204 1.60 -27.24 6.36
N ALA G 205 1.87 -26.27 5.50
CA ALA G 205 3.21 -25.78 5.22
C ALA G 205 3.94 -25.24 6.44
N ILE G 206 5.25 -25.51 6.45
CA ILE G 206 6.19 -25.10 7.48
C ILE G 206 7.27 -24.19 6.90
N THR G 207 7.49 -23.06 7.56
CA THR G 207 8.51 -22.09 7.15
C THR G 207 9.56 -21.89 8.24
N GLN G 208 10.85 -21.83 7.85
CA GLN G 208 11.92 -21.62 8.82
C GLN G 208 12.04 -20.19 9.17
N ALA G 209 12.11 -19.88 10.45
CA ALA G 209 12.29 -18.49 10.80
C ALA G 209 13.68 -18.07 10.39
N CYS G 210 13.81 -16.86 9.92
CA CYS G 210 15.10 -16.36 9.56
C CYS G 210 15.94 -16.11 10.81
N PRO G 211 17.15 -16.69 10.96
CA PRO G 211 18.02 -16.58 12.12
C PRO G 211 18.76 -15.26 12.09
N LYS G 212 17.97 -14.21 12.02
CA LYS G 212 18.39 -12.85 11.93
C LYS G 212 17.63 -12.16 13.01
N VAL G 213 16.49 -12.75 13.28
CA VAL G 213 15.57 -12.13 14.19
C VAL G 213 15.16 -13.06 15.29
N SER G 214 14.63 -12.45 16.33
CA SER G 214 14.09 -13.19 17.42
C SER G 214 12.82 -12.52 17.84
N PHE G 215 12.29 -13.02 18.91
CA PHE G 215 11.00 -12.61 19.36
C PHE G 215 11.05 -11.81 20.64
N GLU G 216 12.21 -11.20 20.91
CA GLU G 216 12.38 -10.47 22.13
C GLU G 216 11.28 -9.44 22.29
N PRO G 217 10.53 -9.47 23.39
CA PRO G 217 9.39 -8.63 23.65
C PRO G 217 9.74 -7.22 24.05
N ILE G 218 10.22 -6.48 23.10
CA ILE G 218 10.56 -5.08 23.28
C ILE G 218 9.26 -4.33 23.44
N PRO G 219 9.08 -3.52 24.48
CA PRO G 219 7.84 -2.84 24.76
C PRO G 219 7.45 -1.83 23.73
N ILE G 220 6.16 -1.82 23.45
CA ILE G 220 5.54 -0.90 22.53
C ILE G 220 4.58 0.03 23.20
N HIS G 221 4.69 1.31 22.90
CA HIS G 221 3.80 2.30 23.44
C HIS G 221 2.73 2.58 22.42
N TYR G 222 1.49 2.78 22.86
CA TYR G 222 0.47 3.16 21.90
C TYR G 222 0.14 4.60 22.01
N CYS G 223 0.05 5.26 20.87
CA CYS G 223 -0.19 6.69 20.89
C CYS G 223 -1.41 7.13 20.10
N ALA G 224 -2.08 8.12 20.67
CA ALA G 224 -3.24 8.70 20.06
C ALA G 224 -2.88 9.61 18.87
N PRO G 225 -3.70 9.63 17.80
CA PRO G 225 -3.68 10.60 16.73
C PRO G 225 -4.22 11.91 17.25
N ALA G 226 -3.94 13.00 16.56
CA ALA G 226 -4.51 14.27 17.01
C ALA G 226 -6.01 14.16 17.05
N GLY G 227 -6.62 14.72 18.08
CA GLY G 227 -8.07 14.68 18.26
C GLY G 227 -8.47 13.57 19.19
N PHE G 228 -7.51 12.76 19.55
CA PHE G 228 -7.74 11.66 20.45
C PHE G 228 -6.86 11.76 21.66
N ALA G 229 -7.29 11.12 22.70
CA ALA G 229 -6.47 11.08 23.90
C ALA G 229 -6.70 9.80 24.63
N ILE G 230 -5.72 9.40 25.42
CA ILE G 230 -5.91 8.21 26.20
C ILE G 230 -6.03 8.56 27.66
N LEU G 231 -7.09 8.10 28.29
CA LEU G 231 -7.28 8.38 29.69
C LEU G 231 -6.85 7.18 30.49
N LYS G 232 -6.28 7.42 31.65
CA LYS G 232 -5.82 6.35 32.52
C LYS G 232 -6.34 6.51 33.94
N CYS G 233 -6.61 5.39 34.62
CA CYS G 233 -6.91 5.47 36.05
C CYS G 233 -5.64 5.38 36.85
N LYS G 234 -5.52 6.16 37.92
CA LYS G 234 -4.40 6.05 38.85
C LYS G 234 -4.90 5.43 40.14
N ASP G 235 -6.12 4.92 40.07
CA ASP G 235 -6.82 4.30 41.18
C ASP G 235 -6.20 2.97 41.54
N LYS G 236 -6.43 2.55 42.75
CA LYS G 236 -5.92 1.29 43.24
C LYS G 236 -7.01 0.27 43.49
N LYS G 237 -8.25 0.72 43.61
CA LYS G 237 -9.32 -0.22 43.91
C LYS G 237 -10.02 -0.64 42.65
N PHE G 238 -9.89 0.13 41.60
CA PHE G 238 -10.56 -0.15 40.36
C PHE G 238 -10.20 -1.53 39.87
N ASN G 239 -11.21 -2.27 39.48
CA ASN G 239 -11.01 -3.64 39.07
C ASN G 239 -11.44 -3.94 37.64
N GLY G 240 -11.31 -2.97 36.77
CA GLY G 240 -11.60 -3.17 35.36
C GLY G 240 -12.93 -2.63 34.88
N THR G 241 -13.88 -2.39 35.79
CA THR G 241 -15.14 -1.83 35.34
C THR G 241 -15.66 -0.72 36.22
N GLY G 242 -16.46 0.13 35.62
CA GLY G 242 -17.15 1.15 36.36
C GLY G 242 -16.30 2.39 36.47
N PRO G 243 -16.76 3.39 37.19
CA PRO G 243 -16.09 4.64 37.36
C PRO G 243 -14.90 4.49 38.24
N CYS G 244 -13.92 5.33 38.01
CA CYS G 244 -12.83 5.40 38.94
C CYS G 244 -12.65 6.89 39.19
N PRO G 245 -12.41 7.32 40.43
CA PRO G 245 -12.17 8.69 40.81
C PRO G 245 -10.74 9.04 40.57
N SER G 246 -10.29 8.85 39.36
CA SER G 246 -8.93 9.11 39.05
C SER G 246 -8.77 9.28 37.58
N VAL G 247 -8.43 10.46 37.13
CA VAL G 247 -8.32 10.60 35.70
C VAL G 247 -7.05 11.30 35.33
N SER G 248 -6.32 10.70 34.42
CA SER G 248 -5.12 11.33 33.95
C SER G 248 -5.02 11.10 32.46
N THR G 249 -4.65 12.14 31.73
CA THR G 249 -4.59 12.00 30.28
C THR G 249 -3.19 11.98 29.74
N VAL G 250 -2.97 11.07 28.80
CA VAL G 250 -1.68 10.94 28.18
C VAL G 250 -1.75 10.92 26.65
N GLN G 251 -0.63 11.25 26.02
CA GLN G 251 -0.54 11.12 24.58
C GLN G 251 -0.37 9.66 24.21
N CYS G 252 0.38 8.96 25.04
CA CYS G 252 0.70 7.58 24.82
C CYS G 252 0.64 6.78 26.08
N THR G 253 0.46 5.48 25.92
CA THR G 253 0.48 4.54 27.01
C THR G 253 1.91 4.26 27.34
N HIS G 254 2.13 3.58 28.45
CA HIS G 254 3.46 3.18 28.78
C HIS G 254 3.77 2.04 27.84
N GLY G 255 4.99 1.55 27.83
CA GLY G 255 5.24 0.48 26.90
C GLY G 255 4.78 -0.85 27.44
N ILE G 256 4.17 -1.63 26.57
CA ILE G 256 3.76 -2.98 26.93
C ILE G 256 4.56 -4.01 26.19
N LYS G 257 5.14 -4.93 26.94
CA LYS G 257 5.92 -5.99 26.34
C LYS G 257 4.98 -7.06 25.81
N PRO G 258 5.02 -7.42 24.53
CA PRO G 258 4.16 -8.39 23.89
C PRO G 258 4.61 -9.80 24.19
N VAL G 259 4.55 -10.16 25.45
CA VAL G 259 4.97 -11.47 25.87
C VAL G 259 3.81 -12.42 25.70
N VAL G 260 4.04 -13.53 25.03
CA VAL G 260 2.99 -14.49 24.79
C VAL G 260 3.16 -15.69 25.70
N SER G 261 2.15 -15.98 26.51
CA SER G 261 2.22 -17.10 27.43
C SER G 261 0.85 -17.61 27.83
N THR G 262 0.88 -18.76 28.46
CA THR G 262 -0.32 -19.36 29.05
C THR G 262 -0.10 -19.52 30.52
N GLN G 263 -1.18 -19.70 31.28
CA GLN G 263 -1.18 -19.97 32.70
C GLN G 263 -0.58 -18.87 33.61
N LEU G 264 0.68 -18.55 33.41
CA LEU G 264 1.37 -17.54 34.18
C LEU G 264 1.70 -16.38 33.28
N LEU G 265 1.33 -15.20 33.75
CA LEU G 265 1.56 -13.94 33.07
C LEU G 265 2.92 -13.49 33.49
N LEU G 266 3.80 -13.31 32.51
CA LEU G 266 5.18 -12.97 32.78
C LEU G 266 5.57 -11.61 32.29
N ASN G 267 6.56 -11.01 32.95
CA ASN G 267 7.17 -9.76 32.53
C ASN G 267 6.17 -8.62 32.38
N GLY G 268 5.18 -8.54 33.25
CA GLY G 268 4.20 -7.46 33.17
C GLY G 268 4.32 -6.50 34.33
N SER G 269 3.32 -5.66 34.49
CA SER G 269 3.33 -4.71 35.58
C SER G 269 2.74 -5.34 36.82
N LEU G 270 3.01 -4.77 37.97
CA LEU G 270 2.49 -5.28 39.23
C LEU G 270 1.47 -4.34 39.83
N ALA G 271 0.57 -4.89 40.62
CA ALA G 271 -0.38 -4.12 41.36
C ALA G 271 0.40 -3.41 42.45
N GLU G 272 0.00 -2.21 42.86
CA GLU G 272 0.77 -1.55 43.90
C GLU G 272 0.43 -1.91 45.35
N GLU G 273 -0.85 -2.06 45.68
CA GLU G 273 -1.20 -2.28 47.08
C GLU G 273 -1.73 -3.66 47.43
N GLU G 274 -2.53 -4.22 46.55
CA GLU G 274 -3.18 -5.48 46.80
C GLU G 274 -3.16 -6.31 45.56
N VAL G 275 -3.30 -7.61 45.72
CA VAL G 275 -3.45 -8.43 44.55
C VAL G 275 -4.82 -8.09 43.97
N MET G 276 -4.88 -7.83 42.70
CA MET G 276 -6.17 -7.49 42.13
C MET G 276 -6.69 -8.62 41.33
N ILE G 277 -7.94 -8.96 41.57
CA ILE G 277 -8.52 -10.02 40.81
C ILE G 277 -9.64 -9.47 39.98
N ARG G 278 -9.55 -9.72 38.69
CA ARG G 278 -10.52 -9.17 37.78
C ARG G 278 -11.12 -10.22 36.86
N SER G 279 -12.40 -10.08 36.60
CA SER G 279 -13.10 -10.97 35.67
C SER G 279 -14.26 -10.20 35.10
N GLU G 280 -14.82 -10.67 34.00
CA GLU G 280 -15.96 -10.02 33.42
C GLU G 280 -17.22 -10.27 34.22
N ASN G 281 -17.33 -11.49 34.71
CA ASN G 281 -18.50 -11.93 35.45
C ASN G 281 -18.06 -12.94 36.51
N ILE G 282 -18.12 -12.53 37.76
CA ILE G 282 -17.63 -13.30 38.87
C ILE G 282 -18.32 -14.64 39.05
N THR G 283 -19.52 -14.82 38.51
CA THR G 283 -20.24 -16.06 38.65
C THR G 283 -20.25 -16.88 37.36
N ASN G 284 -19.56 -16.42 36.34
CA ASN G 284 -19.57 -17.11 35.06
C ASN G 284 -18.34 -18.00 34.93
N ASN G 285 -18.53 -19.30 34.96
CA ASN G 285 -17.39 -20.20 34.94
C ASN G 285 -16.86 -20.42 33.54
N ALA G 286 -17.50 -19.77 32.57
CA ALA G 286 -17.05 -19.83 31.20
C ALA G 286 -16.11 -18.65 30.92
N LYS G 287 -15.83 -17.82 31.91
CA LYS G 287 -14.91 -16.71 31.71
C LYS G 287 -13.62 -16.98 32.44
N ASN G 288 -12.52 -16.37 32.00
CA ASN G 288 -11.31 -16.57 32.76
C ASN G 288 -11.21 -15.55 33.86
N ILE G 289 -10.18 -15.69 34.69
CA ILE G 289 -9.90 -14.76 35.76
C ILE G 289 -8.51 -14.22 35.63
N LEU G 290 -8.35 -12.91 35.70
CA LEU G 290 -7.04 -12.33 35.69
C LEU G 290 -6.60 -11.93 37.07
N VAL G 291 -5.49 -12.48 37.51
CA VAL G 291 -5.00 -12.16 38.83
C VAL G 291 -3.72 -11.40 38.72
N GLN G 292 -3.70 -10.17 39.21
CA GLN G 292 -2.51 -9.35 39.15
C GLN G 292 -1.84 -9.26 40.50
N PHE G 293 -0.64 -9.77 40.56
CA PHE G 293 0.07 -9.82 41.82
C PHE G 293 0.58 -8.46 42.16
N ASN G 294 0.75 -8.18 43.46
CA ASN G 294 1.39 -6.93 43.85
C ASN G 294 2.87 -7.14 44.13
N THR G 295 3.32 -8.36 43.93
CA THR G 295 4.71 -8.74 44.11
C THR G 295 5.10 -9.67 42.97
N PRO G 296 6.35 -9.68 42.54
CA PRO G 296 6.88 -10.56 41.53
C PRO G 296 7.12 -11.93 42.07
N VAL G 297 7.05 -12.95 41.24
CA VAL G 297 7.56 -14.23 41.66
C VAL G 297 8.62 -14.68 40.68
N GLN G 298 9.85 -14.76 41.12
CA GLN G 298 10.90 -15.10 40.17
C GLN G 298 10.98 -16.56 39.83
N ILE G 299 11.22 -16.80 38.54
CA ILE G 299 11.45 -18.10 37.98
C ILE G 299 12.77 -18.14 37.23
N ASN G 300 13.58 -19.14 37.54
CA ASN G 300 14.81 -19.36 36.83
C ASN G 300 14.71 -20.54 35.90
N CYS G 301 14.59 -20.30 34.60
CA CYS G 301 14.42 -21.41 33.67
C CYS G 301 15.68 -21.72 32.90
N THR G 302 15.81 -22.97 32.53
CA THR G 302 16.93 -23.36 31.73
C THR G 302 16.66 -24.40 30.68
N ARG G 303 17.51 -24.33 29.69
CA ARG G 303 17.61 -25.24 28.60
C ARG G 303 19.02 -25.79 28.67
N PRO G 304 19.26 -26.77 29.54
CA PRO G 304 20.55 -27.25 29.98
C PRO G 304 21.22 -28.19 29.01
N ASN G 305 21.38 -27.76 27.78
CA ASN G 305 22.00 -28.59 26.77
C ASN G 305 22.90 -27.78 25.88
N ASN G 306 24.18 -28.08 25.88
CA ASN G 306 25.09 -27.27 25.08
C ASN G 306 25.02 -27.71 23.63
N ASN G 307 24.15 -27.06 22.89
CA ASN G 307 23.91 -27.46 21.51
C ASN G 307 24.90 -26.93 20.51
N THR G 308 25.05 -27.73 19.46
CA THR G 308 25.80 -27.39 18.26
C THR G 308 24.82 -27.42 17.12
N ARG G 309 24.82 -26.36 16.34
CA ARG G 309 23.92 -26.22 15.20
C ARG G 309 24.71 -26.35 13.93
N LYS G 310 24.11 -26.90 12.91
CA LYS G 310 24.78 -26.98 11.64
C LYS G 310 23.84 -26.60 10.53
N SER G 311 24.38 -26.14 9.41
CA SER G 311 23.50 -25.83 8.32
C SER G 311 23.63 -26.86 7.23
N ILE G 312 22.51 -27.13 6.60
CA ILE G 312 22.49 -28.01 5.46
C ILE G 312 22.04 -27.24 4.27
N ARG G 313 22.87 -27.19 3.24
CA ARG G 313 22.43 -26.42 2.10
C ARG G 313 21.30 -27.18 1.44
N ILE G 314 20.22 -26.49 1.12
CA ILE G 314 19.05 -27.10 0.52
C ILE G 314 18.92 -26.76 -0.94
N GLY G 315 19.24 -25.52 -1.23
CA GLY G 315 19.03 -25.02 -2.56
C GLY G 315 19.78 -23.72 -2.80
N PRO G 316 19.54 -23.07 -3.93
CA PRO G 316 20.22 -21.86 -4.36
C PRO G 316 19.83 -20.66 -3.53
N GLY G 317 20.50 -20.56 -2.38
CA GLY G 317 20.26 -19.51 -1.40
C GLY G 317 19.47 -19.99 -0.20
N GLN G 318 19.28 -21.29 -0.09
CA GLN G 318 18.55 -21.84 1.03
C GLN G 318 19.37 -22.83 1.82
N ALA G 319 19.22 -22.77 3.13
CA ALA G 319 19.86 -23.71 4.01
C ALA G 319 18.96 -23.95 5.18
N PHE G 320 19.03 -25.15 5.68
CA PHE G 320 18.24 -25.53 6.81
C PHE G 320 19.09 -25.58 8.03
N TYR G 321 18.58 -25.03 9.10
CA TYR G 321 19.32 -25.09 10.33
C TYR G 321 18.86 -26.25 11.15
N ALA G 322 19.79 -27.17 11.31
CA ALA G 322 19.56 -28.44 11.95
C ALA G 322 20.23 -28.55 13.28
N THR G 323 19.60 -29.26 14.18
CA THR G 323 20.30 -29.56 15.41
C THR G 323 21.37 -30.53 15.02
N GLY G 324 22.60 -30.25 15.41
CA GLY G 324 23.71 -31.09 15.11
C GLY G 324 23.82 -32.14 16.19
N ASP G 325 24.28 -31.70 17.34
CA ASP G 325 24.47 -32.61 18.45
C ASP G 325 24.54 -31.86 19.77
N ILE G 326 24.70 -32.61 20.85
CA ILE G 326 24.83 -32.05 22.18
C ILE G 326 26.19 -32.34 22.77
N ILE G 327 26.82 -31.29 23.23
CA ILE G 327 28.11 -31.38 23.85
C ILE G 327 27.90 -31.72 25.31
N GLY G 328 28.54 -32.76 25.80
CA GLY G 328 28.35 -33.18 27.17
C GLY G 328 27.10 -34.05 27.21
N ASP G 329 26.51 -34.23 28.37
CA ASP G 329 25.38 -35.12 28.44
C ASP G 329 24.07 -34.43 28.13
N ILE G 330 22.99 -35.19 28.16
CA ILE G 330 21.68 -34.67 27.82
C ILE G 330 20.78 -34.59 29.04
N ARG G 331 20.27 -33.38 29.30
CA ARG G 331 19.43 -33.12 30.47
C ARG G 331 18.06 -32.55 30.13
N GLN G 332 17.07 -32.84 30.98
CA GLN G 332 15.75 -32.25 30.78
C GLN G 332 15.68 -30.78 31.17
N ALA G 333 14.98 -30.02 30.33
CA ALA G 333 14.71 -28.60 30.55
C ALA G 333 13.82 -28.42 31.74
N HIS G 334 14.00 -27.33 32.46
CA HIS G 334 13.21 -27.11 33.64
C HIS G 334 13.18 -25.69 34.13
N CYS G 335 12.23 -25.41 35.02
CA CYS G 335 12.16 -24.12 35.68
C CYS G 335 12.12 -24.21 37.19
N ASN G 336 12.92 -23.38 37.83
CA ASN G 336 13.01 -23.30 39.29
C ASN G 336 12.24 -22.11 39.84
N VAL G 337 11.16 -22.41 40.53
CA VAL G 337 10.29 -21.38 41.04
C VAL G 337 10.55 -21.17 42.53
N SER G 338 10.68 -19.92 42.96
CA SER G 338 10.90 -19.77 44.40
C SER G 338 9.72 -20.34 45.16
N LYS G 339 10.01 -21.26 46.06
CA LYS G 339 8.96 -21.94 46.77
C LYS G 339 8.33 -21.07 47.80
N ALA G 340 9.15 -20.36 48.55
CA ALA G 340 8.60 -19.52 49.59
C ALA G 340 7.74 -18.44 49.00
N THR G 341 8.17 -17.90 47.88
CA THR G 341 7.39 -16.84 47.32
C THR G 341 6.05 -17.37 46.87
N TRP G 342 6.04 -18.53 46.22
CA TRP G 342 4.80 -19.07 45.74
C TRP G 342 3.87 -19.28 46.92
N ASN G 343 4.41 -19.79 48.02
CA ASN G 343 3.63 -20.05 49.22
C ASN G 343 2.86 -18.80 49.64
N GLU G 344 3.58 -17.71 49.80
CA GLU G 344 2.92 -16.49 50.24
C GLU G 344 2.02 -15.89 49.19
N THR G 345 2.44 -15.99 47.94
CA THR G 345 1.71 -15.40 46.85
C THR G 345 0.36 -16.03 46.73
N LEU G 346 0.31 -17.35 46.82
CA LEU G 346 -0.95 -18.02 46.69
C LEU G 346 -1.84 -17.59 47.83
N GLY G 347 -1.31 -17.52 49.04
CA GLY G 347 -2.17 -17.13 50.14
C GLY G 347 -2.81 -15.79 49.89
N LYS G 348 -2.04 -14.83 49.35
CA LYS G 348 -2.60 -13.53 49.08
C LYS G 348 -3.71 -13.63 48.04
N VAL G 349 -3.51 -14.46 47.03
CA VAL G 349 -4.50 -14.62 45.99
C VAL G 349 -5.76 -15.17 46.60
N VAL G 350 -5.62 -16.15 47.45
CA VAL G 350 -6.78 -16.75 48.05
C VAL G 350 -7.52 -15.76 48.90
N LYS G 351 -6.83 -14.95 49.70
CA LYS G 351 -7.59 -14.00 50.49
C LYS G 351 -8.43 -13.12 49.61
N GLN G 352 -7.88 -12.68 48.49
CA GLN G 352 -8.66 -11.82 47.65
C GLN G 352 -9.80 -12.58 46.99
N LEU G 353 -9.60 -13.86 46.65
CA LEU G 353 -10.69 -14.59 46.05
C LEU G 353 -11.82 -14.71 47.04
N ARG G 354 -11.47 -14.95 48.30
CA ARG G 354 -12.43 -15.11 49.36
C ARG G 354 -13.27 -13.86 49.54
N LYS G 355 -12.65 -12.70 49.36
CA LYS G 355 -13.40 -11.47 49.48
C LYS G 355 -14.48 -11.37 48.42
N HIS G 356 -14.20 -11.85 47.20
CA HIS G 356 -15.22 -11.77 46.17
C HIS G 356 -16.32 -12.79 46.40
N PHE G 357 -15.94 -13.96 46.85
CA PHE G 357 -16.86 -15.04 47.13
C PHE G 357 -16.17 -15.99 48.06
N GLY G 358 -16.92 -16.78 48.82
CA GLY G 358 -16.22 -17.80 49.60
C GLY G 358 -15.54 -17.29 50.87
N ASN G 359 -16.08 -16.23 51.49
CA ASN G 359 -15.45 -15.69 52.69
C ASN G 359 -15.38 -16.72 53.81
N ASN G 360 -16.35 -17.64 53.83
CA ASN G 360 -16.41 -18.68 54.81
C ASN G 360 -16.23 -20.07 54.20
N THR G 361 -15.56 -20.16 53.05
CA THR G 361 -15.35 -21.42 52.37
C THR G 361 -13.89 -21.61 52.12
N ILE G 362 -13.52 -22.74 51.54
CA ILE G 362 -12.10 -22.95 51.29
C ILE G 362 -11.80 -23.12 49.81
N ILE G 363 -10.55 -22.86 49.44
CA ILE G 363 -10.19 -22.92 48.04
C ILE G 363 -9.06 -23.85 47.69
N ARG G 364 -9.29 -24.70 46.70
CA ARG G 364 -8.25 -25.60 46.26
C ARG G 364 -7.82 -25.34 44.85
N PHE G 365 -6.57 -25.63 44.62
CA PHE G 365 -5.94 -25.50 43.35
C PHE G 365 -5.60 -26.84 42.85
N ALA G 366 -5.79 -27.00 41.56
CA ALA G 366 -5.54 -28.23 40.91
C ALA G 366 -4.89 -27.96 39.59
N ASN G 367 -4.24 -28.95 39.05
CA ASN G 367 -3.57 -28.73 37.79
C ASN G 367 -4.56 -28.81 36.64
N SER G 368 -4.05 -28.65 35.45
CA SER G 368 -4.86 -28.57 34.27
C SER G 368 -5.54 -29.85 33.84
N SER G 369 -6.53 -29.67 33.01
CA SER G 369 -7.33 -30.70 32.40
C SER G 369 -6.62 -31.35 31.24
N GLY G 370 -7.10 -32.48 30.77
CA GLY G 370 -6.47 -33.10 29.61
C GLY G 370 -6.79 -32.25 28.39
N GLY G 371 -5.93 -32.31 27.37
CA GLY G 371 -6.18 -31.51 26.18
C GLY G 371 -4.90 -31.10 25.46
N ASP G 372 -5.03 -30.10 24.61
CA ASP G 372 -3.94 -29.59 23.79
C ASP G 372 -2.80 -29.06 24.62
N LEU G 373 -1.58 -29.43 24.27
CA LEU G 373 -0.42 -29.01 25.03
C LEU G 373 -0.34 -27.51 25.16
N GLU G 374 -0.70 -26.82 24.12
CA GLU G 374 -0.60 -25.40 24.09
C GLU G 374 -1.33 -24.74 25.23
N VAL G 375 -2.37 -25.37 25.77
CA VAL G 375 -3.10 -24.77 26.86
C VAL G 375 -3.06 -25.61 28.13
N THR G 376 -2.63 -26.85 28.05
CA THR G 376 -2.61 -27.64 29.25
C THR G 376 -1.33 -27.42 30.01
N THR G 377 -0.34 -26.85 29.35
CA THR G 377 0.88 -26.55 30.05
C THR G 377 1.20 -25.08 29.98
N HIS G 378 2.25 -24.70 30.69
CA HIS G 378 2.67 -23.33 30.64
C HIS G 378 3.51 -23.14 29.42
N SER G 379 3.20 -22.12 28.65
CA SER G 379 4.02 -21.89 27.48
C SER G 379 4.70 -20.56 27.50
N PHE G 380 5.95 -20.56 27.06
CA PHE G 380 6.72 -19.33 26.91
C PHE G 380 7.81 -19.45 25.90
N ASN G 381 8.32 -18.32 25.50
CA ASN G 381 9.44 -18.27 24.62
C ASN G 381 10.56 -17.58 25.32
N CYS G 382 11.77 -18.08 25.15
CA CYS G 382 12.94 -17.44 25.71
C CYS G 382 14.19 -17.73 24.92
N GLY G 383 14.82 -16.65 24.44
CA GLY G 383 16.02 -16.75 23.63
C GLY G 383 15.65 -17.07 22.21
N GLY G 384 14.36 -17.20 21.99
CA GLY G 384 13.77 -17.59 20.74
C GLY G 384 13.29 -19.03 20.86
N GLU G 385 13.70 -19.74 21.92
CA GLU G 385 13.29 -21.13 22.09
C GLU G 385 11.88 -21.26 22.67
N PHE G 386 11.19 -22.34 22.28
CA PHE G 386 9.82 -22.60 22.74
C PHE G 386 9.71 -23.69 23.79
N PHE G 387 9.26 -23.25 24.97
CA PHE G 387 9.19 -24.08 26.15
C PHE G 387 7.77 -24.40 26.57
N TYR G 388 7.61 -25.62 27.02
CA TYR G 388 6.37 -26.15 27.54
C TYR G 388 6.62 -26.67 28.96
N CYS G 389 6.02 -26.08 29.98
CA CYS G 389 6.39 -26.51 31.33
C CYS G 389 5.24 -27.02 32.18
N ASN G 390 5.54 -28.06 32.93
CA ASN G 390 4.59 -28.74 33.78
C ASN G 390 4.44 -28.02 35.10
N THR G 391 3.34 -27.33 35.24
CA THR G 391 3.03 -26.48 36.35
C THR G 391 2.19 -27.15 37.37
N SER G 392 2.02 -28.45 37.25
CA SER G 392 1.18 -29.10 38.24
C SER G 392 1.74 -28.94 39.64
N GLY G 393 3.04 -28.77 39.76
CA GLY G 393 3.70 -28.60 41.05
C GLY G 393 3.32 -27.27 41.71
N LEU G 394 2.72 -26.36 40.96
CA LEU G 394 2.30 -25.10 41.50
C LEU G 394 0.84 -25.09 41.91
N PHE G 395 0.07 -26.09 41.46
CA PHE G 395 -1.35 -26.09 41.70
C PHE G 395 -1.78 -27.44 42.22
N ASN G 396 -1.40 -27.66 43.46
CA ASN G 396 -1.61 -28.93 44.16
C ASN G 396 -1.80 -28.65 45.64
N SER G 397 -2.81 -27.85 45.98
CA SER G 397 -2.98 -27.46 47.38
C SER G 397 -4.34 -26.93 47.72
N THR G 398 -4.67 -26.91 49.01
CA THR G 398 -5.90 -26.28 49.45
C THR G 398 -5.59 -25.27 50.51
N TRP G 399 -6.12 -24.09 50.34
CA TRP G 399 -5.93 -23.05 51.28
C TRP G 399 -7.20 -22.96 52.12
N ILE G 400 -7.10 -23.25 53.41
CA ILE G 400 -8.29 -23.28 54.25
C ILE G 400 -8.27 -22.21 55.32
N SER G 401 -7.32 -21.29 55.18
CA SER G 401 -7.08 -20.21 56.13
C SER G 401 -6.89 -20.79 57.51
N ASN G 402 -7.45 -20.12 58.50
CA ASN G 402 -7.38 -20.59 59.86
C ASN G 402 -6.01 -21.14 60.17
N SER G 416 12.53 -24.77 47.05
CA SER G 416 12.42 -24.52 45.62
C SER G 416 11.50 -25.51 44.93
N ILE G 417 10.77 -25.04 43.95
CA ILE G 417 9.89 -25.92 43.19
C ILE G 417 10.43 -26.14 41.80
N THR G 418 10.63 -27.39 41.43
CA THR G 418 11.15 -27.61 40.09
C THR G 418 10.07 -28.10 39.17
N LEU G 419 9.89 -27.40 38.08
CA LEU G 419 8.92 -27.75 37.07
C LEU G 419 9.65 -28.34 35.89
N PRO G 420 9.40 -29.57 35.48
CA PRO G 420 10.04 -30.17 34.33
C PRO G 420 9.44 -29.51 33.10
N CYS G 421 10.21 -29.44 32.02
CA CYS G 421 9.73 -28.89 30.78
C CYS G 421 10.04 -29.73 29.53
N ARG G 422 9.36 -29.37 28.44
CA ARG G 422 9.50 -29.95 27.13
C ARG G 422 9.79 -28.86 26.12
N ILE G 423 10.41 -29.23 25.02
CA ILE G 423 10.71 -28.28 23.95
C ILE G 423 10.19 -28.73 22.59
N LYS G 424 9.68 -27.77 21.82
CA LYS G 424 9.22 -28.09 20.46
C LYS G 424 9.86 -27.17 19.44
N GLN G 425 10.03 -27.65 18.23
CA GLN G 425 10.49 -26.80 17.15
C GLN G 425 9.41 -26.38 16.16
N ILE G 426 8.28 -27.09 16.06
CA ILE G 426 7.27 -26.61 15.11
C ILE G 426 6.11 -26.00 15.85
N ILE G 427 5.95 -24.71 15.66
CA ILE G 427 4.95 -23.98 16.38
C ILE G 427 3.87 -23.41 15.51
N ASN G 428 2.64 -23.78 15.78
CA ASN G 428 1.56 -23.18 15.03
C ASN G 428 1.04 -22.04 15.86
N MET G 429 1.70 -20.92 15.78
CA MET G 429 1.30 -19.89 16.68
C MET G 429 0.02 -19.34 16.11
N TRP G 430 -0.93 -19.08 16.98
CA TRP G 430 -2.23 -18.54 16.64
C TRP G 430 -3.14 -19.52 15.88
N GLN G 431 -2.76 -20.80 15.82
CA GLN G 431 -3.62 -21.83 15.21
C GLN G 431 -4.08 -21.55 13.79
N ARG G 432 -3.16 -21.32 12.88
CA ARG G 432 -3.54 -21.04 11.51
C ARG G 432 -3.02 -22.07 10.54
N ILE G 433 -3.66 -22.18 9.40
CA ILE G 433 -3.23 -23.18 8.45
C ILE G 433 -2.22 -22.64 7.44
N GLY G 434 -1.09 -23.33 7.32
CA GLY G 434 -0.03 -22.94 6.38
C GLY G 434 0.95 -21.99 6.99
N GLN G 435 0.87 -21.85 8.30
CA GLN G 435 1.71 -20.96 9.04
C GLN G 435 2.52 -21.64 10.11
N ALA G 436 2.92 -22.89 9.92
CA ALA G 436 3.69 -23.47 10.97
C ALA G 436 5.07 -22.89 10.90
N MET G 437 5.61 -22.52 12.03
CA MET G 437 6.93 -21.96 12.03
C MET G 437 7.94 -22.93 12.60
N TYR G 438 9.09 -23.05 11.95
CA TYR G 438 10.16 -23.86 12.46
C TYR G 438 11.17 -23.03 13.17
N ALA G 439 11.35 -23.36 14.42
CA ALA G 439 12.26 -22.64 15.25
C ALA G 439 13.63 -23.29 15.13
N PRO G 440 14.63 -22.60 14.60
CA PRO G 440 15.92 -23.14 14.38
C PRO G 440 16.52 -23.31 15.75
N PRO G 441 17.49 -24.18 15.92
CA PRO G 441 18.24 -24.38 17.12
C PRO G 441 19.03 -23.16 17.48
N ILE G 442 19.27 -23.03 18.75
CA ILE G 442 20.10 -22.00 19.31
C ILE G 442 21.27 -22.72 19.91
N GLN G 443 22.46 -22.27 19.62
CA GLN G 443 23.65 -22.93 20.12
C GLN G 443 23.93 -22.54 21.55
N GLY G 444 24.64 -23.41 22.27
CA GLY G 444 24.98 -23.11 23.65
C GLY G 444 23.83 -23.51 24.57
N VAL G 445 23.79 -22.86 25.73
CA VAL G 445 22.86 -23.15 26.83
C VAL G 445 22.06 -21.91 27.16
N ILE G 446 20.76 -22.08 27.37
CA ILE G 446 19.92 -20.92 27.65
C ILE G 446 19.43 -20.78 29.08
N ARG G 447 19.59 -19.58 29.61
CA ARG G 447 19.09 -19.24 30.93
C ARG G 447 18.09 -18.11 30.79
N CYS G 448 16.98 -18.21 31.51
CA CYS G 448 15.98 -17.17 31.46
C CYS G 448 15.54 -16.78 32.83
N VAL G 449 15.51 -15.49 33.12
CA VAL G 449 15.03 -15.11 34.42
C VAL G 449 13.94 -14.09 34.30
N SER G 450 12.81 -14.37 34.91
CA SER G 450 11.70 -13.45 34.85
C SER G 450 10.77 -13.61 36.01
N ASN G 451 9.88 -12.65 36.19
CA ASN G 451 8.93 -12.77 37.27
C ASN G 451 7.51 -12.97 36.77
N ILE G 452 6.77 -13.75 37.53
CA ILE G 452 5.37 -13.94 37.30
C ILE G 452 4.75 -12.71 37.88
N THR G 453 3.90 -12.06 37.12
CA THR G 453 3.22 -10.89 37.59
C THR G 453 1.76 -11.18 37.79
N GLY G 454 1.31 -12.32 37.29
CA GLY G 454 -0.07 -12.67 37.45
C GLY G 454 -0.44 -14.04 36.94
N LEU G 455 -1.70 -14.38 37.13
CA LEU G 455 -2.23 -15.68 36.76
C LEU G 455 -3.44 -15.63 35.87
N ILE G 456 -3.62 -16.69 35.09
CA ILE G 456 -4.87 -16.85 34.37
C ILE G 456 -5.56 -18.01 35.01
N LEU G 457 -6.66 -17.79 35.66
CA LEU G 457 -7.33 -18.89 36.33
C LEU G 457 -8.70 -19.17 35.81
N THR G 458 -9.11 -20.42 35.93
CA THR G 458 -10.48 -20.79 35.64
C THR G 458 -11.03 -21.45 36.87
N ARG G 459 -12.35 -21.49 36.98
CA ARG G 459 -13.00 -22.11 38.12
C ARG G 459 -13.92 -23.21 37.68
N ASP G 460 -13.81 -24.35 38.34
CA ASP G 460 -14.65 -25.49 38.01
C ASP G 460 -16.10 -25.20 38.27
N GLY G 461 -16.95 -25.67 37.38
CA GLY G 461 -18.38 -25.60 37.59
C GLY G 461 -18.84 -27.01 37.87
N GLY G 462 -20.12 -27.28 37.72
CA GLY G 462 -20.63 -28.62 37.96
C GLY G 462 -20.93 -28.93 39.41
N SER G 463 -20.89 -27.93 40.27
CA SER G 463 -21.14 -28.15 41.68
C SER G 463 -21.76 -26.97 42.38
N THR G 464 -22.65 -27.28 43.30
CA THR G 464 -23.31 -26.32 44.16
C THR G 464 -22.78 -26.44 45.58
N ASN G 465 -21.78 -27.31 45.76
CA ASN G 465 -21.27 -27.47 47.09
C ASN G 465 -20.22 -26.44 47.33
N SER G 466 -20.69 -25.33 47.87
CA SER G 466 -19.95 -24.12 48.10
C SER G 466 -18.83 -24.30 49.09
N THR G 467 -18.80 -25.43 49.79
CA THR G 467 -17.76 -25.65 50.76
C THR G 467 -16.41 -25.44 50.14
N THR G 468 -16.20 -25.98 48.94
CA THR G 468 -14.89 -25.86 48.34
C THR G 468 -14.95 -25.43 46.89
N GLU G 469 -14.16 -24.43 46.54
CA GLU G 469 -14.07 -24.01 45.15
C GLU G 469 -12.78 -24.57 44.56
N THR G 470 -12.80 -24.93 43.29
CA THR G 470 -11.59 -25.42 42.63
C THR G 470 -11.15 -24.56 41.48
N PHE G 471 -9.87 -24.20 41.51
CA PHE G 471 -9.27 -23.38 40.47
C PHE G 471 -8.17 -24.09 39.75
N ARG G 472 -8.06 -23.77 38.46
CA ARG G 472 -7.03 -24.35 37.64
C ARG G 472 -6.38 -23.27 36.81
N PRO G 473 -5.11 -23.41 36.43
CA PRO G 473 -4.45 -22.50 35.55
C PRO G 473 -5.08 -22.62 34.18
N GLY G 474 -5.23 -21.51 33.50
CA GLY G 474 -5.80 -21.47 32.16
C GLY G 474 -4.93 -20.74 31.15
N GLY G 475 -5.57 -20.09 30.19
CA GLY G 475 -4.89 -19.42 29.10
C GLY G 475 -5.24 -20.10 27.80
N GLY G 476 -5.17 -19.35 26.73
CA GLY G 476 -5.50 -19.81 25.40
C GLY G 476 -5.75 -18.60 24.54
N ASP G 477 -6.79 -17.84 24.85
CA ASP G 477 -7.01 -16.64 24.07
C ASP G 477 -6.12 -15.53 24.58
N MET G 478 -5.15 -15.15 23.77
CA MET G 478 -4.12 -14.18 24.07
C MET G 478 -4.67 -12.80 24.39
N ARG G 479 -5.90 -12.54 23.98
CA ARG G 479 -6.50 -11.26 24.25
C ARG G 479 -6.49 -10.96 25.72
N ASP G 480 -6.64 -11.98 26.55
CA ASP G 480 -6.67 -11.73 27.96
C ASP G 480 -5.33 -11.31 28.50
N ASN G 481 -4.23 -11.72 27.88
CA ASN G 481 -2.98 -11.32 28.45
C ASN G 481 -2.79 -9.87 28.17
N TRP G 482 -3.20 -9.45 26.99
CA TRP G 482 -3.06 -8.05 26.67
C TRP G 482 -3.96 -7.21 27.52
N ARG G 483 -5.16 -7.70 27.76
CA ARG G 483 -6.10 -6.99 28.58
C ARG G 483 -5.53 -6.74 29.95
N SER G 484 -4.74 -7.67 30.46
CA SER G 484 -4.19 -7.53 31.79
C SER G 484 -3.33 -6.28 31.94
N GLU G 485 -2.83 -5.69 30.85
CA GLU G 485 -2.04 -4.46 30.93
C GLU G 485 -2.86 -3.27 30.43
N LEU G 486 -3.60 -3.50 29.36
CA LEU G 486 -4.33 -2.45 28.69
C LEU G 486 -5.47 -1.88 29.48
N TYR G 487 -6.00 -2.65 30.42
CA TYR G 487 -7.12 -2.24 31.25
C TYR G 487 -6.95 -0.91 31.93
N LYS G 488 -5.73 -0.43 32.07
CA LYS G 488 -5.56 0.84 32.74
C LYS G 488 -6.05 2.00 31.89
N TYR G 489 -6.20 1.78 30.58
CA TYR G 489 -6.48 2.84 29.64
C TYR G 489 -7.80 2.81 28.88
N LYS G 490 -8.26 4.00 28.52
CA LYS G 490 -9.43 4.21 27.68
C LYS G 490 -9.17 5.20 26.55
N VAL G 491 -9.73 4.97 25.38
CA VAL G 491 -9.57 5.91 24.29
C VAL G 491 -10.77 6.79 24.09
N VAL G 492 -10.54 8.10 24.04
CA VAL G 492 -11.64 9.02 23.82
C VAL G 492 -11.35 9.95 22.67
N LYS G 493 -12.42 10.51 22.11
CA LYS G 493 -12.32 11.47 21.02
C LYS G 493 -12.80 12.83 21.47
N ILE G 494 -12.05 13.84 21.11
CA ILE G 494 -12.36 15.17 21.53
C ILE G 494 -13.28 15.84 20.53
N GLU G 495 -14.30 16.48 21.07
CA GLU G 495 -15.32 17.19 20.30
C GLU G 495 -15.38 18.64 20.74
N PRO G 496 -14.46 19.48 20.28
CA PRO G 496 -14.19 20.82 20.74
C PRO G 496 -15.23 21.87 20.42
N LEU G 497 -16.16 21.58 19.53
CA LEU G 497 -17.12 22.60 19.12
C LEU G 497 -18.49 22.40 19.76
N GLY G 498 -19.03 23.45 20.39
CA GLY G 498 -20.34 23.37 21.02
C GLY G 498 -20.89 24.73 21.46
N VAL G 499 -22.06 24.73 22.08
CA VAL G 499 -22.69 25.99 22.47
C VAL G 499 -23.12 26.02 23.90
N ALA G 500 -23.40 27.23 24.37
CA ALA G 500 -23.93 27.44 25.71
C ALA G 500 -24.71 28.77 25.71
N PRO G 501 -25.70 28.96 26.61
CA PRO G 501 -26.45 30.17 26.78
C PRO G 501 -25.62 31.24 27.40
N THR G 502 -25.81 32.43 26.92
CA THR G 502 -25.19 33.64 27.41
C THR G 502 -26.18 34.79 27.42
N ARG G 503 -25.67 35.94 27.83
CA ARG G 503 -26.42 37.18 27.85
C ARG G 503 -25.84 38.11 26.80
N CYS G 504 -25.08 37.54 25.88
CA CYS G 504 -24.42 38.32 24.87
C CYS G 504 -24.96 38.02 23.52
N LYS G 505 -25.05 39.03 22.69
CA LYS G 505 -25.48 38.79 21.33
C LYS G 505 -24.55 39.52 20.41
N ARG G 506 -24.37 38.98 19.24
CA ARG G 506 -23.54 39.60 18.25
C ARG G 506 -23.84 41.09 18.13
N PHE H 8 0.46 24.74 30.24
CA PHE H 8 0.29 24.91 31.68
C PHE H 8 -0.65 23.88 32.29
N LEU H 9 -1.93 23.97 31.98
CA LEU H 9 -2.84 23.01 32.56
C LEU H 9 -2.80 21.71 31.80
N GLY H 10 -2.43 21.76 30.53
CA GLY H 10 -2.41 20.56 29.72
C GLY H 10 -3.64 20.50 28.86
N PHE H 11 -3.64 19.59 27.90
CA PHE H 11 -4.68 19.47 26.90
C PHE H 11 -6.11 19.40 27.42
N LEU H 12 -6.37 18.55 28.38
CA LEU H 12 -7.71 18.49 28.97
C LEU H 12 -7.66 19.02 30.38
N GLY H 13 -6.59 19.73 30.70
CA GLY H 13 -6.33 20.17 32.05
C GLY H 13 -7.42 21.00 32.68
N ALA H 14 -8.09 21.77 31.87
CA ALA H 14 -9.12 22.65 32.35
C ALA H 14 -10.47 21.97 32.48
N ALA H 15 -10.57 20.70 32.16
CA ALA H 15 -11.86 20.03 32.15
C ALA H 15 -12.63 20.10 33.48
N GLY H 16 -11.92 20.08 34.60
CA GLY H 16 -12.58 20.07 35.90
C GLY H 16 -12.86 21.46 36.49
N SER H 17 -12.62 22.50 35.74
CA SER H 17 -12.76 23.86 36.26
C SER H 17 -14.08 24.59 36.05
N THR H 18 -15.09 23.88 35.57
CA THR H 18 -16.44 24.38 35.26
C THR H 18 -16.33 25.34 34.10
N MET H 19 -17.40 25.55 33.35
CA MET H 19 -17.22 26.15 32.02
C MET H 19 -16.58 27.53 32.05
N GLY H 20 -16.96 28.30 33.05
CA GLY H 20 -16.54 29.67 33.27
C GLY H 20 -15.05 29.81 33.47
N ALA H 21 -14.35 28.72 33.73
CA ALA H 21 -12.92 28.79 33.87
C ALA H 21 -12.30 27.76 32.96
N ALA H 22 -13.04 26.70 32.70
CA ALA H 22 -12.55 25.58 31.94
C ALA H 22 -12.21 25.97 30.50
N SER H 23 -12.98 26.86 29.92
CA SER H 23 -12.66 27.24 28.55
C SER H 23 -12.47 28.71 28.43
N MET H 24 -13.09 29.47 29.35
CA MET H 24 -13.16 30.93 29.26
C MET H 24 -11.89 31.63 29.68
N THR H 25 -10.91 30.85 30.04
CA THR H 25 -9.59 31.29 30.41
C THR H 25 -8.70 31.17 29.21
N LEU H 26 -9.31 30.79 28.12
CA LEU H 26 -8.74 30.54 26.84
C LEU H 26 -7.84 29.34 26.86
N THR H 27 -8.05 28.49 27.87
CA THR H 27 -7.40 27.20 27.95
C THR H 27 -7.84 26.42 26.72
N VAL H 28 -9.05 26.75 26.25
CA VAL H 28 -9.59 26.14 25.08
C VAL H 28 -8.68 26.37 23.89
N GLN H 29 -8.06 27.54 23.79
CA GLN H 29 -7.23 27.78 22.65
C GLN H 29 -5.86 27.25 22.84
N ALA H 30 -5.35 27.51 24.03
CA ALA H 30 -3.97 27.24 24.33
C ALA H 30 -3.61 25.81 24.13
N ARG H 31 -4.52 24.90 24.43
CA ARG H 31 -4.16 23.53 24.24
C ARG H 31 -5.26 22.75 23.59
N ASN H 32 -6.49 22.90 24.07
CA ASN H 32 -7.48 22.00 23.51
C ASN H 32 -7.58 22.19 21.99
N LEU H 33 -7.51 23.45 21.53
CA LEU H 33 -7.56 23.69 20.10
C LEU H 33 -6.19 23.53 19.47
N LEU H 34 -5.15 24.04 20.11
CA LEU H 34 -3.83 23.98 19.50
C LEU H 34 -3.41 22.54 19.16
N SER H 35 -3.78 21.61 20.02
CA SER H 35 -3.42 20.21 19.84
C SER H 35 -4.32 19.50 18.83
N GLY H 36 -5.43 20.11 18.45
CA GLY H 36 -6.44 19.48 17.63
C GLY H 36 -5.92 19.03 16.30
N ILE H 37 -4.96 19.77 15.75
CA ILE H 37 -4.41 19.43 14.45
C ILE H 37 -2.91 19.34 14.57
N VAL H 38 -2.43 18.89 15.72
CA VAL H 38 -1.01 18.79 15.90
C VAL H 38 -0.53 17.37 15.62
N VAL H 59 4.42 -2.15 3.27
CA VAL H 59 3.11 -1.51 3.23
C VAL H 59 2.45 -1.55 4.58
N TRP H 60 3.25 -1.82 5.59
CA TRP H 60 2.74 -1.90 6.95
C TRP H 60 2.12 -0.59 7.44
N GLY H 61 2.81 0.53 7.23
CA GLY H 61 2.39 1.83 7.77
C GLY H 61 1.28 2.51 7.00
N ILE H 62 0.23 1.78 6.75
CA ILE H 62 -0.91 2.34 6.06
C ILE H 62 -1.72 3.13 7.06
N LYS H 63 -1.74 2.61 8.28
CA LYS H 63 -2.47 3.16 9.39
C LYS H 63 -2.05 4.57 9.65
N GLN H 64 -0.78 4.82 9.43
CA GLN H 64 -0.22 6.12 9.70
C GLN H 64 -0.82 7.17 8.76
N LEU H 65 -1.11 6.81 7.51
CA LEU H 65 -1.70 7.80 6.62
C LEU H 65 -3.15 7.94 6.97
N GLN H 66 -3.76 6.85 7.37
CA GLN H 66 -5.17 6.94 7.65
C GLN H 66 -5.38 7.86 8.82
N ALA H 67 -4.51 7.76 9.82
CA ALA H 67 -4.63 8.60 10.99
C ALA H 67 -4.43 10.05 10.65
N ARG H 68 -3.46 10.35 9.79
CA ARG H 68 -3.21 11.71 9.45
C ARG H 68 -4.38 12.29 8.68
N VAL H 69 -4.92 11.50 7.77
CA VAL H 69 -6.01 12.00 6.96
C VAL H 69 -7.22 12.25 7.79
N LEU H 70 -7.55 11.33 8.67
CA LEU H 70 -8.74 11.52 9.46
C LEU H 70 -8.60 12.70 10.38
N ALA H 71 -7.41 12.92 10.93
CA ALA H 71 -7.24 14.07 11.78
C ALA H 71 -7.48 15.34 10.97
N VAL H 72 -7.00 15.34 9.74
CA VAL H 72 -7.22 16.49 8.92
C VAL H 72 -8.68 16.69 8.67
N GLU H 73 -9.40 15.63 8.35
CA GLU H 73 -10.79 15.81 8.07
C GLU H 73 -11.56 16.36 9.26
N ARG H 74 -11.26 15.89 10.46
CA ARG H 74 -12.02 16.39 11.59
C ARG H 74 -11.75 17.86 11.81
N TYR H 75 -10.49 18.24 11.68
CA TYR H 75 -10.15 19.63 11.87
C TYR H 75 -10.91 20.48 10.89
N LEU H 76 -10.88 20.07 9.64
CA LEU H 76 -11.52 20.86 8.66
C LEU H 76 -13.01 20.91 8.83
N ARG H 77 -13.65 19.84 9.31
CA ARG H 77 -15.09 19.93 9.48
C ARG H 77 -15.41 21.00 10.51
N ASP H 78 -14.62 21.07 11.58
CA ASP H 78 -14.91 22.08 12.56
C ASP H 78 -14.77 23.46 11.96
N GLN H 79 -13.75 23.64 11.15
CA GLN H 79 -13.56 24.95 10.61
C GLN H 79 -14.64 25.31 9.63
N GLN H 80 -15.13 24.35 8.85
CA GLN H 80 -16.16 24.71 7.92
C GLN H 80 -17.42 25.11 8.66
N LEU H 81 -17.73 24.44 9.78
CA LEU H 81 -18.91 24.82 10.53
C LEU H 81 -18.79 26.21 11.10
N LEU H 82 -17.62 26.55 11.61
CA LEU H 82 -17.44 27.87 12.12
C LEU H 82 -17.57 28.85 10.98
N GLY H 83 -17.07 28.47 9.83
CA GLY H 83 -17.15 29.31 8.66
C GLY H 83 -18.58 29.62 8.29
N ILE H 84 -19.40 28.58 8.13
CA ILE H 84 -20.78 28.80 7.72
C ILE H 84 -21.56 29.61 8.74
N TRP H 85 -21.21 29.52 10.02
CA TRP H 85 -21.89 30.28 11.05
C TRP H 85 -21.35 31.70 11.24
N GLY H 86 -20.32 32.08 10.50
CA GLY H 86 -19.72 33.40 10.61
C GLY H 86 -18.84 33.51 11.83
N CYS H 87 -18.32 32.39 12.30
CA CYS H 87 -17.52 32.33 13.50
C CYS H 87 -16.09 31.89 13.25
N SER H 88 -15.58 32.01 12.05
CA SER H 88 -14.21 31.61 11.89
C SER H 88 -13.34 32.66 12.52
N GLY H 89 -12.15 32.26 12.95
CA GLY H 89 -11.21 33.23 13.51
C GLY H 89 -11.59 33.68 14.91
N LYS H 90 -12.35 32.86 15.62
CA LYS H 90 -12.80 33.22 16.95
C LYS H 90 -12.70 32.04 17.88
N LEU H 91 -12.45 32.29 19.15
CA LEU H 91 -12.51 31.20 20.09
C LEU H 91 -13.96 31.10 20.60
N ILE H 92 -14.54 32.27 20.85
CA ILE H 92 -15.91 32.43 21.30
C ILE H 92 -16.65 33.28 20.28
N CYS H 93 -17.78 32.82 19.84
CA CYS H 93 -18.53 33.56 18.86
C CYS H 93 -19.99 33.77 19.19
N CYS H 94 -20.34 35.01 19.45
CA CYS H 94 -21.73 35.25 19.76
C CYS H 94 -22.48 35.44 18.48
N THR H 95 -23.71 34.96 18.47
CA THR H 95 -24.63 35.13 17.37
C THR H 95 -25.82 35.92 17.83
N ASN H 96 -26.81 36.09 16.96
CA ASN H 96 -28.01 36.84 17.30
C ASN H 96 -29.22 35.97 17.55
N VAL H 97 -28.98 34.69 17.72
CA VAL H 97 -29.98 33.70 17.97
C VAL H 97 -30.19 33.64 19.48
N PRO H 98 -31.42 33.77 20.00
CA PRO H 98 -31.77 33.72 21.39
C PRO H 98 -31.58 32.32 21.88
N TRP H 99 -31.29 32.15 23.15
CA TRP H 99 -31.20 30.80 23.66
C TRP H 99 -32.57 30.24 23.84
N ASN H 100 -32.76 28.99 23.47
CA ASN H 100 -34.04 28.38 23.76
C ASN H 100 -34.02 27.64 25.08
N SER H 101 -34.74 28.17 26.04
CA SER H 101 -34.77 27.59 27.38
C SER H 101 -35.47 26.25 27.34
N SER H 102 -36.19 25.97 26.25
CA SER H 102 -36.88 24.70 26.11
C SER H 102 -35.90 23.55 26.03
N TRP H 103 -34.63 23.86 25.71
CA TRP H 103 -33.59 22.87 25.61
C TRP H 103 -32.90 22.62 26.94
N SER H 104 -33.01 23.59 27.84
CA SER H 104 -32.35 23.61 29.14
C SER H 104 -32.63 24.91 29.84
N ASN H 105 -33.25 24.84 31.00
CA ASN H 105 -33.56 26.04 31.74
C ASN H 105 -32.86 26.10 33.08
N ARG H 106 -31.78 26.87 33.12
CA ARG H 106 -30.91 27.04 34.27
C ARG H 106 -30.45 28.49 34.32
N ASN H 107 -30.01 28.97 35.48
CA ASN H 107 -29.50 30.32 35.58
C ASN H 107 -28.11 30.43 34.99
N LEU H 108 -27.78 31.56 34.40
CA LEU H 108 -26.45 31.64 33.82
C LEU H 108 -25.34 31.42 34.83
N SER H 109 -25.52 31.86 36.07
CA SER H 109 -24.48 31.68 37.03
C SER H 109 -24.19 30.21 37.38
N GLU H 110 -25.19 29.33 37.31
CA GLU H 110 -24.89 27.97 37.65
C GLU H 110 -24.31 27.28 36.43
N ILE H 111 -24.81 27.71 35.27
CA ILE H 111 -24.39 27.11 34.04
C ILE H 111 -22.94 27.36 33.84
N TRP H 112 -22.52 28.58 34.06
CA TRP H 112 -21.14 28.91 33.87
C TRP H 112 -20.22 28.64 35.04
N ASP H 113 -20.66 28.81 36.29
CA ASP H 113 -19.69 28.63 37.35
C ASP H 113 -19.62 27.27 38.03
N ASN H 114 -20.71 26.49 38.13
CA ASN H 114 -20.55 25.24 38.86
C ASN H 114 -20.55 24.01 37.97
N MET H 115 -21.11 24.13 36.76
CA MET H 115 -21.16 23.01 35.83
C MET H 115 -20.02 23.05 34.80
N THR H 116 -19.50 21.87 34.40
CA THR H 116 -18.48 21.82 33.35
C THR H 116 -19.02 21.44 32.00
N TRP H 117 -18.13 21.45 31.03
CA TRP H 117 -18.50 21.21 29.64
C TRP H 117 -18.97 19.82 29.34
N LEU H 118 -18.43 18.84 30.04
CA LEU H 118 -18.85 17.49 29.76
C LEU H 118 -20.26 17.31 30.29
N GLN H 119 -20.51 17.85 31.46
CA GLN H 119 -21.80 17.77 32.09
C GLN H 119 -22.82 18.53 31.27
N TRP H 120 -22.37 19.65 30.76
CA TRP H 120 -23.20 20.48 29.96
C TRP H 120 -23.64 19.74 28.72
N ASP H 121 -22.71 19.09 28.02
CA ASP H 121 -23.13 18.39 26.82
C ASP H 121 -24.11 17.29 27.16
N LYS H 122 -23.92 16.64 28.31
CA LYS H 122 -24.87 15.60 28.62
C LYS H 122 -26.28 16.17 28.66
N GLU H 123 -26.44 17.39 29.18
CA GLU H 123 -27.76 18.01 29.23
C GLU H 123 -28.27 18.55 27.90
N ILE H 124 -27.41 19.10 27.06
CA ILE H 124 -27.95 19.70 25.83
C ILE H 124 -27.62 19.05 24.49
N SER H 125 -27.02 17.89 24.48
CA SER H 125 -26.68 17.19 23.25
C SER H 125 -27.84 17.03 22.26
N ASN H 126 -29.05 16.80 22.75
CA ASN H 126 -30.18 16.54 21.87
C ASN H 126 -30.65 17.75 21.11
N TYR H 127 -30.11 18.92 21.41
CA TYR H 127 -30.61 20.08 20.74
C TYR H 127 -29.57 20.63 19.79
N THR H 128 -28.48 19.90 19.66
CA THR H 128 -27.36 20.31 18.85
C THR H 128 -27.75 20.56 17.42
N GLN H 129 -28.54 19.68 16.86
CA GLN H 129 -28.85 19.84 15.47
C GLN H 129 -29.82 20.98 15.26
N ILE H 130 -30.64 21.24 16.26
CA ILE H 130 -31.62 22.29 16.10
C ILE H 130 -30.87 23.57 16.04
N ILE H 131 -29.94 23.73 16.97
CA ILE H 131 -29.20 24.94 16.99
C ILE H 131 -28.31 25.09 15.79
N TYR H 132 -27.72 24.03 15.29
CA TYR H 132 -26.89 24.26 14.14
C TYR H 132 -27.73 24.79 13.00
N GLY H 133 -28.93 24.25 12.80
CA GLY H 133 -29.76 24.75 11.72
C GLY H 133 -30.11 26.22 11.92
N LEU H 134 -30.40 26.60 13.16
CA LEU H 134 -30.73 27.98 13.43
C LEU H 134 -29.56 28.88 13.19
N LEU H 135 -28.36 28.41 13.54
CA LEU H 135 -27.20 29.25 13.34
C LEU H 135 -26.98 29.48 11.89
N GLU H 136 -27.16 28.45 11.07
CA GLU H 136 -26.94 28.62 9.66
C GLU H 136 -27.93 29.58 9.07
N GLU H 137 -29.18 29.48 9.46
CA GLU H 137 -30.14 30.35 8.84
C GLU H 137 -29.89 31.76 9.26
N SER H 138 -29.54 31.99 10.51
CA SER H 138 -29.31 33.33 10.93
C SER H 138 -28.17 33.94 10.16
N GLN H 139 -27.08 33.19 10.00
CA GLN H 139 -25.95 33.78 9.32
C GLN H 139 -26.31 34.09 7.89
N ASN H 140 -27.13 33.23 7.29
CA ASN H 140 -27.49 33.45 5.93
C ASN H 140 -28.31 34.72 5.79
N GLN H 141 -29.19 34.97 6.76
CA GLN H 141 -29.99 36.18 6.70
C GLN H 141 -29.15 37.39 6.98
N GLN H 142 -28.16 37.26 7.87
CA GLN H 142 -27.36 38.41 8.18
C GLN H 142 -26.56 38.82 6.98
N GLU H 143 -26.02 37.86 6.27
CA GLU H 143 -25.25 38.21 5.12
C GLU H 143 -26.15 38.79 4.07
N LYS H 144 -27.34 38.22 3.91
CA LYS H 144 -28.28 38.72 2.93
C LYS H 144 -28.57 40.19 3.21
N ASN H 145 -28.76 40.54 4.47
CA ASN H 145 -29.07 41.91 4.79
C ASN H 145 -27.90 42.81 4.45
N GLU H 146 -26.68 42.34 4.66
CA GLU H 146 -25.54 43.17 4.34
C GLU H 146 -25.47 43.38 2.84
N GLN H 147 -25.83 42.35 2.08
CA GLN H 147 -25.80 42.44 0.64
C GLN H 147 -26.81 43.46 0.16
N ASP H 148 -27.98 43.51 0.81
CA ASP H 148 -28.98 44.50 0.42
C ASP H 148 -28.48 45.89 0.76
N LEU H 149 -27.80 46.03 1.89
CA LEU H 149 -27.31 47.33 2.27
C LEU H 149 -26.27 47.81 1.28
N LEU H 150 -25.39 46.94 0.80
CA LEU H 150 -24.41 47.42 -0.15
C LEU H 150 -25.06 47.84 -1.45
N ALA H 151 -26.07 47.10 -1.89
CA ALA H 151 -26.75 47.39 -3.14
C ALA H 151 -27.40 48.76 -3.13
N LEU H 152 -27.87 49.15 -1.96
CA LEU H 152 -28.55 50.41 -1.80
C LEU H 152 -27.64 51.52 -1.30
N ASP H 153 -26.36 51.24 -1.17
CA ASP H 153 -25.42 52.22 -0.66
C ASP H 153 -24.93 53.12 -1.77
N THR I 98 -39.32 -26.03 16.61
CA THR I 98 -38.07 -26.56 16.08
C THR I 98 -36.87 -25.80 16.63
N ASN I 99 -35.71 -26.44 16.60
CA ASN I 99 -34.47 -25.86 17.10
C ASN I 99 -33.27 -26.42 16.37
N LYS I 100 -32.10 -25.94 16.73
CA LYS I 100 -30.83 -26.34 16.16
C LYS I 100 -29.86 -26.72 17.25
N LYS I 101 -28.86 -27.51 16.91
CA LYS I 101 -27.85 -27.88 17.89
C LYS I 101 -26.85 -26.76 18.09
N GLU I 102 -27.29 -25.77 18.84
CA GLU I 102 -26.53 -24.55 19.12
C GLU I 102 -25.73 -24.72 20.39
N CYS I 103 -24.56 -24.10 20.43
CA CYS I 103 -23.75 -24.10 21.63
C CYS I 103 -24.20 -22.96 22.54
N PRO I 104 -24.01 -23.09 23.85
CA PRO I 104 -24.31 -22.07 24.82
C PRO I 104 -23.36 -20.94 24.65
N GLU I 105 -23.74 -19.79 25.13
CA GLU I 105 -22.88 -18.65 25.01
C GLU I 105 -21.58 -18.96 25.70
N ASP I 106 -20.53 -18.34 25.20
CA ASP I 106 -19.16 -18.49 25.64
C ASP I 106 -18.54 -19.85 25.26
N TYR I 107 -19.24 -20.62 24.46
CA TYR I 107 -18.74 -21.86 23.88
C TYR I 107 -18.99 -21.87 22.39
N THR I 108 -18.12 -22.48 21.63
CA THR I 108 -18.42 -22.61 20.22
C THR I 108 -18.32 -24.02 19.78
N TYR I 109 -18.70 -24.27 18.56
CA TYR I 109 -18.66 -25.64 18.11
C TYR I 109 -17.28 -26.01 17.62
N ASN I 110 -16.75 -27.11 18.13
CA ASN I 110 -15.43 -27.52 17.68
C ASN I 110 -15.29 -29.03 17.61
N PRO I 111 -15.56 -29.64 16.47
CA PRO I 111 -15.65 -31.09 16.27
C PRO I 111 -14.31 -31.76 16.48
N ARG I 112 -13.25 -30.96 16.45
CA ARG I 112 -11.92 -31.46 16.59
C ARG I 112 -11.71 -32.05 17.96
N CYS I 113 -12.29 -31.42 18.95
CA CYS I 113 -11.96 -31.84 20.29
C CYS I 113 -12.45 -33.23 20.61
N PRO I 114 -13.73 -33.58 20.47
CA PRO I 114 -14.12 -34.90 20.80
C PRO I 114 -13.46 -35.94 19.92
N GLN I 115 -13.09 -35.57 18.69
CA GLN I 115 -12.48 -36.56 17.84
C GLN I 115 -11.03 -36.79 18.15
N GLN I 116 -10.33 -35.74 18.48
CA GLN I 116 -8.94 -35.82 18.76
C GLN I 116 -8.70 -36.48 20.08
N TYR I 117 -9.58 -36.23 21.02
CA TYR I 117 -9.38 -36.76 22.34
C TYR I 117 -10.24 -37.91 22.81
N GLY I 118 -11.37 -38.21 22.17
CA GLY I 118 -12.20 -39.30 22.69
C GLY I 118 -13.02 -38.83 23.88
N TRP I 119 -13.37 -37.57 23.87
CA TRP I 119 -14.12 -36.99 24.98
C TRP I 119 -15.62 -37.05 24.77
N SER I 120 -16.30 -37.58 25.78
CA SER I 120 -17.75 -37.67 25.78
C SER I 120 -18.36 -36.33 26.06
N ASP I 121 -19.55 -36.10 25.53
CA ASP I 121 -20.33 -34.90 25.84
C ASP I 121 -19.53 -33.64 25.64
N CYS I 122 -18.77 -33.61 24.56
CA CYS I 122 -17.93 -32.48 24.27
C CYS I 122 -18.09 -32.06 22.84
N ASP I 123 -19.14 -31.33 22.55
CA ASP I 123 -19.41 -30.91 21.19
C ASP I 123 -18.89 -29.50 21.03
N CYS I 124 -19.08 -28.75 22.10
CA CYS I 124 -18.78 -27.36 22.14
C CYS I 124 -17.56 -27.16 23.02
N MET I 125 -16.78 -26.14 22.72
CA MET I 125 -15.62 -25.83 23.51
C MET I 125 -15.61 -24.40 23.97
N GLY I 126 -15.22 -24.20 25.22
CA GLY I 126 -15.22 -22.87 25.77
C GLY I 126 -14.35 -21.94 24.96
N ASP I 127 -14.86 -20.75 24.76
CA ASP I 127 -14.22 -19.71 23.97
C ASP I 127 -13.05 -19.16 24.74
N ARG I 128 -13.09 -19.38 26.03
CA ARG I 128 -12.12 -18.92 26.98
C ARG I 128 -10.77 -19.57 26.74
N PHE I 129 -10.76 -20.66 25.97
CA PHE I 129 -9.50 -21.30 25.72
C PHE I 129 -8.96 -21.00 24.34
N GLY I 130 -9.60 -20.12 23.61
CA GLY I 130 -9.02 -19.69 22.35
C GLY I 130 -9.08 -20.70 21.21
N GLY I 131 -9.97 -21.67 21.24
CA GLY I 131 -10.02 -22.65 20.16
C GLY I 131 -9.26 -23.92 20.48
N TYR I 132 -8.54 -23.91 21.60
CA TYR I 132 -7.80 -25.07 22.01
C TYR I 132 -8.71 -26.00 22.79
N CYS I 133 -8.41 -27.28 22.78
CA CYS I 133 -9.22 -28.29 23.45
C CYS I 133 -8.80 -28.62 24.87
N ARG I 134 -9.77 -28.63 25.77
CA ARG I 134 -9.57 -29.00 27.18
C ARG I 134 -10.75 -29.75 27.74
N GLN I 135 -10.54 -30.72 28.61
CA GLN I 135 -11.69 -31.42 29.15
C GLN I 135 -12.63 -30.51 29.93
N ASP I 136 -12.11 -29.51 30.63
CA ASP I 136 -12.98 -28.68 31.43
C ASP I 136 -13.61 -27.59 30.63
N GLY I 137 -13.25 -27.54 29.36
CA GLY I 137 -13.79 -26.58 28.45
C GLY I 137 -14.89 -27.23 27.66
N CYS I 138 -15.18 -28.50 27.95
CA CYS I 138 -16.19 -29.19 27.18
C CYS I 138 -17.59 -28.93 27.62
N SER I 139 -18.45 -28.88 26.61
CA SER I 139 -19.87 -28.77 26.82
C SER I 139 -20.66 -29.43 25.72
N ASN I 140 -21.83 -29.84 26.07
CA ASN I 140 -22.76 -30.34 25.10
C ASN I 140 -23.56 -29.13 24.61
N TYR I 141 -24.53 -29.36 23.75
CA TYR I 141 -25.34 -28.30 23.17
C TYR I 141 -26.36 -27.78 24.14
N ILE I 142 -26.94 -26.63 23.83
CA ILE I 142 -27.94 -26.08 24.72
C ILE I 142 -29.06 -27.10 24.81
N HIS I 143 -29.45 -27.43 26.03
CA HIS I 143 -30.42 -28.48 26.22
C HIS I 143 -31.87 -28.14 25.98
N ARG I 144 -32.23 -28.12 24.72
CA ARG I 144 -33.62 -27.92 24.35
C ARG I 144 -33.98 -28.82 23.19
N SER I 145 -35.22 -29.30 23.19
CA SER I 145 -35.72 -30.15 22.12
C SER I 145 -36.21 -29.32 20.95
N THR I 146 -36.43 -29.98 19.83
CA THR I 146 -36.92 -29.34 18.63
C THR I 146 -38.43 -29.46 18.53
#